data_5BT8
#
_entry.id   5BT8
#
_cell.length_a   70.440
_cell.length_b   200.290
_cell.length_c   87.300
_cell.angle_alpha   90.000
_cell.angle_beta   91.370
_cell.angle_gamma   90.000
#
_symmetry.space_group_name_H-M   'P 1 21 1'
#
loop_
_entity.id
_entity.type
_entity.pdbx_description
1 polymer 'Phosphoglycerate kinase'
2 water water
#
_entity_poly.entity_id   1
_entity_poly.type   'polypeptide(L)'
_entity_poly.pdbx_seq_one_letter_code
;MAHHHHHHMNFQRMTDLNLAGKRVLIREDLNVPVKNGVITSDARLRAALPTIKAALEKGAAVMVFSHLGRPVEGEPKPEQ
SLAPVAAYLTEALGQEVKLFTDYLDGVEVEAGQVVLLENVRFNPGEKKNNPELAQKYAALCDVFVMDAFGTAHRAEASTE
GVARFAPVAAAGPLLAAELDALGRAMQTPEKPMVAIVAGSKVSTKLDVLNSLSGICDQLIVGGGIANTFLAAAGYNVGKS
LYEADLVETAKQIAAKVSVPLPTDVVVADASQINFEDFLGSLAAAQAVIKKVEDVTANDMILDVGPETAKAFANILTTSK
TILWNGPVGVFEVDQFGEGTKALSLAVAQSDAFSIAGGGDTLAAIDKYNVADQIGYISTGGGAFLEFVEGKTLPAVAVLL
ERA
;
_entity_poly.pdbx_strand_id   A,B,C,D,E,F
#
# COMPACT_ATOMS: atom_id res chain seq x y z
N HIS A 8 26.57 -25.42 -11.20
CA HIS A 8 25.33 -25.34 -10.44
C HIS A 8 25.60 -24.92 -8.98
N MET A 9 24.71 -24.10 -8.44
CA MET A 9 24.84 -23.61 -7.07
C MET A 9 24.01 -24.45 -6.10
N ASN A 10 24.45 -24.50 -4.85
CA ASN A 10 23.81 -25.37 -3.86
C ASN A 10 22.88 -24.63 -2.90
N PHE A 11 21.58 -24.73 -3.19
CA PHE A 11 20.55 -24.25 -2.28
C PHE A 11 19.36 -25.16 -2.45
N GLN A 12 18.51 -25.23 -1.43
CA GLN A 12 17.34 -26.10 -1.51
C GLN A 12 16.28 -25.45 -2.41
N ARG A 13 15.50 -26.28 -3.08
CA ARG A 13 14.48 -25.79 -3.99
C ARG A 13 13.13 -26.34 -3.58
N MET A 14 12.10 -25.50 -3.65
CA MET A 14 10.77 -25.90 -3.20
C MET A 14 10.29 -27.15 -3.94
N THR A 15 10.52 -27.15 -5.25
CA THR A 15 10.04 -28.22 -6.12
C THR A 15 10.60 -29.60 -5.75
N ASP A 16 11.74 -29.62 -5.07
CA ASP A 16 12.36 -30.87 -4.65
C ASP A 16 11.91 -31.33 -3.27
N LEU A 17 11.08 -30.53 -2.61
CA LEU A 17 10.69 -30.83 -1.23
C LEU A 17 9.31 -31.45 -1.16
N ASN A 18 9.15 -32.37 -0.21
CA ASN A 18 7.83 -32.92 0.12
C ASN A 18 7.17 -32.00 1.13
N LEU A 19 5.98 -31.52 0.79
CA LEU A 19 5.35 -30.47 1.59
C LEU A 19 4.04 -30.94 2.20
N ALA A 20 3.84 -32.25 2.19
CA ALA A 20 2.60 -32.83 2.71
C ALA A 20 2.42 -32.48 4.18
N GLY A 21 1.35 -31.75 4.44
CA GLY A 21 1.01 -31.34 5.79
C GLY A 21 1.92 -30.29 6.38
N LYS A 22 2.74 -29.65 5.54
CA LYS A 22 3.68 -28.68 6.07
C LYS A 22 3.19 -27.25 5.85
N ARG A 23 3.52 -26.39 6.81
CA ARG A 23 3.20 -24.97 6.76
C ARG A 23 4.27 -24.26 5.95
N VAL A 24 3.86 -23.74 4.79
CA VAL A 24 4.79 -23.15 3.82
C VAL A 24 4.54 -21.66 3.67
N LEU A 25 5.55 -20.87 4.03
CA LEU A 25 5.50 -19.42 3.94
C LEU A 25 6.27 -18.95 2.72
N ILE A 26 5.56 -18.36 1.76
CA ILE A 26 6.18 -18.01 0.48
C ILE A 26 6.32 -16.48 0.31
N ARG A 27 7.55 -16.00 0.17
CA ARG A 27 7.79 -14.59 -0.10
C ARG A 27 7.74 -14.35 -1.61
N GLU A 28 6.72 -13.63 -2.05
CA GLU A 28 6.54 -13.29 -3.47
C GLU A 28 6.65 -11.79 -3.72
N ASP A 29 6.81 -11.43 -5.00
CA ASP A 29 6.75 -10.03 -5.42
C ASP A 29 5.36 -9.75 -5.98
N LEU A 30 4.45 -9.31 -5.12
CA LEU A 30 3.10 -8.97 -5.54
C LEU A 30 2.89 -7.46 -5.50
N ASN A 31 3.98 -6.73 -5.69
CA ASN A 31 3.94 -5.27 -5.69
C ASN A 31 3.34 -4.77 -7.01
N VAL A 32 2.03 -4.91 -7.15
CA VAL A 32 1.35 -4.50 -8.37
C VAL A 32 0.90 -3.05 -8.30
N PRO A 33 0.89 -2.36 -9.45
CA PRO A 33 0.38 -0.98 -9.51
C PRO A 33 -1.12 -0.91 -9.25
N VAL A 34 -1.54 -0.03 -8.36
CA VAL A 34 -2.95 0.12 -8.01
C VAL A 34 -3.42 1.56 -8.18
N LYS A 35 -4.57 1.74 -8.83
CA LYS A 35 -5.21 3.05 -8.90
C LYS A 35 -6.64 2.96 -8.40
N ASN A 36 -6.93 3.69 -7.31
CA ASN A 36 -8.26 3.71 -6.71
C ASN A 36 -8.79 2.32 -6.35
N GLY A 37 -7.91 1.50 -5.78
CA GLY A 37 -8.30 0.17 -5.34
C GLY A 37 -8.43 -0.88 -6.43
N VAL A 38 -7.97 -0.56 -7.63
CA VAL A 38 -8.04 -1.51 -8.73
C VAL A 38 -6.62 -1.79 -9.22
N ILE A 39 -6.31 -3.06 -9.46
CA ILE A 39 -5.01 -3.46 -9.97
C ILE A 39 -4.90 -3.11 -11.46
N THR A 40 -3.91 -2.31 -11.81
CA THR A 40 -3.76 -1.83 -13.19
C THR A 40 -2.94 -2.77 -14.06
N SER A 41 -2.11 -3.60 -13.42
CA SER A 41 -1.31 -4.59 -14.13
C SER A 41 -1.07 -5.82 -13.26
N ASP A 42 -1.42 -7.00 -13.78
CA ASP A 42 -1.35 -8.23 -12.99
C ASP A 42 -0.19 -9.14 -13.41
N ALA A 43 0.79 -8.57 -14.09
CA ALA A 43 1.93 -9.35 -14.60
C ALA A 43 2.66 -10.09 -13.47
N ARG A 44 2.90 -9.39 -12.37
CA ARG A 44 3.58 -9.98 -11.23
C ARG A 44 2.76 -11.08 -10.58
N LEU A 45 1.43 -10.95 -10.66
CA LEU A 45 0.53 -11.97 -10.10
C LEU A 45 0.54 -13.24 -10.93
N ARG A 46 0.44 -13.09 -12.26
CA ARG A 46 0.47 -14.24 -13.17
C ARG A 46 1.80 -14.96 -13.09
N ALA A 47 2.84 -14.25 -12.65
CA ALA A 47 4.16 -14.85 -12.56
C ALA A 47 4.31 -15.71 -11.30
N ALA A 48 3.65 -15.32 -10.22
CA ALA A 48 3.79 -16.04 -8.94
C ALA A 48 2.81 -17.19 -8.81
N LEU A 49 1.77 -17.19 -9.65
CA LEU A 49 0.69 -18.17 -9.54
C LEU A 49 1.16 -19.63 -9.64
N PRO A 50 1.99 -19.98 -10.63
CA PRO A 50 2.43 -21.39 -10.69
C PRO A 50 3.12 -21.86 -9.42
N THR A 51 3.83 -20.98 -8.74
CA THR A 51 4.48 -21.33 -7.48
C THR A 51 3.45 -21.68 -6.41
N ILE A 52 2.42 -20.86 -6.28
CA ILE A 52 1.38 -21.11 -5.29
C ILE A 52 0.66 -22.43 -5.61
N LYS A 53 0.36 -22.64 -6.89
CA LYS A 53 -0.33 -23.86 -7.30
C LYS A 53 0.52 -25.11 -7.08
N ALA A 54 1.82 -25.00 -7.30
CA ALA A 54 2.71 -26.13 -7.12
C ALA A 54 2.73 -26.54 -5.65
N ALA A 55 2.73 -25.54 -4.77
CA ALA A 55 2.70 -25.78 -3.34
C ALA A 55 1.41 -26.48 -2.95
N LEU A 56 0.30 -26.05 -3.53
CA LEU A 56 -1.00 -26.64 -3.26
C LEU A 56 -1.10 -28.08 -3.77
N GLU A 57 -0.52 -28.33 -4.94
CA GLU A 57 -0.53 -29.66 -5.54
C GLU A 57 0.35 -30.64 -4.75
N LYS A 58 1.07 -30.12 -3.77
CA LYS A 58 1.96 -30.93 -2.95
C LYS A 58 1.39 -31.18 -1.55
N GLY A 59 0.17 -30.72 -1.32
CA GLY A 59 -0.53 -30.92 -0.07
C GLY A 59 -0.03 -30.00 1.03
N ALA A 60 0.41 -28.81 0.64
CA ALA A 60 0.96 -27.87 1.62
C ALA A 60 -0.10 -26.90 2.09
N ALA A 61 0.09 -26.38 3.30
CA ALA A 61 -0.72 -25.27 3.81
C ALA A 61 0.02 -23.98 3.46
N VAL A 62 -0.52 -23.21 2.52
CA VAL A 62 0.25 -22.12 1.92
C VAL A 62 -0.06 -20.76 2.53
N MET A 63 0.98 -20.07 2.95
CA MET A 63 0.91 -18.66 3.34
C MET A 63 1.76 -17.84 2.39
N VAL A 64 1.14 -16.84 1.77
CA VAL A 64 1.86 -15.96 0.85
C VAL A 64 1.92 -14.57 1.46
N PHE A 65 3.10 -13.96 1.50
CA PHE A 65 3.20 -12.55 1.92
C PHE A 65 4.13 -11.77 1.00
N SER A 66 3.96 -10.44 1.02
CA SER A 66 4.66 -9.59 0.07
C SER A 66 4.72 -8.14 0.53
N HIS A 67 5.53 -7.35 -0.18
CA HIS A 67 5.56 -5.90 0.01
C HIS A 67 4.69 -5.24 -1.05
N LEU A 68 4.20 -4.04 -0.75
CA LEU A 68 3.40 -3.28 -1.71
C LEU A 68 3.60 -1.78 -1.51
N GLY A 69 4.09 -1.12 -2.56
CA GLY A 69 4.33 0.31 -2.51
C GLY A 69 5.44 0.72 -1.56
N ARG A 70 5.36 1.96 -1.07
CA ARG A 70 6.36 2.48 -0.14
CA ARG A 70 6.36 2.48 -0.14
C ARG A 70 5.70 3.07 1.11
N PRO A 71 4.91 2.26 1.83
CA PRO A 71 4.22 2.83 2.98
C PRO A 71 5.14 3.06 4.16
N VAL A 72 4.63 3.73 5.19
CA VAL A 72 5.38 3.94 6.43
C VAL A 72 5.05 2.81 7.40
N GLU A 73 6.09 2.17 7.94
CA GLU A 73 5.92 1.05 8.88
C GLU A 73 5.12 1.49 10.09
N GLY A 74 4.11 0.71 10.46
CA GLY A 74 3.26 1.03 11.60
C GLY A 74 2.11 1.98 11.31
N GLU A 75 1.97 2.39 10.05
CA GLU A 75 0.89 3.29 9.64
C GLU A 75 0.22 2.77 8.39
N PRO A 76 -0.60 1.72 8.51
CA PRO A 76 -1.24 1.13 7.33
C PRO A 76 -2.27 2.04 6.66
N LYS A 77 -2.19 2.14 5.34
CA LYS A 77 -3.20 2.84 4.56
C LYS A 77 -3.82 1.89 3.54
N PRO A 78 -5.14 1.98 3.36
CA PRO A 78 -5.90 1.15 2.41
C PRO A 78 -5.28 1.11 1.02
N GLU A 79 -4.71 2.22 0.58
CA GLU A 79 -4.12 2.30 -0.75
C GLU A 79 -2.94 1.34 -0.95
N GLN A 80 -2.34 0.88 0.16
CA GLN A 80 -1.22 -0.08 0.07
C GLN A 80 -1.56 -1.44 0.66
N SER A 81 -2.84 -1.73 0.84
CA SER A 81 -3.28 -3.01 1.38
C SER A 81 -3.28 -4.07 0.27
N LEU A 82 -3.02 -5.32 0.64
CA LEU A 82 -3.02 -6.40 -0.35
C LEU A 82 -4.43 -6.94 -0.60
N ALA A 83 -5.43 -6.22 -0.09
CA ALA A 83 -6.83 -6.64 -0.25
C ALA A 83 -7.22 -6.88 -1.71
N PRO A 84 -6.88 -5.96 -2.64
CA PRO A 84 -7.25 -6.29 -4.02
C PRO A 84 -6.48 -7.49 -4.57
N VAL A 85 -5.29 -7.75 -4.06
CA VAL A 85 -4.53 -8.91 -4.48
C VAL A 85 -5.17 -10.21 -3.96
N ALA A 86 -5.72 -10.18 -2.75
CA ALA A 86 -6.40 -11.34 -2.18
C ALA A 86 -7.64 -11.70 -3.00
N ALA A 87 -8.37 -10.67 -3.45
CA ALA A 87 -9.54 -10.86 -4.31
C ALA A 87 -9.11 -11.47 -5.64
N TYR A 88 -7.97 -11.01 -6.16
CA TYR A 88 -7.41 -11.54 -7.39
C TYR A 88 -7.07 -13.03 -7.23
N LEU A 89 -6.40 -13.36 -6.14
CA LEU A 89 -5.99 -14.74 -5.90
C LEU A 89 -7.19 -15.67 -5.72
N THR A 90 -8.25 -15.13 -5.11
CA THR A 90 -9.48 -15.90 -4.90
C THR A 90 -10.13 -16.31 -6.22
N GLU A 91 -10.30 -15.35 -7.12
CA GLU A 91 -10.90 -15.64 -8.42
C GLU A 91 -10.00 -16.55 -9.24
N ALA A 92 -8.69 -16.33 -9.15
CA ALA A 92 -7.71 -17.02 -9.98
C ALA A 92 -7.44 -18.47 -9.51
N LEU A 93 -7.61 -18.73 -8.22
CA LEU A 93 -7.30 -20.06 -7.68
C LEU A 93 -8.56 -20.90 -7.41
N GLY A 94 -9.72 -20.25 -7.39
CA GLY A 94 -10.97 -20.97 -7.22
C GLY A 94 -11.33 -21.32 -5.79
N GLN A 95 -10.64 -20.69 -4.84
CA GLN A 95 -10.93 -20.88 -3.43
C GLN A 95 -10.87 -19.53 -2.72
N GLU A 96 -11.38 -19.49 -1.48
CA GLU A 96 -11.37 -18.26 -0.70
C GLU A 96 -9.98 -17.98 -0.14
N VAL A 97 -9.30 -16.99 -0.70
CA VAL A 97 -8.00 -16.56 -0.20
C VAL A 97 -8.20 -15.40 0.77
N LYS A 98 -8.16 -15.70 2.06
CA LYS A 98 -8.44 -14.69 3.08
C LYS A 98 -7.23 -13.76 3.30
N LEU A 99 -7.52 -12.50 3.62
CA LEU A 99 -6.47 -11.54 3.96
C LEU A 99 -6.39 -11.37 5.48
N PHE A 100 -5.21 -11.59 6.05
CA PHE A 100 -5.02 -11.44 7.48
C PHE A 100 -4.18 -10.21 7.80
N THR A 101 -4.69 -9.34 8.67
CA THR A 101 -4.02 -8.09 9.00
C THR A 101 -3.24 -8.19 10.30
N ASP A 102 -3.63 -9.09 11.19
CA ASP A 102 -2.89 -9.31 12.42
C ASP A 102 -2.49 -10.77 12.50
N TYR A 103 -1.27 -11.08 12.06
CA TYR A 103 -0.83 -12.45 11.89
C TYR A 103 0.52 -12.74 12.54
N LEU A 104 1.12 -11.71 13.12
CA LEU A 104 2.47 -11.82 13.66
C LEU A 104 2.57 -12.78 14.84
N ASP A 105 1.47 -13.02 15.54
CA ASP A 105 1.51 -13.91 16.69
C ASP A 105 0.80 -15.23 16.39
N GLY A 106 0.60 -15.51 15.12
CA GLY A 106 -0.03 -16.75 14.70
C GLY A 106 -1.07 -16.54 13.63
N VAL A 107 -1.12 -17.45 12.67
CA VAL A 107 -2.11 -17.39 11.61
C VAL A 107 -2.62 -18.79 11.35
N GLU A 108 -3.93 -18.91 11.13
CA GLU A 108 -4.57 -20.21 10.96
C GLU A 108 -4.66 -20.59 9.48
N VAL A 109 -4.09 -21.74 9.13
CA VAL A 109 -4.11 -22.22 7.76
C VAL A 109 -4.07 -23.75 7.72
N GLU A 110 -4.92 -24.34 6.89
CA GLU A 110 -4.98 -25.80 6.78
C GLU A 110 -4.41 -26.26 5.45
N ALA A 111 -4.17 -27.56 5.34
CA ALA A 111 -3.64 -28.15 4.11
C ALA A 111 -4.57 -27.89 2.93
N GLY A 112 -4.02 -27.44 1.82
CA GLY A 112 -4.79 -27.22 0.62
C GLY A 112 -5.39 -25.84 0.42
N GLN A 113 -5.29 -24.98 1.43
CA GLN A 113 -5.84 -23.63 1.29
C GLN A 113 -4.74 -22.57 1.21
N VAL A 114 -5.10 -21.38 0.77
CA VAL A 114 -4.14 -20.29 0.64
C VAL A 114 -4.59 -19.07 1.45
N VAL A 115 -3.71 -18.55 2.29
CA VAL A 115 -4.00 -17.31 2.99
C VAL A 115 -2.98 -16.23 2.58
N LEU A 116 -3.45 -14.99 2.48
CA LEU A 116 -2.57 -13.89 2.10
C LEU A 116 -2.36 -12.98 3.30
N LEU A 117 -1.10 -12.87 3.72
CA LEU A 117 -0.76 -12.00 4.84
C LEU A 117 -0.58 -10.58 4.34
N GLU A 118 -0.96 -9.61 5.16
CA GLU A 118 -0.91 -8.21 4.76
C GLU A 118 0.53 -7.72 4.53
N ASN A 119 0.64 -6.68 3.70
CA ASN A 119 1.88 -5.97 3.36
C ASN A 119 2.95 -6.01 4.45
N VAL A 120 4.11 -6.60 4.14
CA VAL A 120 5.17 -6.71 5.13
C VAL A 120 5.77 -5.34 5.45
N ARG A 121 5.52 -4.36 4.59
CA ARG A 121 6.01 -3.01 4.83
C ARG A 121 5.23 -2.29 5.93
N PHE A 122 4.14 -2.90 6.39
CA PHE A 122 3.37 -2.33 7.49
C PHE A 122 4.01 -2.66 8.83
N ASN A 123 5.01 -3.52 8.82
CA ASN A 123 5.55 -4.08 10.05
C ASN A 123 6.86 -3.41 10.49
N PRO A 124 6.86 -2.87 11.71
CA PRO A 124 8.03 -2.22 12.29
C PRO A 124 9.22 -3.15 12.39
N GLY A 125 10.36 -2.72 11.86
CA GLY A 125 11.56 -3.52 11.88
C GLY A 125 11.80 -4.27 10.58
N GLU A 126 10.85 -4.17 9.65
CA GLU A 126 10.94 -4.91 8.39
C GLU A 126 12.14 -4.48 7.57
N LYS A 127 12.30 -3.18 7.37
CA LYS A 127 13.38 -2.63 6.55
C LYS A 127 14.73 -2.90 7.19
N LYS A 128 14.78 -2.97 8.51
CA LYS A 128 16.03 -3.12 9.25
C LYS A 128 16.38 -4.58 9.55
N ASN A 129 15.57 -5.50 9.03
CA ASN A 129 15.76 -6.93 9.27
C ASN A 129 15.79 -7.22 10.77
N ASN A 130 14.79 -6.70 11.47
CA ASN A 130 14.71 -6.86 12.93
C ASN A 130 14.63 -8.35 13.25
N PRO A 131 15.54 -8.83 14.10
CA PRO A 131 15.59 -10.24 14.50
C PRO A 131 14.27 -10.73 15.08
N GLU A 132 13.67 -9.95 15.98
CA GLU A 132 12.42 -10.36 16.60
C GLU A 132 11.31 -10.54 15.57
N LEU A 133 11.22 -9.61 14.62
CA LEU A 133 10.19 -9.69 13.59
C LEU A 133 10.45 -10.89 12.68
N ALA A 134 11.71 -11.13 12.35
CA ALA A 134 12.07 -12.26 11.50
C ALA A 134 11.72 -13.59 12.19
N GLN A 135 11.92 -13.68 13.50
CA GLN A 135 11.58 -14.89 14.24
C GLN A 135 10.08 -15.10 14.29
N LYS A 136 9.33 -14.02 14.40
CA LYS A 136 7.88 -14.14 14.37
C LYS A 136 7.42 -14.65 13.02
N TYR A 137 8.05 -14.19 11.94
CA TYR A 137 7.78 -14.71 10.60
C TYR A 137 8.06 -16.21 10.53
N ALA A 138 9.27 -16.59 10.97
CA ALA A 138 9.75 -17.95 10.86
C ALA A 138 8.87 -18.92 11.64
N ALA A 139 8.31 -18.45 12.75
CA ALA A 139 7.54 -19.31 13.63
C ALA A 139 6.23 -19.76 12.99
N LEU A 140 5.84 -19.08 11.91
CA LEU A 140 4.60 -19.40 11.22
C LEU A 140 4.70 -20.61 10.29
N CYS A 141 5.92 -21.02 9.97
CA CYS A 141 6.11 -22.01 8.92
C CYS A 141 7.02 -23.17 9.29
N ASP A 142 6.94 -24.22 8.48
CA ASP A 142 7.89 -25.32 8.53
C ASP A 142 8.94 -25.10 7.46
N VAL A 143 8.54 -24.46 6.37
CA VAL A 143 9.43 -24.20 5.25
C VAL A 143 9.28 -22.77 4.80
N PHE A 144 10.40 -22.05 4.72
CA PHE A 144 10.38 -20.74 4.10
C PHE A 144 10.82 -20.87 2.64
N VAL A 145 10.06 -20.24 1.76
CA VAL A 145 10.35 -20.28 0.33
C VAL A 145 10.50 -18.84 -0.19
N MET A 146 11.71 -18.51 -0.63
CA MET A 146 12.00 -17.19 -1.18
C MET A 146 11.80 -17.22 -2.70
N ASP A 147 10.78 -16.51 -3.18
CA ASP A 147 10.45 -16.59 -4.60
C ASP A 147 10.44 -15.20 -5.26
N ALA A 148 11.10 -14.23 -4.62
CA ALA A 148 11.10 -12.85 -5.12
C ALA A 148 12.52 -12.31 -5.30
N PHE A 149 13.12 -12.60 -6.45
CA PHE A 149 14.50 -12.22 -6.73
C PHE A 149 14.71 -10.71 -6.74
N GLY A 150 13.71 -9.96 -7.20
CA GLY A 150 13.82 -8.50 -7.32
C GLY A 150 14.06 -7.79 -6.01
N THR A 151 13.85 -8.51 -4.92
CA THR A 151 14.08 -7.99 -3.58
C THR A 151 15.20 -8.73 -2.86
N ALA A 152 15.90 -9.59 -3.59
CA ALA A 152 16.91 -10.45 -2.99
C ALA A 152 18.19 -9.70 -2.64
N HIS A 153 18.32 -8.49 -3.18
CA HIS A 153 19.53 -7.68 -2.97
C HIS A 153 19.47 -6.85 -1.68
N ARG A 154 18.33 -6.88 -1.00
CA ARG A 154 18.19 -6.18 0.29
C ARG A 154 18.06 -7.19 1.43
N ALA A 155 18.69 -6.90 2.55
CA ALA A 155 18.55 -7.73 3.74
C ALA A 155 17.39 -7.22 4.58
N GLU A 156 16.24 -7.88 4.49
CA GLU A 156 15.05 -7.48 5.21
C GLU A 156 14.41 -8.66 5.93
N ALA A 157 13.51 -8.36 6.88
CA ALA A 157 12.94 -9.39 7.75
C ALA A 157 12.22 -10.49 6.98
N SER A 158 11.53 -10.10 5.92
CA SER A 158 10.74 -11.06 5.14
C SER A 158 11.53 -11.66 3.99
N THR A 159 12.77 -11.22 3.78
CA THR A 159 13.56 -11.72 2.66
C THR A 159 14.84 -12.41 3.09
N GLU A 160 15.32 -12.09 4.28
CA GLU A 160 16.61 -12.60 4.75
C GLU A 160 16.50 -13.24 6.13
N GLY A 161 16.02 -12.47 7.10
CA GLY A 161 15.91 -12.93 8.47
C GLY A 161 15.07 -14.17 8.65
N VAL A 162 13.93 -14.21 7.96
CA VAL A 162 13.00 -15.34 8.05
C VAL A 162 13.66 -16.62 7.55
N ALA A 163 14.55 -16.50 6.56
CA ALA A 163 15.27 -17.64 6.03
C ALA A 163 16.28 -18.16 7.06
N ARG A 164 16.75 -17.25 7.91
CA ARG A 164 17.74 -17.57 8.94
C ARG A 164 17.15 -18.39 10.09
N PHE A 165 15.88 -18.15 10.40
CA PHE A 165 15.27 -18.76 11.58
C PHE A 165 14.22 -19.84 11.27
N ALA A 166 13.79 -19.91 10.01
CA ALA A 166 12.83 -20.92 9.60
C ALA A 166 13.47 -22.30 9.72
N PRO A 167 12.65 -23.33 10.01
CA PRO A 167 13.18 -24.70 10.11
C PRO A 167 13.88 -25.13 8.83
N VAL A 168 13.23 -24.88 7.70
CA VAL A 168 13.80 -25.13 6.38
C VAL A 168 13.65 -23.87 5.51
N ALA A 169 14.73 -23.49 4.84
CA ALA A 169 14.70 -22.36 3.92
C ALA A 169 15.09 -22.80 2.52
N ALA A 170 14.24 -22.49 1.54
CA ALA A 170 14.48 -22.88 0.16
C ALA A 170 14.14 -21.77 -0.83
N ALA A 171 14.58 -21.94 -2.07
CA ALA A 171 14.28 -21.02 -3.17
C ALA A 171 13.08 -21.50 -3.95
N GLY A 172 12.21 -20.57 -4.33
CA GLY A 172 11.07 -20.91 -5.17
C GLY A 172 11.47 -21.12 -6.61
N PRO A 173 10.53 -21.58 -7.45
CA PRO A 173 10.80 -21.83 -8.87
C PRO A 173 11.24 -20.57 -9.62
N LEU A 174 10.70 -19.42 -9.26
CA LEU A 174 11.07 -18.16 -9.91
C LEU A 174 12.50 -17.81 -9.55
N LEU A 175 12.80 -17.83 -8.26
CA LEU A 175 14.14 -17.50 -7.79
C LEU A 175 15.15 -18.49 -8.33
N ALA A 176 14.81 -19.78 -8.28
CA ALA A 176 15.70 -20.84 -8.74
C ALA A 176 15.99 -20.68 -10.22
N ALA A 177 14.97 -20.37 -11.02
CA ALA A 177 15.17 -20.18 -12.44
C ALA A 177 16.07 -18.99 -12.72
N GLU A 178 15.92 -17.93 -11.94
CA GLU A 178 16.71 -16.72 -12.11
C GLU A 178 18.19 -16.96 -11.77
N LEU A 179 18.43 -17.58 -10.61
CA LEU A 179 19.81 -17.88 -10.19
C LEU A 179 20.51 -18.84 -11.15
N ASP A 180 19.80 -19.87 -11.62
CA ASP A 180 20.37 -20.81 -12.58
C ASP A 180 20.77 -20.11 -13.89
N ALA A 181 19.90 -19.26 -14.40
CA ALA A 181 20.17 -18.56 -15.65
C ALA A 181 21.34 -17.59 -15.48
N LEU A 182 21.38 -16.93 -14.34
CA LEU A 182 22.45 -15.98 -14.03
C LEU A 182 23.78 -16.70 -13.83
N GLY A 183 23.75 -17.83 -13.13
CA GLY A 183 24.94 -18.63 -12.93
C GLY A 183 25.55 -19.10 -14.23
N ARG A 184 24.68 -19.50 -15.15
CA ARG A 184 25.09 -20.01 -16.46
C ARG A 184 25.86 -18.97 -17.26
N ALA A 185 25.66 -17.70 -16.93
CA ALA A 185 26.32 -16.61 -17.64
C ALA A 185 27.47 -16.02 -16.83
N MET A 186 27.37 -16.08 -15.50
CA MET A 186 28.35 -15.45 -14.63
C MET A 186 29.36 -16.41 -14.04
N GLN A 187 29.01 -17.69 -13.98
CA GLN A 187 29.91 -18.69 -13.39
C GLN A 187 30.40 -19.68 -14.45
N THR A 188 31.63 -19.49 -14.91
CA THR A 188 32.21 -20.27 -16.01
C THR A 188 31.25 -20.47 -17.17
N PRO A 189 30.93 -19.40 -17.91
CA PRO A 189 30.07 -19.53 -19.09
C PRO A 189 30.82 -20.13 -20.27
N GLU A 190 30.07 -20.64 -21.26
CA GLU A 190 30.69 -21.15 -22.48
C GLU A 190 31.21 -19.99 -23.33
N LYS A 191 32.50 -20.04 -23.67
CA LYS A 191 33.15 -19.00 -24.45
C LYS A 191 32.89 -19.20 -25.94
N PRO A 192 32.95 -18.12 -26.75
CA PRO A 192 33.18 -16.73 -26.35
C PRO A 192 32.00 -16.14 -25.58
N MET A 193 32.30 -15.30 -24.61
CA MET A 193 31.29 -14.71 -23.77
C MET A 193 31.21 -13.22 -24.06
N VAL A 194 30.05 -12.76 -24.52
CA VAL A 194 29.90 -11.36 -24.88
C VAL A 194 28.78 -10.71 -24.07
N ALA A 195 29.08 -9.55 -23.51
CA ALA A 195 28.06 -8.75 -22.81
C ALA A 195 27.83 -7.43 -23.53
N ILE A 196 26.59 -6.95 -23.46
CA ILE A 196 26.22 -5.67 -24.04
C ILE A 196 25.84 -4.76 -22.89
N VAL A 197 26.62 -3.71 -22.66
CA VAL A 197 26.37 -2.82 -21.53
C VAL A 197 26.17 -1.39 -22.01
N ALA A 198 24.97 -0.87 -21.80
CA ALA A 198 24.63 0.48 -22.23
C ALA A 198 23.96 1.28 -21.12
N GLY A 199 24.00 2.60 -21.27
CA GLY A 199 23.40 3.52 -20.31
C GLY A 199 23.91 4.93 -20.56
N SER A 200 23.35 5.90 -19.85
CA SER A 200 23.76 7.30 -20.02
C SER A 200 25.13 7.57 -19.39
N LYS A 201 25.51 6.79 -18.38
CA LYS A 201 26.74 7.07 -17.65
C LYS A 201 27.59 5.84 -17.38
N VAL A 202 28.91 6.01 -17.57
CA VAL A 202 29.88 4.99 -17.21
C VAL A 202 29.87 4.77 -15.69
N SER A 203 29.81 5.88 -14.95
CA SER A 203 29.87 5.85 -13.49
C SER A 203 28.76 4.98 -12.88
N THR A 204 27.56 5.10 -13.43
CA THR A 204 26.40 4.38 -12.91
C THR A 204 26.55 2.86 -13.06
N LYS A 205 27.22 2.43 -14.12
CA LYS A 205 27.40 1.00 -14.35
C LYS A 205 28.87 0.62 -14.28
N LEU A 206 29.63 1.35 -13.48
CA LEU A 206 31.07 1.12 -13.37
C LEU A 206 31.40 -0.25 -12.80
N ASP A 207 30.70 -0.67 -11.76
CA ASP A 207 30.91 -1.98 -11.17
C ASP A 207 30.52 -3.08 -12.14
N VAL A 208 29.44 -2.84 -12.88
CA VAL A 208 28.99 -3.76 -13.90
C VAL A 208 30.07 -3.96 -14.95
N LEU A 209 30.63 -2.86 -15.42
CA LEU A 209 31.65 -2.89 -16.45
C LEU A 209 32.92 -3.63 -15.99
N ASN A 210 33.39 -3.29 -14.80
CA ASN A 210 34.60 -3.90 -14.27
C ASN A 210 34.41 -5.39 -14.00
N SER A 211 33.23 -5.77 -13.52
CA SER A 211 32.92 -7.15 -13.23
C SER A 211 32.91 -7.99 -14.50
N LEU A 212 32.25 -7.48 -15.54
CA LEU A 212 32.14 -8.19 -16.80
C LEU A 212 33.48 -8.19 -17.53
N SER A 213 34.32 -7.21 -17.22
CA SER A 213 35.64 -7.11 -17.83
C SER A 213 36.47 -8.36 -17.53
N GLY A 214 36.24 -8.93 -16.36
CA GLY A 214 36.92 -10.16 -15.96
C GLY A 214 36.30 -11.42 -16.52
N ILE A 215 35.03 -11.35 -16.89
CA ILE A 215 34.31 -12.54 -17.35
C ILE A 215 34.22 -12.61 -18.87
N CYS A 216 34.10 -11.46 -19.52
CA CYS A 216 33.87 -11.42 -20.96
C CYS A 216 35.10 -11.59 -21.83
N ASP A 217 34.88 -12.08 -23.04
CA ASP A 217 35.90 -12.11 -24.09
C ASP A 217 35.85 -10.78 -24.84
N GLN A 218 34.64 -10.28 -25.05
CA GLN A 218 34.42 -8.98 -25.66
C GLN A 218 33.31 -8.19 -24.96
N LEU A 219 33.49 -6.88 -24.86
CA LEU A 219 32.53 -6.02 -24.17
C LEU A 219 31.96 -4.96 -25.10
N ILE A 220 30.74 -5.19 -25.57
CA ILE A 220 30.05 -4.21 -26.42
C ILE A 220 29.38 -3.16 -25.56
N VAL A 221 29.62 -1.88 -25.88
CA VAL A 221 29.03 -0.80 -25.11
C VAL A 221 28.04 0.00 -25.96
N GLY A 222 27.11 0.67 -25.30
CA GLY A 222 26.08 1.42 -26.00
C GLY A 222 25.75 2.73 -25.31
N GLY A 223 25.18 3.66 -26.07
CA GLY A 223 24.73 4.94 -25.55
C GLY A 223 25.80 5.85 -25.00
N GLY A 224 25.51 6.53 -23.89
CA GLY A 224 26.45 7.44 -23.27
C GLY A 224 27.75 6.76 -22.88
N ILE A 225 27.64 5.51 -22.44
CA ILE A 225 28.79 4.70 -22.10
C ILE A 225 29.69 4.52 -23.32
N ALA A 226 29.08 4.17 -24.44
CA ALA A 226 29.81 3.95 -25.68
C ALA A 226 30.53 5.23 -26.14
N ASN A 227 29.88 6.37 -25.95
CA ASN A 227 30.49 7.65 -26.34
C ASN A 227 31.73 7.94 -25.51
N THR A 228 31.68 7.60 -24.22
CA THR A 228 32.83 7.78 -23.33
C THR A 228 34.00 6.85 -23.73
N PHE A 229 33.68 5.62 -24.11
CA PHE A 229 34.71 4.70 -24.59
C PHE A 229 35.24 5.15 -25.95
N LEU A 230 34.36 5.76 -26.74
CA LEU A 230 34.74 6.28 -28.04
C LEU A 230 35.75 7.41 -27.87
N ALA A 231 35.49 8.27 -26.87
CA ALA A 231 36.40 9.36 -26.55
C ALA A 231 37.72 8.80 -26.01
N ALA A 232 37.63 7.65 -25.34
CA ALA A 232 38.79 7.01 -24.75
C ALA A 232 39.73 6.50 -25.84
N ALA A 233 39.17 6.23 -27.02
CA ALA A 233 39.97 5.79 -28.15
C ALA A 233 40.55 6.97 -28.94
N GLY A 234 40.31 8.18 -28.46
CA GLY A 234 40.90 9.37 -29.06
C GLY A 234 40.08 10.06 -30.13
N TYR A 235 38.80 9.69 -30.24
CA TYR A 235 37.91 10.32 -31.21
C TYR A 235 37.20 11.54 -30.65
N ASN A 236 36.74 12.39 -31.56
CA ASN A 236 35.93 13.54 -31.19
C ASN A 236 34.48 13.11 -31.14
N VAL A 237 33.76 13.48 -30.08
CA VAL A 237 32.36 13.09 -29.96
C VAL A 237 31.45 14.31 -30.07
N GLY A 238 32.05 15.49 -30.29
CA GLY A 238 31.28 16.71 -30.43
C GLY A 238 30.45 17.00 -29.19
N LYS A 239 29.13 17.16 -29.38
CA LYS A 239 28.25 17.42 -28.25
C LYS A 239 27.49 16.16 -27.82
N SER A 240 28.04 14.99 -28.11
CA SER A 240 27.44 13.75 -27.67
C SER A 240 27.42 13.64 -26.16
N LEU A 241 26.47 12.88 -25.63
CA LEU A 241 26.42 12.58 -24.20
C LEU A 241 27.53 11.62 -23.81
N TYR A 242 28.45 12.08 -22.96
CA TYR A 242 29.51 11.23 -22.42
C TYR A 242 30.03 11.80 -21.10
N GLU A 243 30.84 11.02 -20.39
CA GLU A 243 31.41 11.46 -19.12
C GLU A 243 32.90 11.74 -19.28
N ALA A 244 33.25 13.03 -19.29
CA ALA A 244 34.64 13.42 -19.47
C ALA A 244 35.51 12.96 -18.30
N ASP A 245 34.92 12.88 -17.11
CA ASP A 245 35.67 12.56 -15.90
C ASP A 245 35.98 11.05 -15.83
N LEU A 246 35.35 10.26 -16.67
CA LEU A 246 35.59 8.81 -16.67
C LEU A 246 36.18 8.30 -17.97
N VAL A 247 36.73 9.20 -18.78
CA VAL A 247 37.39 8.80 -20.02
C VAL A 247 38.62 7.93 -19.71
N GLU A 248 39.39 8.35 -18.72
CA GLU A 248 40.61 7.65 -18.35
C GLU A 248 40.31 6.27 -17.74
N THR A 249 39.18 6.18 -17.05
CA THR A 249 38.75 4.91 -16.47
C THR A 249 38.29 3.96 -17.57
N ALA A 250 37.56 4.51 -18.54
CA ALA A 250 37.08 3.71 -19.68
C ALA A 250 38.27 3.20 -20.46
N LYS A 251 39.27 4.08 -20.60
CA LYS A 251 40.53 3.77 -21.26
C LYS A 251 41.21 2.54 -20.64
N GLN A 252 41.29 2.52 -19.32
CA GLN A 252 41.90 1.41 -18.60
C GLN A 252 41.10 0.12 -18.81
N ILE A 253 39.77 0.24 -18.84
CA ILE A 253 38.89 -0.90 -19.05
C ILE A 253 39.11 -1.49 -20.45
N ALA A 254 39.20 -0.61 -21.45
CA ALA A 254 39.37 -1.03 -22.83
C ALA A 254 40.70 -1.74 -23.03
N ALA A 255 41.63 -1.53 -22.11
CA ALA A 255 42.93 -2.19 -22.15
C ALA A 255 42.86 -3.57 -21.49
N LYS A 256 41.95 -3.72 -20.53
CA LYS A 256 41.82 -4.97 -19.78
C LYS A 256 40.96 -5.99 -20.53
N VAL A 257 40.01 -5.49 -21.31
CA VAL A 257 39.09 -6.35 -22.03
C VAL A 257 38.83 -5.76 -23.41
N SER A 258 38.54 -6.62 -24.39
CA SER A 258 38.27 -6.17 -25.74
C SER A 258 36.94 -5.43 -25.83
N VAL A 259 37.02 -4.12 -26.09
CA VAL A 259 35.82 -3.33 -26.28
C VAL A 259 35.78 -2.85 -27.73
N PRO A 260 35.02 -3.56 -28.57
CA PRO A 260 34.90 -3.22 -29.99
C PRO A 260 34.34 -1.82 -30.19
N LEU A 261 34.93 -1.06 -31.10
CA LEU A 261 34.49 0.31 -31.33
C LEU A 261 33.81 0.45 -32.68
N PRO A 262 32.69 1.19 -32.71
CA PRO A 262 31.96 1.51 -33.94
C PRO A 262 32.87 2.05 -35.04
N THR A 263 32.58 1.67 -36.29
CA THR A 263 33.30 2.21 -37.43
C THR A 263 32.46 3.33 -38.06
N ASP A 264 31.16 3.29 -37.83
CA ASP A 264 30.26 4.33 -38.30
C ASP A 264 29.17 4.59 -37.25
N VAL A 265 28.56 5.77 -37.31
CA VAL A 265 27.60 6.19 -36.29
C VAL A 265 26.47 6.99 -36.92
N VAL A 266 25.36 7.09 -36.20
CA VAL A 266 24.27 7.96 -36.59
C VAL A 266 24.29 9.19 -35.69
N VAL A 267 24.35 10.37 -36.29
CA VAL A 267 24.40 11.60 -35.52
C VAL A 267 23.27 12.55 -35.87
N ALA A 268 23.01 13.49 -34.98
CA ALA A 268 22.15 14.62 -35.30
C ALA A 268 22.91 15.88 -34.95
N ASP A 269 22.61 16.96 -35.63
CA ASP A 269 23.26 18.23 -35.33
C ASP A 269 22.59 18.91 -34.15
N ALA A 270 23.39 19.38 -33.20
CA ALA A 270 22.89 19.96 -31.95
C ALA A 270 22.01 21.19 -32.16
N SER A 271 22.08 21.80 -33.34
CA SER A 271 21.26 22.98 -33.62
C SER A 271 19.78 22.58 -33.75
N GLN A 272 19.53 21.27 -33.82
CA GLN A 272 18.17 20.75 -33.92
C GLN A 272 17.71 20.08 -32.62
N ILE A 273 18.46 20.25 -31.55
CA ILE A 273 18.09 19.59 -30.29
C ILE A 273 17.68 20.60 -29.22
N ASN A 274 16.43 20.46 -28.76
CA ASN A 274 15.90 21.26 -27.67
C ASN A 274 15.72 20.33 -26.46
N PHE A 275 16.52 20.51 -25.42
CA PHE A 275 16.44 19.60 -24.26
C PHE A 275 15.20 19.78 -23.40
N GLU A 276 14.45 20.87 -23.60
CA GLU A 276 13.16 21.02 -22.93
C GLU A 276 12.23 19.88 -23.35
N ASP A 277 12.38 19.46 -24.60
CA ASP A 277 11.64 18.32 -25.13
C ASP A 277 12.57 17.48 -26.01
N PHE A 278 13.44 16.71 -25.37
CA PHE A 278 14.49 15.96 -26.03
C PHE A 278 13.99 14.94 -27.05
N LEU A 279 13.08 14.07 -26.62
CA LEU A 279 12.56 13.04 -27.51
C LEU A 279 11.78 13.65 -28.68
N GLY A 280 11.05 14.71 -28.40
CA GLY A 280 10.29 15.39 -29.43
C GLY A 280 11.18 15.97 -30.51
N SER A 281 12.25 16.66 -30.09
CA SER A 281 13.13 17.31 -31.05
C SER A 281 14.04 16.30 -31.73
N LEU A 282 14.04 15.07 -31.22
CA LEU A 282 14.92 14.05 -31.78
C LEU A 282 14.23 13.37 -32.95
N ALA A 283 12.91 13.19 -32.81
CA ALA A 283 12.09 12.61 -33.87
C ALA A 283 11.95 13.55 -35.06
N ALA A 284 11.95 14.85 -34.78
CA ALA A 284 11.79 15.85 -35.82
C ALA A 284 13.13 16.19 -36.48
N ALA A 285 14.21 15.84 -35.81
CA ALA A 285 15.56 16.15 -36.30
C ALA A 285 15.90 15.29 -37.51
N GLN A 286 16.93 15.71 -38.24
CA GLN A 286 17.37 14.97 -39.43
C GLN A 286 18.53 14.05 -39.09
N ALA A 287 18.29 12.75 -39.18
CA ALA A 287 19.31 11.76 -38.87
C ALA A 287 20.36 11.71 -39.98
N VAL A 288 21.63 11.56 -39.60
CA VAL A 288 22.72 11.49 -40.56
C VAL A 288 23.68 10.35 -40.27
N ILE A 289 23.94 9.51 -41.28
CA ILE A 289 24.91 8.43 -41.16
C ILE A 289 26.29 8.94 -41.56
N LYS A 290 27.26 8.84 -40.66
CA LYS A 290 28.59 9.34 -40.94
C LYS A 290 29.67 8.36 -40.46
N LYS A 291 30.84 8.44 -41.07
CA LYS A 291 31.99 7.66 -40.60
C LYS A 291 32.36 8.16 -39.21
N VAL A 292 32.93 7.26 -38.40
CA VAL A 292 33.17 7.55 -36.99
C VAL A 292 34.19 8.69 -36.82
N GLU A 293 35.10 8.83 -37.78
CA GLU A 293 36.09 9.90 -37.75
C GLU A 293 35.58 11.21 -38.36
N ASP A 294 34.43 11.17 -39.02
CA ASP A 294 33.87 12.36 -39.67
C ASP A 294 32.86 13.09 -38.78
N VAL A 295 33.01 12.93 -37.47
CA VAL A 295 32.13 13.55 -36.49
C VAL A 295 32.60 14.94 -36.12
N THR A 296 31.74 15.94 -36.30
CA THR A 296 32.11 17.32 -36.03
C THR A 296 31.81 17.76 -34.59
N ALA A 297 32.18 18.99 -34.27
CA ALA A 297 32.09 19.54 -32.93
C ALA A 297 30.65 19.66 -32.46
N ASN A 298 29.73 19.84 -33.40
CA ASN A 298 28.32 20.06 -33.06
C ASN A 298 27.47 18.79 -33.23
N ASP A 299 28.13 17.66 -33.42
CA ASP A 299 27.43 16.38 -33.64
C ASP A 299 26.98 15.72 -32.34
N MET A 300 25.92 14.92 -32.43
CA MET A 300 25.47 14.10 -31.32
C MET A 300 25.28 12.64 -31.75
N ILE A 301 26.10 11.74 -31.22
CA ILE A 301 25.95 10.32 -31.51
C ILE A 301 24.68 9.81 -30.85
N LEU A 302 23.78 9.26 -31.66
CA LEU A 302 22.49 8.82 -31.16
C LEU A 302 22.16 7.38 -31.57
N ASP A 303 23.07 6.75 -32.33
CA ASP A 303 22.93 5.35 -32.74
C ASP A 303 24.20 4.90 -33.45
N VAL A 304 24.42 3.59 -33.52
CA VAL A 304 25.53 3.05 -34.30
C VAL A 304 25.13 2.94 -35.76
N GLY A 305 26.12 2.99 -36.65
CA GLY A 305 25.85 2.93 -38.08
C GLY A 305 25.65 1.52 -38.61
N PRO A 306 25.27 1.41 -39.90
CA PRO A 306 25.01 0.13 -40.58
C PRO A 306 26.15 -0.87 -40.51
N GLU A 307 27.39 -0.40 -40.63
CA GLU A 307 28.54 -1.30 -40.66
C GLU A 307 28.83 -1.87 -39.28
N THR A 308 28.75 -1.01 -38.28
CA THR A 308 28.99 -1.41 -36.90
C THR A 308 27.98 -2.46 -36.46
N ALA A 309 26.73 -2.26 -36.88
CA ALA A 309 25.65 -3.17 -36.54
C ALA A 309 25.93 -4.58 -37.08
N LYS A 310 26.49 -4.65 -38.29
CA LYS A 310 26.86 -5.94 -38.87
C LYS A 310 28.02 -6.54 -38.09
N ALA A 311 28.96 -5.68 -37.69
CA ALA A 311 30.14 -6.12 -36.95
C ALA A 311 29.77 -6.68 -35.60
N PHE A 312 28.84 -6.02 -34.92
CA PHE A 312 28.34 -6.49 -33.64
C PHE A 312 27.61 -7.81 -33.84
N ALA A 313 26.87 -7.91 -34.94
CA ALA A 313 26.11 -9.11 -35.23
C ALA A 313 27.01 -10.33 -35.39
N ASN A 314 28.09 -10.18 -36.17
CA ASN A 314 29.06 -11.26 -36.35
C ASN A 314 29.63 -11.73 -35.02
N ILE A 315 29.96 -10.77 -34.16
CA ILE A 315 30.48 -11.08 -32.83
C ILE A 315 29.45 -11.88 -32.04
N LEU A 316 28.19 -11.44 -32.08
CA LEU A 316 27.13 -12.09 -31.33
C LEU A 316 26.77 -13.45 -31.94
N THR A 317 26.99 -13.61 -33.24
CA THR A 317 26.69 -14.87 -33.91
C THR A 317 27.73 -15.92 -33.55
N THR A 318 28.94 -15.47 -33.23
CA THR A 318 30.06 -16.35 -32.92
C THR A 318 30.05 -16.77 -31.45
N SER A 319 29.60 -15.88 -30.58
CA SER A 319 29.60 -16.15 -29.14
C SER A 319 28.66 -17.30 -28.79
N LYS A 320 28.89 -17.88 -27.61
CA LYS A 320 28.04 -18.97 -27.14
C LYS A 320 27.40 -18.59 -25.80
N THR A 321 27.62 -17.34 -25.40
CA THR A 321 27.00 -16.81 -24.19
C THR A 321 26.83 -15.31 -24.32
N ILE A 322 25.60 -14.83 -24.20
CA ILE A 322 25.32 -13.39 -24.33
C ILE A 322 24.61 -12.83 -23.10
N LEU A 323 25.18 -11.79 -22.51
CA LEU A 323 24.48 -11.03 -21.47
C LEU A 323 24.09 -9.67 -22.05
N TRP A 324 22.79 -9.41 -22.10
CA TRP A 324 22.28 -8.25 -22.81
C TRP A 324 21.71 -7.23 -21.83
N ASN A 325 22.43 -6.11 -21.68
CA ASN A 325 21.99 -5.07 -20.77
C ASN A 325 22.05 -3.68 -21.45
N GLY A 326 21.17 -3.47 -22.42
CA GLY A 326 21.03 -2.16 -23.05
C GLY A 326 21.02 -2.11 -24.56
N PRO A 327 20.43 -1.03 -25.13
CA PRO A 327 20.39 -0.75 -26.57
C PRO A 327 21.65 -0.02 -27.04
N VAL A 328 21.83 0.14 -28.35
CA VAL A 328 23.01 0.84 -28.84
C VAL A 328 22.64 2.19 -29.45
N GLY A 329 21.42 2.66 -29.18
CA GLY A 329 20.95 3.94 -29.66
C GLY A 329 19.62 4.29 -29.04
N VAL A 330 19.13 5.50 -29.31
CA VAL A 330 17.84 5.95 -28.78
C VAL A 330 16.70 5.36 -29.63
N PHE A 331 16.41 4.08 -29.40
CA PHE A 331 15.49 3.32 -30.24
C PHE A 331 14.03 3.73 -30.11
N GLU A 332 13.69 4.52 -29.09
CA GLU A 332 12.33 5.01 -28.93
C GLU A 332 11.88 5.79 -30.17
N VAL A 333 12.84 6.45 -30.82
CA VAL A 333 12.60 7.14 -32.08
C VAL A 333 13.19 6.30 -33.21
N ASP A 334 12.35 5.95 -34.17
CA ASP A 334 12.70 4.99 -35.22
C ASP A 334 13.95 5.30 -36.04
N GLN A 335 14.21 6.57 -36.34
CA GLN A 335 15.36 6.90 -37.18
C GLN A 335 16.69 6.69 -36.45
N PHE A 336 16.63 6.54 -35.13
CA PHE A 336 17.83 6.23 -34.35
C PHE A 336 17.68 4.86 -33.68
N GLY A 337 16.87 4.00 -34.29
CA GLY A 337 16.58 2.69 -33.72
C GLY A 337 17.05 1.50 -34.53
N GLU A 338 17.60 1.74 -35.72
CA GLU A 338 18.05 0.64 -36.57
C GLU A 338 19.18 -0.15 -35.95
N GLY A 339 20.03 0.52 -35.18
CA GLY A 339 21.12 -0.16 -34.50
C GLY A 339 20.61 -1.18 -33.51
N THR A 340 19.65 -0.76 -32.68
CA THR A 340 19.08 -1.63 -31.66
C THR A 340 18.20 -2.74 -32.29
N LYS A 341 17.53 -2.42 -33.39
CA LYS A 341 16.74 -3.43 -34.10
C LYS A 341 17.64 -4.55 -34.62
N ALA A 342 18.75 -4.17 -35.24
CA ALA A 342 19.71 -5.14 -35.75
C ALA A 342 20.35 -5.93 -34.61
N LEU A 343 20.63 -5.26 -33.50
CA LEU A 343 21.24 -5.91 -32.36
C LEU A 343 20.30 -6.94 -31.74
N SER A 344 19.02 -6.58 -31.61
CA SER A 344 18.03 -7.46 -31.02
C SER A 344 17.85 -8.72 -31.85
N LEU A 345 17.91 -8.57 -33.16
CA LEU A 345 17.78 -9.69 -34.09
C LEU A 345 19.01 -10.59 -34.03
N ALA A 346 20.17 -9.97 -33.83
CA ALA A 346 21.42 -10.71 -33.75
C ALA A 346 21.46 -11.57 -32.49
N VAL A 347 21.03 -11.01 -31.36
CA VAL A 347 20.99 -11.76 -30.11
C VAL A 347 19.98 -12.90 -30.17
N ALA A 348 18.81 -12.61 -30.73
CA ALA A 348 17.72 -13.56 -30.76
C ALA A 348 18.02 -14.78 -31.63
N GLN A 349 18.76 -14.57 -32.71
CA GLN A 349 19.01 -15.64 -33.67
C GLN A 349 20.34 -16.34 -33.42
N SER A 350 21.10 -15.86 -32.45
CA SER A 350 22.35 -16.52 -32.09
C SER A 350 22.04 -17.80 -31.33
N ASP A 351 22.77 -18.88 -31.65
CA ASP A 351 22.57 -20.13 -30.95
C ASP A 351 23.18 -20.07 -29.56
N ALA A 352 23.81 -18.94 -29.27
CA ALA A 352 24.32 -18.67 -27.93
C ALA A 352 23.19 -18.68 -26.93
N PHE A 353 23.50 -19.03 -25.69
CA PHE A 353 22.54 -18.86 -24.61
C PHE A 353 22.54 -17.38 -24.23
N SER A 354 21.39 -16.75 -24.37
CA SER A 354 21.28 -15.30 -24.15
C SER A 354 20.44 -14.99 -22.92
N ILE A 355 20.94 -14.06 -22.11
CA ILE A 355 20.21 -13.57 -20.95
C ILE A 355 20.09 -12.05 -20.99
N ALA A 356 18.88 -11.54 -20.74
CA ALA A 356 18.65 -10.10 -20.79
C ALA A 356 18.08 -9.57 -19.48
N GLY A 357 18.40 -8.31 -19.16
CA GLY A 357 17.92 -7.67 -17.96
C GLY A 357 18.02 -6.16 -18.04
N GLY A 358 17.19 -5.46 -17.27
CA GLY A 358 17.16 -4.01 -17.30
C GLY A 358 16.00 -3.48 -18.10
N GLY A 359 15.40 -2.40 -17.62
CA GLY A 359 14.19 -1.86 -18.24
C GLY A 359 14.31 -1.52 -19.71
N ASP A 360 15.39 -0.84 -20.09
CA ASP A 360 15.59 -0.46 -21.49
C ASP A 360 15.71 -1.68 -22.38
N THR A 361 16.37 -2.71 -21.87
CA THR A 361 16.54 -3.94 -22.62
C THR A 361 15.19 -4.58 -22.90
N LEU A 362 14.35 -4.67 -21.88
CA LEU A 362 13.04 -5.33 -22.02
C LEU A 362 12.16 -4.55 -22.99
N ALA A 363 12.24 -3.22 -22.93
CA ALA A 363 11.50 -2.36 -23.84
C ALA A 363 11.92 -2.63 -25.29
N ALA A 364 13.21 -2.84 -25.49
CA ALA A 364 13.74 -3.16 -26.81
C ALA A 364 13.25 -4.53 -27.28
N ILE A 365 13.20 -5.48 -26.35
CA ILE A 365 12.75 -6.82 -26.68
C ILE A 365 11.27 -6.81 -27.09
N ASP A 366 10.47 -6.01 -26.38
CA ASP A 366 9.04 -5.92 -26.65
C ASP A 366 8.76 -5.21 -27.97
N LYS A 367 9.53 -4.17 -28.26
CA LYS A 367 9.33 -3.39 -29.46
C LYS A 367 9.66 -4.18 -30.73
N TYR A 368 10.71 -4.98 -30.67
CA TYR A 368 11.16 -5.71 -31.85
C TYR A 368 10.75 -7.19 -31.84
N ASN A 369 9.93 -7.55 -30.85
CA ASN A 369 9.30 -8.87 -30.80
C ASN A 369 10.25 -10.06 -30.91
N VAL A 370 11.21 -10.14 -29.99
CA VAL A 370 12.16 -11.25 -30.00
C VAL A 370 12.16 -11.96 -28.65
N ALA A 371 11.11 -11.75 -27.88
CA ALA A 371 11.02 -12.30 -26.52
C ALA A 371 11.14 -13.83 -26.52
N ASP A 372 10.50 -14.47 -27.48
CA ASP A 372 10.51 -15.93 -27.60
C ASP A 372 11.92 -16.50 -27.72
N GLN A 373 12.79 -15.77 -28.40
CA GLN A 373 14.09 -16.29 -28.78
C GLN A 373 15.20 -15.89 -27.82
N ILE A 374 14.82 -15.30 -26.69
CA ILE A 374 15.78 -14.97 -25.65
C ILE A 374 15.79 -16.09 -24.61
N GLY A 375 16.99 -16.58 -24.29
CA GLY A 375 17.16 -17.69 -23.36
C GLY A 375 16.47 -17.49 -22.03
N TYR A 376 16.74 -16.35 -21.39
CA TYR A 376 16.06 -16.01 -20.15
C TYR A 376 15.89 -14.50 -20.07
N ILE A 377 14.67 -14.05 -19.74
CA ILE A 377 14.40 -12.63 -19.57
C ILE A 377 14.19 -12.33 -18.09
N SER A 378 15.11 -11.58 -17.51
CA SER A 378 15.05 -11.24 -16.09
C SER A 378 14.28 -9.96 -15.84
N THR A 379 13.50 -9.95 -14.75
CA THR A 379 12.78 -8.77 -14.32
C THR A 379 13.36 -8.26 -13.01
N GLY A 380 14.57 -8.72 -12.70
CA GLY A 380 15.19 -8.44 -11.41
C GLY A 380 15.56 -7.00 -11.13
N GLY A 381 15.70 -6.21 -12.18
CA GLY A 381 16.05 -4.80 -12.05
C GLY A 381 17.36 -4.54 -11.33
N GLY A 382 17.28 -3.78 -10.24
CA GLY A 382 18.46 -3.42 -9.46
C GLY A 382 19.15 -4.65 -8.90
N ALA A 383 18.35 -5.65 -8.56
CA ALA A 383 18.86 -6.91 -8.03
C ALA A 383 19.63 -7.64 -9.14
N PHE A 384 19.11 -7.56 -10.36
CA PHE A 384 19.78 -8.15 -11.52
C PHE A 384 21.18 -7.59 -11.72
N LEU A 385 21.31 -6.28 -11.63
CA LEU A 385 22.60 -5.63 -11.85
C LEU A 385 23.60 -5.98 -10.76
N GLU A 386 23.13 -6.03 -9.52
CA GLU A 386 24.01 -6.31 -8.38
C GLU A 386 24.60 -7.73 -8.48
N PHE A 387 23.84 -8.66 -9.04
CA PHE A 387 24.38 -10.00 -9.26
C PHE A 387 25.48 -9.93 -10.31
N VAL A 388 25.21 -9.21 -11.40
CA VAL A 388 26.19 -9.07 -12.48
C VAL A 388 27.44 -8.39 -11.93
N GLU A 389 27.25 -7.48 -10.99
CA GLU A 389 28.37 -6.79 -10.34
C GLU A 389 29.25 -7.73 -9.50
N GLY A 390 28.74 -8.93 -9.22
CA GLY A 390 29.49 -9.90 -8.45
C GLY A 390 29.27 -9.75 -6.96
N LYS A 391 28.37 -8.86 -6.59
CA LYS A 391 28.05 -8.63 -5.18
C LYS A 391 27.32 -9.83 -4.59
N THR A 392 27.26 -9.87 -3.26
CA THR A 392 26.61 -10.97 -2.56
C THR A 392 25.21 -10.55 -2.10
N LEU A 393 24.20 -11.04 -2.81
CA LEU A 393 22.82 -10.72 -2.48
C LEU A 393 22.44 -11.44 -1.19
N PRO A 394 22.05 -10.68 -0.16
CA PRO A 394 21.77 -11.20 1.19
C PRO A 394 20.76 -12.36 1.23
N ALA A 395 19.73 -12.27 0.40
CA ALA A 395 18.68 -13.28 0.41
C ALA A 395 19.16 -14.60 -0.20
N VAL A 396 20.09 -14.52 -1.14
CA VAL A 396 20.65 -15.71 -1.77
C VAL A 396 21.67 -16.34 -0.82
N ALA A 397 22.49 -15.51 -0.19
CA ALA A 397 23.55 -15.98 0.70
C ALA A 397 23.01 -16.79 1.88
N VAL A 398 21.93 -16.34 2.51
CA VAL A 398 21.36 -17.04 3.64
C VAL A 398 20.80 -18.39 3.19
N LEU A 399 20.26 -18.46 1.98
CA LEU A 399 19.77 -19.72 1.43
C LEU A 399 20.91 -20.70 1.25
N LEU A 400 22.09 -20.17 0.93
CA LEU A 400 23.28 -21.00 0.80
C LEU A 400 23.70 -21.54 2.16
N GLU A 401 23.55 -20.72 3.20
CA GLU A 401 23.90 -21.11 4.56
C GLU A 401 22.95 -22.18 5.10
N ARG A 402 21.70 -22.14 4.66
CA ARG A 402 20.70 -23.09 5.12
C ARG A 402 20.55 -24.24 4.15
N ALA A 403 21.60 -24.47 3.35
CA ALA A 403 21.55 -25.48 2.30
C ALA A 403 22.93 -25.71 1.69
N HIS B 7 -21.45 -22.97 38.22
CA HIS B 7 -21.73 -23.01 36.79
C HIS B 7 -22.43 -24.31 36.42
N HIS B 8 -22.89 -24.42 35.17
CA HIS B 8 -23.63 -25.58 34.72
C HIS B 8 -22.78 -26.51 33.84
N MET B 9 -21.49 -26.55 34.09
CA MET B 9 -20.60 -27.51 33.44
C MET B 9 -20.34 -28.67 34.38
N ASN B 10 -20.56 -29.89 33.91
CA ASN B 10 -20.35 -31.06 34.74
C ASN B 10 -19.28 -31.97 34.16
N PHE B 11 -18.18 -32.12 34.88
CA PHE B 11 -17.09 -32.97 34.43
C PHE B 11 -16.38 -33.66 35.60
N GLN B 12 -15.74 -34.79 35.32
CA GLN B 12 -15.03 -35.52 36.36
C GLN B 12 -13.72 -34.82 36.71
N ARG B 13 -13.33 -34.94 37.97
CA ARG B 13 -12.12 -34.29 38.46
C ARG B 13 -11.17 -35.32 39.05
N MET B 14 -9.91 -35.26 38.64
CA MET B 14 -8.89 -36.23 39.08
C MET B 14 -8.90 -36.44 40.59
N THR B 15 -9.06 -35.36 41.33
CA THR B 15 -8.97 -35.38 42.78
C THR B 15 -10.15 -36.07 43.47
N ASP B 16 -11.17 -36.41 42.70
CA ASP B 16 -12.35 -37.07 43.26
C ASP B 16 -12.38 -38.56 42.95
N LEU B 17 -11.38 -39.05 42.22
CA LEU B 17 -11.40 -40.42 41.73
C LEU B 17 -10.61 -41.38 42.60
N ASN B 18 -10.96 -42.66 42.51
CA ASN B 18 -10.19 -43.72 43.13
C ASN B 18 -9.01 -44.11 42.24
N LEU B 19 -7.81 -43.79 42.67
CA LEU B 19 -6.65 -43.98 41.81
C LEU B 19 -5.56 -44.83 42.44
N ALA B 20 -5.88 -45.53 43.52
CA ALA B 20 -4.91 -46.39 44.18
C ALA B 20 -4.45 -47.49 43.21
N GLY B 21 -3.19 -47.44 42.83
CA GLY B 21 -2.64 -48.41 41.90
C GLY B 21 -3.08 -48.28 40.45
N LYS B 22 -3.61 -47.12 40.08
CA LYS B 22 -4.14 -46.93 38.74
C LYS B 22 -3.12 -46.27 37.82
N ARG B 23 -3.16 -46.65 36.55
CA ARG B 23 -2.28 -46.09 35.55
C ARG B 23 -2.90 -44.80 35.07
N VAL B 24 -2.28 -43.68 35.41
CA VAL B 24 -2.84 -42.37 35.14
C VAL B 24 -1.97 -41.64 34.12
N LEU B 25 -2.57 -41.32 32.99
CA LEU B 25 -1.92 -40.58 31.90
C LEU B 25 -2.37 -39.13 31.93
N ILE B 26 -1.43 -38.22 32.21
CA ILE B 26 -1.77 -36.81 32.39
C ILE B 26 -1.22 -35.94 31.27
N ARG B 27 -2.12 -35.25 30.58
CA ARG B 27 -1.73 -34.30 29.56
C ARG B 27 -1.46 -32.96 30.23
N GLU B 28 -0.20 -32.56 30.25
CA GLU B 28 0.21 -31.29 30.82
C GLU B 28 0.74 -30.35 29.74
N ASP B 29 0.86 -29.06 30.06
CA ASP B 29 1.53 -28.12 29.17
C ASP B 29 2.96 -27.93 29.70
N LEU B 30 3.90 -28.64 29.10
CA LEU B 30 5.29 -28.53 29.51
C LEU B 30 6.10 -27.96 28.36
N ASN B 31 5.41 -27.19 27.51
CA ASN B 31 6.02 -26.58 26.33
C ASN B 31 6.87 -25.39 26.74
N VAL B 32 8.02 -25.67 27.34
CA VAL B 32 8.91 -24.62 27.84
C VAL B 32 9.88 -24.14 26.77
N PRO B 33 10.27 -22.85 26.85
CA PRO B 33 11.27 -22.28 25.96
C PRO B 33 12.65 -22.89 26.21
N VAL B 34 13.31 -23.31 25.14
CA VAL B 34 14.64 -23.93 25.26
C VAL B 34 15.64 -23.20 24.39
N LYS B 35 16.76 -22.83 24.98
CA LYS B 35 17.80 -22.14 24.23
C LYS B 35 19.16 -22.72 24.62
N ASN B 36 19.87 -23.22 23.61
CA ASN B 36 21.16 -23.87 23.80
C ASN B 36 21.05 -25.07 24.75
N GLY B 37 19.96 -25.82 24.63
CA GLY B 37 19.73 -27.01 25.43
C GLY B 37 19.37 -26.72 26.87
N VAL B 38 19.09 -25.46 27.17
CA VAL B 38 18.75 -25.03 28.53
C VAL B 38 17.36 -24.40 28.56
N ILE B 39 16.59 -24.72 29.59
CA ILE B 39 15.26 -24.14 29.77
C ILE B 39 15.38 -22.68 30.19
N THR B 40 14.78 -21.78 29.41
CA THR B 40 14.90 -20.35 29.68
C THR B 40 13.78 -19.88 30.62
N SER B 41 12.69 -20.64 30.66
CA SER B 41 11.60 -20.35 31.60
C SER B 41 10.89 -21.63 32.04
N ASP B 42 10.84 -21.84 33.35
CA ASP B 42 10.25 -23.06 33.90
C ASP B 42 8.90 -22.82 34.56
N ALA B 43 8.25 -21.72 34.21
CA ALA B 43 6.96 -21.34 34.80
C ALA B 43 5.92 -22.43 34.60
N ARG B 44 5.87 -22.99 33.40
CA ARG B 44 4.92 -24.05 33.07
C ARG B 44 5.20 -25.31 33.88
N LEU B 45 6.47 -25.51 34.21
CA LEU B 45 6.88 -26.66 34.99
C LEU B 45 6.36 -26.53 36.43
N ARG B 46 6.56 -25.36 37.03
CA ARG B 46 6.16 -25.14 38.41
C ARG B 46 4.63 -25.18 38.59
N ALA B 47 3.89 -24.78 37.56
CA ALA B 47 2.44 -24.78 37.61
C ALA B 47 1.87 -26.20 37.51
N ALA B 48 2.58 -27.09 36.81
CA ALA B 48 2.11 -28.46 36.59
C ALA B 48 2.52 -29.44 37.72
N LEU B 49 3.56 -29.08 38.47
CA LEU B 49 4.06 -29.94 39.53
C LEU B 49 3.02 -30.35 40.59
N PRO B 50 2.21 -29.40 41.10
CA PRO B 50 1.22 -29.83 42.11
C PRO B 50 0.26 -30.91 41.61
N THR B 51 -0.06 -30.91 40.32
CA THR B 51 -0.91 -31.94 39.75
C THR B 51 -0.24 -33.30 39.81
N ILE B 52 1.03 -33.34 39.41
CA ILE B 52 1.80 -34.59 39.41
C ILE B 52 1.94 -35.11 40.83
N LYS B 53 2.21 -34.22 41.78
CA LYS B 53 2.36 -34.63 43.17
C LYS B 53 1.04 -35.15 43.75
N ALA B 54 -0.07 -34.52 43.36
CA ALA B 54 -1.38 -34.92 43.86
C ALA B 54 -1.75 -36.33 43.39
N ALA B 55 -1.43 -36.65 42.14
CA ALA B 55 -1.69 -37.98 41.60
C ALA B 55 -0.89 -39.02 42.37
N LEU B 56 0.36 -38.70 42.67
CA LEU B 56 1.21 -39.60 43.44
C LEU B 56 0.67 -39.77 44.85
N GLU B 57 0.07 -38.71 45.39
CA GLU B 57 -0.51 -38.75 46.73
C GLU B 57 -1.66 -39.75 46.77
N LYS B 58 -2.37 -39.88 45.64
CA LYS B 58 -3.49 -40.80 45.52
C LYS B 58 -3.06 -42.25 45.21
N GLY B 59 -1.75 -42.51 45.23
CA GLY B 59 -1.23 -43.86 45.04
C GLY B 59 -1.27 -44.36 43.61
N ALA B 60 -1.10 -43.44 42.67
CA ALA B 60 -1.18 -43.75 41.25
C ALA B 60 0.18 -44.02 40.61
N ALA B 61 0.15 -44.75 39.49
CA ALA B 61 1.29 -44.89 38.60
C ALA B 61 1.17 -43.81 37.52
N VAL B 62 2.05 -42.81 37.57
CA VAL B 62 1.86 -41.60 36.77
C VAL B 62 2.65 -41.61 35.47
N MET B 63 1.94 -41.35 34.37
CA MET B 63 2.57 -41.07 33.09
C MET B 63 2.27 -39.62 32.71
N VAL B 64 3.32 -38.86 32.43
CA VAL B 64 3.16 -37.47 32.02
C VAL B 64 3.58 -37.33 30.58
N PHE B 65 2.72 -36.74 29.74
CA PHE B 65 3.15 -36.38 28.38
C PHE B 65 2.67 -34.98 27.98
N SER B 66 3.35 -34.42 26.98
CA SER B 66 3.13 -33.03 26.58
C SER B 66 3.70 -32.79 25.19
N HIS B 67 3.42 -31.62 24.62
CA HIS B 67 4.05 -31.20 23.39
C HIS B 67 5.21 -30.25 23.71
N LEU B 68 6.10 -30.06 22.74
CA LEU B 68 7.10 -28.99 22.83
C LEU B 68 7.44 -28.54 21.42
N GLY B 69 7.39 -27.22 21.20
CA GLY B 69 7.69 -26.65 19.90
C GLY B 69 6.69 -27.05 18.83
N ARG B 70 7.07 -26.86 17.58
CA ARG B 70 6.20 -27.21 16.45
C ARG B 70 6.93 -28.15 15.50
N PRO B 71 7.23 -29.38 15.96
CA PRO B 71 8.08 -30.27 15.15
C PRO B 71 7.35 -30.96 14.01
N VAL B 72 8.12 -31.63 13.15
CA VAL B 72 7.56 -32.41 12.06
C VAL B 72 7.33 -33.83 12.54
N GLU B 73 6.09 -34.30 12.38
CA GLU B 73 5.73 -35.65 12.82
C GLU B 73 6.59 -36.67 12.08
N GLY B 74 7.17 -37.59 12.83
CA GLY B 74 8.01 -38.63 12.26
C GLY B 74 9.44 -38.16 12.04
N GLU B 75 9.73 -36.91 12.39
CA GLU B 75 11.06 -36.33 12.23
C GLU B 75 11.53 -35.64 13.50
N PRO B 76 11.89 -36.42 14.52
CA PRO B 76 12.32 -35.84 15.79
C PRO B 76 13.65 -35.10 15.68
N LYS B 77 13.79 -34.03 16.44
CA LYS B 77 15.06 -33.30 16.52
C LYS B 77 15.39 -33.14 17.99
N PRO B 78 16.68 -33.25 18.34
CA PRO B 78 17.16 -33.21 19.73
C PRO B 78 16.68 -31.99 20.52
N GLU B 79 16.54 -30.84 19.86
CA GLU B 79 16.16 -29.60 20.53
C GLU B 79 14.68 -29.55 20.90
N GLN B 80 13.91 -30.52 20.41
CA GLN B 80 12.48 -30.60 20.75
C GLN B 80 12.17 -31.77 21.67
N SER B 81 13.20 -32.36 22.27
CA SER B 81 13.00 -33.46 23.19
C SER B 81 12.65 -32.96 24.59
N LEU B 82 11.86 -33.75 25.31
CA LEU B 82 11.46 -33.40 26.67
C LEU B 82 12.52 -33.80 27.69
N ALA B 83 13.68 -34.20 27.19
CA ALA B 83 14.79 -34.61 28.05
C ALA B 83 15.16 -33.57 29.11
N PRO B 84 15.29 -32.28 28.74
CA PRO B 84 15.59 -31.35 29.84
C PRO B 84 14.46 -31.21 30.85
N VAL B 85 13.22 -31.45 30.42
CA VAL B 85 12.08 -31.42 31.32
C VAL B 85 12.12 -32.65 32.24
N ALA B 86 12.58 -33.77 31.70
CA ALA B 86 12.70 -34.99 32.50
C ALA B 86 13.72 -34.80 33.61
N ALA B 87 14.83 -34.13 33.28
CA ALA B 87 15.86 -33.82 34.26
C ALA B 87 15.33 -32.86 35.32
N TYR B 88 14.55 -31.88 34.89
CA TYR B 88 13.93 -30.94 35.80
C TYR B 88 12.98 -31.64 36.78
N LEU B 89 12.13 -32.51 36.25
CA LEU B 89 11.15 -33.20 37.09
C LEU B 89 11.83 -34.10 38.10
N THR B 90 12.97 -34.68 37.72
CA THR B 90 13.73 -35.56 38.60
C THR B 90 14.25 -34.82 39.83
N GLU B 91 14.80 -33.63 39.62
CA GLU B 91 15.26 -32.81 40.72
C GLU B 91 14.09 -32.35 41.58
N ALA B 92 13.03 -31.88 40.93
CA ALA B 92 11.87 -31.33 41.62
C ALA B 92 11.11 -32.39 42.44
N LEU B 93 10.95 -33.59 41.88
CA LEU B 93 10.19 -34.64 42.55
C LEU B 93 11.03 -35.46 43.52
N GLY B 94 12.34 -35.52 43.28
CA GLY B 94 13.22 -36.26 44.16
C GLY B 94 13.28 -37.74 43.82
N GLN B 95 12.77 -38.09 42.64
CA GLN B 95 12.81 -39.46 42.16
C GLN B 95 13.21 -39.46 40.69
N GLU B 96 13.62 -40.62 40.19
CA GLU B 96 14.01 -40.74 38.79
C GLU B 96 12.80 -40.68 37.88
N VAL B 97 12.70 -39.61 37.11
CA VAL B 97 11.65 -39.51 36.09
C VAL B 97 12.24 -39.85 34.73
N LYS B 98 12.00 -41.08 34.29
CA LYS B 98 12.60 -41.57 33.06
C LYS B 98 11.88 -41.02 31.83
N LEU B 99 12.64 -40.79 30.77
CA LEU B 99 12.07 -40.34 29.51
C LEU B 99 11.94 -41.54 28.58
N PHE B 100 10.72 -41.80 28.11
CA PHE B 100 10.49 -42.92 27.21
C PHE B 100 10.19 -42.40 25.80
N THR B 101 10.99 -42.83 24.84
CA THR B 101 10.78 -42.44 23.45
C THR B 101 9.93 -43.50 22.73
N ASP B 102 10.10 -44.75 23.12
CA ASP B 102 9.25 -45.82 22.61
C ASP B 102 8.17 -46.12 23.65
N TYR B 103 6.92 -45.77 23.33
CA TYR B 103 5.88 -45.97 24.32
C TYR B 103 4.50 -46.25 23.73
N LEU B 104 4.36 -46.09 22.41
CA LEU B 104 3.06 -46.22 21.77
C LEU B 104 2.48 -47.62 21.78
N ASP B 105 3.32 -48.64 22.01
CA ASP B 105 2.82 -50.00 22.07
C ASP B 105 2.88 -50.58 23.48
N GLY B 106 3.02 -49.72 24.49
CA GLY B 106 3.05 -50.15 25.87
C GLY B 106 4.19 -49.52 26.64
N VAL B 107 3.95 -49.15 27.90
CA VAL B 107 5.00 -48.59 28.73
C VAL B 107 4.90 -49.12 30.15
N GLU B 108 6.05 -49.40 30.77
CA GLU B 108 6.05 -49.96 32.12
C GLU B 108 6.17 -48.87 33.17
N VAL B 109 5.29 -48.94 34.17
CA VAL B 109 5.29 -47.96 35.25
C VAL B 109 4.62 -48.55 36.50
N GLU B 110 5.29 -48.40 37.64
CA GLU B 110 4.76 -48.91 38.90
C GLU B 110 4.06 -47.79 39.66
N ALA B 111 3.25 -48.18 40.64
CA ALA B 111 2.56 -47.21 41.47
C ALA B 111 3.58 -46.39 42.26
N GLY B 112 3.42 -45.07 42.24
CA GLY B 112 4.31 -44.20 42.97
C GLY B 112 5.52 -43.69 42.20
N GLN B 113 5.66 -44.11 40.95
CA GLN B 113 6.73 -43.56 40.11
C GLN B 113 6.18 -42.73 38.95
N VAL B 114 7.00 -41.81 38.46
CA VAL B 114 6.59 -40.97 37.36
C VAL B 114 7.50 -41.22 36.17
N VAL B 115 6.90 -41.40 34.99
CA VAL B 115 7.65 -41.50 33.75
C VAL B 115 7.20 -40.40 32.80
N LEU B 116 8.12 -39.91 31.97
CA LEU B 116 7.79 -38.85 31.03
C LEU B 116 7.89 -39.38 29.61
N LEU B 117 6.77 -39.34 28.90
CA LEU B 117 6.73 -39.81 27.54
C LEU B 117 7.24 -38.70 26.61
N GLU B 118 7.95 -39.09 25.56
CA GLU B 118 8.58 -38.12 24.67
C GLU B 118 7.53 -37.29 23.94
N ASN B 119 7.94 -36.09 23.55
CA ASN B 119 7.13 -35.12 22.80
C ASN B 119 6.08 -35.77 21.91
N VAL B 120 4.80 -35.48 22.20
CA VAL B 120 3.70 -36.09 21.47
C VAL B 120 3.63 -35.61 20.01
N ARG B 121 4.17 -34.43 19.73
CA ARG B 121 4.11 -33.90 18.37
C ARG B 121 5.07 -34.64 17.44
N PHE B 122 5.86 -35.56 18.01
CA PHE B 122 6.70 -36.46 17.24
C PHE B 122 5.88 -37.58 16.59
N ASN B 123 4.76 -37.90 17.20
CA ASN B 123 3.97 -39.06 16.77
C ASN B 123 3.04 -38.72 15.61
N PRO B 124 3.18 -39.45 14.49
CA PRO B 124 2.34 -39.29 13.30
C PRO B 124 0.86 -39.47 13.60
N GLY B 125 0.04 -38.51 13.19
CA GLY B 125 -1.39 -38.54 13.43
C GLY B 125 -1.83 -37.69 14.61
N GLU B 126 -0.87 -37.13 15.33
CA GLU B 126 -1.18 -36.32 16.52
C GLU B 126 -1.99 -35.09 16.16
N LYS B 127 -1.51 -34.33 15.16
CA LYS B 127 -2.16 -33.10 14.76
C LYS B 127 -3.56 -33.35 14.19
N LYS B 128 -3.72 -34.46 13.50
CA LYS B 128 -4.99 -34.79 12.86
C LYS B 128 -5.94 -35.57 13.79
N ASN B 129 -5.57 -35.69 15.06
CA ASN B 129 -6.38 -36.42 16.04
C ASN B 129 -6.69 -37.83 15.54
N ASN B 130 -5.64 -38.54 15.12
CA ASN B 130 -5.77 -39.88 14.55
C ASN B 130 -6.36 -40.85 15.59
N PRO B 131 -7.46 -41.52 15.23
CA PRO B 131 -8.14 -42.47 16.13
C PRO B 131 -7.22 -43.58 16.61
N GLU B 132 -6.44 -44.14 15.69
CA GLU B 132 -5.57 -45.26 16.01
C GLU B 132 -4.48 -44.84 17.00
N LEU B 133 -3.94 -43.64 16.79
CA LEU B 133 -2.95 -43.10 17.73
C LEU B 133 -3.59 -42.80 19.08
N ALA B 134 -4.79 -42.22 19.05
CA ALA B 134 -5.50 -41.88 20.27
C ALA B 134 -5.83 -43.13 21.10
N GLN B 135 -6.18 -44.23 20.44
CA GLN B 135 -6.49 -45.47 21.15
C GLN B 135 -5.22 -46.06 21.78
N LYS B 136 -4.08 -45.91 21.12
CA LYS B 136 -2.82 -46.36 21.70
C LYS B 136 -2.48 -45.57 22.96
N TYR B 137 -2.75 -44.26 22.95
CA TYR B 137 -2.61 -43.44 24.15
C TYR B 137 -3.52 -43.98 25.24
N ALA B 138 -4.78 -44.17 24.89
CA ALA B 138 -5.81 -44.57 25.84
C ALA B 138 -5.51 -45.92 26.47
N ALA B 139 -4.90 -46.82 25.69
CA ALA B 139 -4.62 -48.16 26.18
C ALA B 139 -3.53 -48.18 27.24
N LEU B 140 -2.78 -47.07 27.35
CA LEU B 140 -1.69 -46.99 28.31
C LEU B 140 -2.20 -46.75 29.73
N CYS B 141 -3.46 -46.35 29.85
CA CYS B 141 -3.95 -45.87 31.13
C CYS B 141 -5.27 -46.48 31.57
N ASP B 142 -5.56 -46.28 32.85
CA ASP B 142 -6.88 -46.55 33.40
C ASP B 142 -7.65 -45.24 33.45
N VAL B 143 -6.92 -44.15 33.63
CA VAL B 143 -7.52 -42.82 33.69
C VAL B 143 -6.73 -41.83 32.84
N PHE B 144 -7.43 -41.12 31.96
CA PHE B 144 -6.84 -39.99 31.25
C PHE B 144 -7.18 -38.70 31.98
N VAL B 145 -6.16 -37.86 32.15
CA VAL B 145 -6.32 -36.58 32.84
C VAL B 145 -5.84 -35.43 31.94
N MET B 146 -6.77 -34.56 31.57
CA MET B 146 -6.47 -33.38 30.78
C MET B 146 -6.18 -32.19 31.68
N ASP B 147 -4.94 -31.72 31.70
CA ASP B 147 -4.57 -30.67 32.63
C ASP B 147 -3.97 -29.45 31.93
N ALA B 148 -4.21 -29.33 30.64
CA ALA B 148 -3.60 -28.26 29.85
C ALA B 148 -4.63 -27.44 29.07
N PHE B 149 -5.24 -26.47 29.73
CA PHE B 149 -6.30 -25.67 29.14
C PHE B 149 -5.84 -24.89 27.90
N GLY B 150 -4.58 -24.44 27.91
CA GLY B 150 -4.05 -23.64 26.82
C GLY B 150 -4.04 -24.33 25.46
N THR B 151 -4.22 -25.63 25.44
CA THR B 151 -4.29 -26.38 24.20
C THR B 151 -5.64 -27.04 24.02
N ALA B 152 -6.59 -26.72 24.90
CA ALA B 152 -7.88 -27.37 24.92
C ALA B 152 -8.79 -26.95 23.76
N HIS B 153 -8.42 -25.86 23.08
CA HIS B 153 -9.23 -25.33 21.99
C HIS B 153 -8.89 -26.02 20.67
N ARG B 154 -7.89 -26.89 20.70
CA ARG B 154 -7.42 -27.60 19.52
C ARG B 154 -7.60 -29.12 19.68
N ALA B 155 -8.31 -29.73 18.75
CA ALA B 155 -8.59 -31.16 18.79
C ALA B 155 -7.40 -31.97 18.31
N GLU B 156 -6.67 -32.58 19.24
CA GLU B 156 -5.51 -33.40 18.91
C GLU B 156 -5.57 -34.75 19.64
N ALA B 157 -4.74 -35.69 19.18
CA ALA B 157 -4.80 -37.06 19.70
C ALA B 157 -4.59 -37.13 21.21
N SER B 158 -3.69 -36.30 21.72
CA SER B 158 -3.36 -36.30 23.14
C SER B 158 -4.22 -35.35 23.97
N THR B 159 -5.12 -34.62 23.33
CA THR B 159 -5.95 -33.65 24.04
C THR B 159 -7.45 -33.94 23.89
N GLU B 160 -7.82 -34.68 22.85
CA GLU B 160 -9.24 -34.94 22.58
C GLU B 160 -9.53 -36.44 22.37
N GLY B 161 -8.85 -37.04 21.39
CA GLY B 161 -9.08 -38.44 21.05
C GLY B 161 -8.84 -39.41 22.19
N VAL B 162 -7.76 -39.20 22.92
CA VAL B 162 -7.38 -40.06 24.04
C VAL B 162 -8.46 -40.04 25.12
N ALA B 163 -9.09 -38.87 25.29
CA ALA B 163 -10.14 -38.73 26.27
C ALA B 163 -11.35 -39.52 25.83
N ARG B 164 -11.52 -39.65 24.52
CA ARG B 164 -12.66 -40.33 23.94
C ARG B 164 -12.58 -41.84 24.13
N PHE B 165 -11.36 -42.37 24.15
CA PHE B 165 -11.15 -43.80 24.18
C PHE B 165 -10.65 -44.34 25.52
N ALA B 166 -10.20 -43.45 26.41
CA ALA B 166 -9.75 -43.88 27.74
C ALA B 166 -10.90 -44.43 28.58
N PRO B 167 -10.60 -45.37 29.51
CA PRO B 167 -11.65 -45.90 30.39
C PRO B 167 -12.33 -44.80 31.19
N VAL B 168 -11.52 -43.91 31.79
CA VAL B 168 -12.03 -42.74 32.50
C VAL B 168 -11.32 -41.49 32.01
N ALA B 169 -12.11 -40.45 31.73
CA ALA B 169 -11.57 -39.15 31.34
C ALA B 169 -12.02 -38.08 32.32
N ALA B 170 -11.06 -37.33 32.88
CA ALA B 170 -11.37 -36.31 33.88
C ALA B 170 -10.52 -35.05 33.67
N ALA B 171 -10.89 -33.99 34.37
CA ALA B 171 -10.12 -32.75 34.32
C ALA B 171 -9.11 -32.71 35.46
N GLY B 172 -7.92 -32.24 35.16
CA GLY B 172 -6.90 -32.06 36.19
C GLY B 172 -7.17 -30.81 37.00
N PRO B 173 -6.41 -30.60 38.07
CA PRO B 173 -6.58 -29.43 38.94
C PRO B 173 -6.37 -28.10 38.20
N LEU B 174 -5.46 -28.05 37.24
CA LEU B 174 -5.24 -26.80 36.50
C LEU B 174 -6.44 -26.49 35.61
N LEU B 175 -6.86 -27.47 34.84
CA LEU B 175 -8.01 -27.31 33.95
C LEU B 175 -9.30 -27.04 34.73
N ALA B 176 -9.51 -27.79 35.81
CA ALA B 176 -10.73 -27.66 36.61
C ALA B 176 -10.85 -26.27 37.22
N ALA B 177 -9.75 -25.73 37.74
CA ALA B 177 -9.77 -24.41 38.35
C ALA B 177 -10.07 -23.37 37.27
N GLU B 178 -9.54 -23.58 36.09
CA GLU B 178 -9.74 -22.67 34.97
C GLU B 178 -11.20 -22.68 34.53
N LEU B 179 -11.78 -23.87 34.44
CA LEU B 179 -13.15 -24.01 33.95
C LEU B 179 -14.16 -23.51 34.98
N ASP B 180 -13.83 -23.62 36.26
CA ASP B 180 -14.68 -23.07 37.30
C ASP B 180 -14.68 -21.55 37.26
N ALA B 181 -13.51 -20.95 37.08
CA ALA B 181 -13.42 -19.49 37.07
C ALA B 181 -14.15 -18.93 35.86
N LEU B 182 -13.90 -19.49 34.68
CA LEU B 182 -14.57 -19.07 33.46
C LEU B 182 -16.08 -19.30 33.52
N GLY B 183 -16.48 -20.45 34.06
CA GLY B 183 -17.90 -20.75 34.22
C GLY B 183 -18.61 -19.74 35.09
N ARG B 184 -17.94 -19.33 36.17
CA ARG B 184 -18.51 -18.38 37.11
C ARG B 184 -18.76 -17.01 36.45
N ALA B 185 -17.93 -16.67 35.48
CA ALA B 185 -18.04 -15.37 34.82
C ALA B 185 -18.95 -15.40 33.58
N MET B 186 -19.02 -16.55 32.91
CA MET B 186 -19.76 -16.63 31.66
C MET B 186 -21.15 -17.29 31.78
N GLN B 187 -21.38 -18.03 32.86
CA GLN B 187 -22.62 -18.79 32.99
C GLN B 187 -23.46 -18.32 34.18
N THR B 188 -24.43 -17.46 33.86
CA THR B 188 -25.31 -16.82 34.85
C THR B 188 -24.52 -16.25 36.05
N PRO B 189 -23.71 -15.21 35.80
CA PRO B 189 -22.84 -14.67 36.86
C PRO B 189 -23.54 -13.72 37.81
N GLU B 190 -22.95 -13.48 38.97
CA GLU B 190 -23.50 -12.53 39.93
C GLU B 190 -23.47 -11.12 39.36
N LYS B 191 -24.63 -10.48 39.35
CA LYS B 191 -24.74 -9.13 38.81
C LYS B 191 -24.45 -8.10 39.90
N PRO B 192 -23.96 -6.91 39.50
CA PRO B 192 -23.66 -6.48 38.13
C PRO B 192 -22.43 -7.16 37.53
N MET B 193 -22.50 -7.45 36.23
CA MET B 193 -21.39 -8.09 35.54
C MET B 193 -20.78 -7.13 34.52
N VAL B 194 -19.50 -6.84 34.67
CA VAL B 194 -18.80 -5.90 33.81
C VAL B 194 -17.61 -6.56 33.12
N ALA B 195 -17.46 -6.31 31.82
CA ALA B 195 -16.29 -6.78 31.08
C ALA B 195 -15.45 -5.60 30.55
N ILE B 196 -14.14 -5.83 30.51
CA ILE B 196 -13.19 -4.87 29.96
C ILE B 196 -12.56 -5.52 28.73
N VAL B 197 -12.81 -4.95 27.57
CA VAL B 197 -12.29 -5.53 26.33
C VAL B 197 -11.46 -4.52 25.56
N ALA B 198 -10.17 -4.80 25.44
CA ALA B 198 -9.27 -3.88 24.74
C ALA B 198 -8.46 -4.61 23.70
N GLY B 199 -7.96 -3.84 22.74
CA GLY B 199 -7.16 -4.36 21.64
C GLY B 199 -7.06 -3.33 20.55
N SER B 200 -6.22 -3.60 19.55
CA SER B 200 -6.00 -2.65 18.47
C SER B 200 -7.20 -2.60 17.53
N LYS B 201 -7.96 -3.69 17.47
CA LYS B 201 -9.00 -3.84 16.47
C LYS B 201 -10.30 -4.44 17.00
N VAL B 202 -11.42 -3.86 16.57
CA VAL B 202 -12.73 -4.39 16.87
C VAL B 202 -12.90 -5.73 16.16
N SER B 203 -12.44 -5.79 14.92
CA SER B 203 -12.59 -6.98 14.10
C SER B 203 -11.94 -8.22 14.74
N THR B 204 -10.75 -8.04 15.32
CA THR B 204 -10.01 -9.16 15.92
C THR B 204 -10.74 -9.73 17.13
N LYS B 205 -11.45 -8.89 17.86
CA LYS B 205 -12.18 -9.33 19.04
C LYS B 205 -13.70 -9.17 18.90
N LEU B 206 -14.18 -9.24 17.67
CA LEU B 206 -15.59 -9.07 17.39
C LEU B 206 -16.42 -10.14 18.06
N ASP B 207 -15.94 -11.39 17.99
CA ASP B 207 -16.66 -12.50 18.59
C ASP B 207 -16.68 -12.33 20.11
N VAL B 208 -15.57 -11.88 20.67
CA VAL B 208 -15.49 -11.61 22.10
C VAL B 208 -16.51 -10.54 22.48
N LEU B 209 -16.55 -9.47 21.68
CA LEU B 209 -17.47 -8.37 21.96
C LEU B 209 -18.93 -8.82 21.87
N ASN B 210 -19.28 -9.51 20.79
CA ASN B 210 -20.66 -9.95 20.57
C ASN B 210 -21.11 -10.93 21.64
N SER B 211 -20.21 -11.82 22.05
CA SER B 211 -20.54 -12.80 23.08
C SER B 211 -20.81 -12.13 24.42
N LEU B 212 -19.93 -11.19 24.80
CA LEU B 212 -20.06 -10.52 26.08
C LEU B 212 -21.20 -9.50 26.09
N SER B 213 -21.54 -8.98 24.92
CA SER B 213 -22.63 -8.01 24.83
C SER B 213 -23.96 -8.63 25.27
N GLY B 214 -24.12 -9.93 25.03
CA GLY B 214 -25.31 -10.63 25.44
C GLY B 214 -25.33 -11.08 26.89
N ILE B 215 -24.22 -10.87 27.60
CA ILE B 215 -24.11 -11.36 28.98
C ILE B 215 -23.82 -10.22 29.96
N CYS B 216 -23.22 -9.14 29.47
CA CYS B 216 -22.78 -8.06 30.35
C CYS B 216 -23.85 -7.03 30.66
N ASP B 217 -23.70 -6.39 31.81
CA ASP B 217 -24.52 -5.24 32.17
C ASP B 217 -23.88 -3.97 31.63
N GLN B 218 -22.56 -3.89 31.71
CA GLN B 218 -21.79 -2.81 31.07
C GLN B 218 -20.52 -3.33 30.43
N LEU B 219 -20.16 -2.74 29.29
CA LEU B 219 -19.00 -3.18 28.54
C LEU B 219 -17.99 -2.05 28.35
N ILE B 220 -16.94 -2.07 29.17
CA ILE B 220 -15.87 -1.10 29.09
C ILE B 220 -14.88 -1.53 28.01
N VAL B 221 -14.54 -0.60 27.11
CA VAL B 221 -13.62 -0.86 26.01
C VAL B 221 -12.33 -0.02 26.13
N GLY B 222 -11.25 -0.48 25.52
CA GLY B 222 -9.98 0.21 25.61
C GLY B 222 -9.16 0.23 24.33
N GLY B 223 -8.25 1.18 24.22
CA GLY B 223 -7.33 1.24 23.09
C GLY B 223 -8.01 1.42 21.76
N GLY B 224 -7.52 0.71 20.74
CA GLY B 224 -8.08 0.80 19.41
C GLY B 224 -9.56 0.45 19.31
N ILE B 225 -9.98 -0.53 20.09
CA ILE B 225 -11.39 -0.90 20.13
C ILE B 225 -12.22 0.27 20.65
N ALA B 226 -11.76 0.88 21.74
CA ALA B 226 -12.47 2.02 22.32
C ALA B 226 -12.53 3.21 21.35
N ASN B 227 -11.47 3.43 20.59
CA ASN B 227 -11.45 4.56 19.65
C ASN B 227 -12.49 4.40 18.55
N THR B 228 -12.70 3.17 18.08
CA THR B 228 -13.72 2.90 17.08
C THR B 228 -15.11 3.20 17.66
N PHE B 229 -15.29 2.89 18.94
CA PHE B 229 -16.55 3.21 19.62
C PHE B 229 -16.71 4.73 19.76
N LEU B 230 -15.61 5.45 19.93
CA LEU B 230 -15.66 6.90 20.00
C LEU B 230 -16.13 7.46 18.67
N ALA B 231 -15.62 6.91 17.57
CA ALA B 231 -16.03 7.33 16.25
C ALA B 231 -17.49 6.95 16.01
N ALA B 232 -17.91 5.83 16.59
CA ALA B 232 -19.29 5.39 16.43
C ALA B 232 -20.25 6.31 17.18
N ALA B 233 -19.76 6.93 18.25
CA ALA B 233 -20.56 7.83 19.06
C ALA B 233 -20.55 9.25 18.49
N GLY B 234 -19.84 9.44 17.37
CA GLY B 234 -19.84 10.70 16.67
C GLY B 234 -18.74 11.69 17.04
N TYR B 235 -17.77 11.26 17.83
CA TYR B 235 -16.66 12.13 18.18
C TYR B 235 -15.55 12.00 17.15
N ASN B 236 -14.72 13.03 17.03
CA ASN B 236 -13.57 12.96 16.13
C ASN B 236 -12.38 12.36 16.85
N VAL B 237 -11.68 11.44 16.19
CA VAL B 237 -10.58 10.74 16.83
C VAL B 237 -9.24 11.11 16.22
N GLY B 238 -9.24 12.02 15.25
CA GLY B 238 -8.01 12.48 14.64
C GLY B 238 -7.21 11.38 13.98
N LYS B 239 -5.95 11.23 14.37
CA LYS B 239 -5.10 10.18 13.82
C LYS B 239 -4.98 9.00 14.77
N SER B 240 -5.96 8.85 15.67
CA SER B 240 -5.93 7.72 16.60
C SER B 240 -6.06 6.39 15.86
N LEU B 241 -5.53 5.35 16.49
CA LEU B 241 -5.71 3.99 16.01
C LEU B 241 -7.19 3.63 16.09
N TYR B 242 -7.82 3.35 14.96
CA TYR B 242 -9.19 2.86 14.97
C TYR B 242 -9.52 2.19 13.65
N GLU B 243 -10.66 1.51 13.61
CA GLU B 243 -11.13 0.85 12.40
C GLU B 243 -12.32 1.58 11.84
N ALA B 244 -12.13 2.27 10.72
CA ALA B 244 -13.19 3.03 10.09
C ALA B 244 -14.28 2.08 9.60
N ASP B 245 -13.88 0.87 9.23
CA ASP B 245 -14.79 -0.12 8.64
C ASP B 245 -15.69 -0.79 9.66
N LEU B 246 -15.29 -0.79 10.93
CA LEU B 246 -16.06 -1.45 11.98
C LEU B 246 -16.82 -0.44 12.83
N VAL B 247 -16.95 0.78 12.32
CA VAL B 247 -17.67 1.82 13.05
C VAL B 247 -19.16 1.52 13.06
N GLU B 248 -19.71 1.16 11.91
CA GLU B 248 -21.13 0.83 11.80
C GLU B 248 -21.48 -0.37 12.69
N THR B 249 -20.56 -1.33 12.78
CA THR B 249 -20.74 -2.49 13.64
C THR B 249 -20.71 -2.10 15.11
N ALA B 250 -19.77 -1.24 15.48
CA ALA B 250 -19.62 -0.80 16.86
C ALA B 250 -20.86 -0.04 17.34
N LYS B 251 -21.45 0.71 16.41
CA LYS B 251 -22.69 1.42 16.68
C LYS B 251 -23.77 0.44 17.12
N GLN B 252 -23.83 -0.72 16.45
CA GLN B 252 -24.81 -1.74 16.77
C GLN B 252 -24.57 -2.37 18.14
N ILE B 253 -23.32 -2.66 18.44
CA ILE B 253 -22.97 -3.24 19.75
C ILE B 253 -23.35 -2.28 20.86
N ALA B 254 -23.02 -1.00 20.68
CA ALA B 254 -23.30 0.02 21.68
C ALA B 254 -24.80 0.22 21.89
N ALA B 255 -25.59 -0.19 20.90
CA ALA B 255 -27.04 -0.13 20.99
C ALA B 255 -27.59 -1.35 21.73
N LYS B 256 -26.88 -2.46 21.62
CA LYS B 256 -27.31 -3.71 22.24
C LYS B 256 -26.92 -3.78 23.72
N VAL B 257 -25.81 -3.14 24.08
CA VAL B 257 -25.33 -3.16 25.45
C VAL B 257 -24.74 -1.81 25.86
N SER B 258 -24.81 -1.50 27.16
CA SER B 258 -24.28 -0.25 27.68
C SER B 258 -22.76 -0.22 27.60
N VAL B 259 -22.24 0.65 26.73
CA VAL B 259 -20.81 0.82 26.57
C VAL B 259 -20.39 2.18 27.11
N PRO B 260 -19.85 2.21 28.33
CA PRO B 260 -19.42 3.48 28.95
C PRO B 260 -18.38 4.19 28.10
N LEU B 261 -18.76 5.34 27.55
CA LEU B 261 -17.86 6.10 26.69
C LEU B 261 -17.11 7.17 27.50
N PRO B 262 -15.82 7.36 27.18
CA PRO B 262 -14.95 8.35 27.82
C PRO B 262 -15.46 9.79 27.69
N THR B 263 -15.29 10.57 28.75
CA THR B 263 -15.62 11.98 28.73
C THR B 263 -14.36 12.83 28.50
N ASP B 264 -13.21 12.25 28.84
CA ASP B 264 -11.93 12.90 28.61
C ASP B 264 -10.85 11.90 28.19
N VAL B 265 -9.79 12.41 27.56
CA VAL B 265 -8.78 11.55 26.96
C VAL B 265 -7.37 12.17 27.08
N VAL B 266 -6.33 11.33 27.00
CA VAL B 266 -4.96 11.81 26.91
C VAL B 266 -4.49 11.62 25.47
N VAL B 267 -4.01 12.69 24.85
CA VAL B 267 -3.57 12.64 23.46
C VAL B 267 -2.13 13.08 23.30
N ALA B 268 -1.54 12.70 22.17
CA ALA B 268 -0.28 13.28 21.73
C ALA B 268 -0.45 13.72 20.29
N ASP B 269 0.35 14.69 19.86
CA ASP B 269 0.29 15.10 18.46
C ASP B 269 1.07 14.09 17.65
N ALA B 270 0.49 13.66 16.54
CA ALA B 270 1.04 12.56 15.74
C ALA B 270 2.43 12.85 15.19
N SER B 271 2.83 14.12 15.16
CA SER B 271 4.16 14.46 14.67
C SER B 271 5.24 13.96 15.61
N GLN B 272 4.86 13.73 16.87
CA GLN B 272 5.80 13.25 17.87
C GLN B 272 5.88 11.73 17.93
N ILE B 273 5.04 11.04 17.17
CA ILE B 273 4.99 9.60 17.28
C ILE B 273 5.69 8.93 16.11
N ASN B 274 6.75 8.18 16.43
CA ASN B 274 7.48 7.37 15.46
C ASN B 274 7.20 5.89 15.71
N PHE B 275 6.50 5.26 14.79
CA PHE B 275 6.09 3.87 14.98
C PHE B 275 7.25 2.86 14.85
N GLU B 276 8.41 3.34 14.40
CA GLU B 276 9.62 2.52 14.39
C GLU B 276 10.18 2.40 15.81
N ASP B 277 10.05 3.49 16.57
CA ASP B 277 10.40 3.49 17.98
C ASP B 277 9.20 4.00 18.77
N PHE B 278 8.17 3.16 18.84
CA PHE B 278 6.87 3.55 19.39
C PHE B 278 6.97 3.98 20.86
N LEU B 279 7.53 3.10 21.68
CA LEU B 279 7.65 3.36 23.12
C LEU B 279 8.62 4.50 23.40
N GLY B 280 9.72 4.53 22.66
CA GLY B 280 10.72 5.57 22.83
C GLY B 280 10.19 6.95 22.52
N SER B 281 9.51 7.08 21.38
CA SER B 281 9.00 8.37 20.97
C SER B 281 7.75 8.75 21.75
N LEU B 282 7.18 7.79 22.49
CA LEU B 282 5.96 8.05 23.24
C LEU B 282 6.34 8.64 24.58
N ALA B 283 7.47 8.20 25.11
CA ALA B 283 8.00 8.72 26.36
C ALA B 283 8.51 10.14 26.18
N ALA B 284 9.00 10.44 24.97
CA ALA B 284 9.56 11.75 24.65
C ALA B 284 8.47 12.73 24.25
N ALA B 285 7.29 12.21 23.96
CA ALA B 285 6.17 13.03 23.50
C ALA B 285 5.62 13.91 24.60
N GLN B 286 4.89 14.96 24.21
CA GLN B 286 4.20 15.81 25.17
C GLN B 286 2.74 15.40 25.25
N ALA B 287 2.31 14.91 26.40
CA ALA B 287 0.94 14.45 26.57
C ALA B 287 0.02 15.60 26.92
N VAL B 288 -1.20 15.57 26.38
CA VAL B 288 -2.18 16.60 26.66
C VAL B 288 -3.52 15.96 27.02
N ILE B 289 -4.10 16.39 28.14
CA ILE B 289 -5.40 15.93 28.58
C ILE B 289 -6.52 16.79 28.00
N LYS B 290 -7.47 16.15 27.30
CA LYS B 290 -8.56 16.88 26.65
C LYS B 290 -9.90 16.20 26.89
N LYS B 291 -10.98 16.92 26.63
CA LYS B 291 -12.32 16.33 26.60
C LYS B 291 -12.51 15.67 25.23
N VAL B 292 -13.38 14.67 25.16
CA VAL B 292 -13.52 13.88 23.93
C VAL B 292 -14.05 14.70 22.76
N GLU B 293 -14.78 15.78 23.05
CA GLU B 293 -15.32 16.61 21.99
C GLU B 293 -14.30 17.63 21.47
N ASP B 294 -13.07 17.58 21.98
CA ASP B 294 -12.05 18.56 21.61
C ASP B 294 -10.81 17.93 20.98
N VAL B 295 -10.90 16.66 20.61
CA VAL B 295 -9.83 15.99 19.88
C VAL B 295 -9.69 16.55 18.46
N THR B 296 -8.51 17.06 18.14
CA THR B 296 -8.26 17.64 16.83
C THR B 296 -7.72 16.62 15.83
N ALA B 297 -7.57 17.06 14.58
CA ALA B 297 -7.29 16.15 13.47
C ALA B 297 -5.93 15.45 13.57
N ASN B 298 -4.96 16.09 14.20
CA ASN B 298 -3.62 15.53 14.26
C ASN B 298 -3.35 14.85 15.61
N ASP B 299 -4.38 14.74 16.44
CA ASP B 299 -4.25 14.10 17.74
C ASP B 299 -4.27 12.58 17.66
N MET B 300 -3.71 11.96 18.68
CA MET B 300 -3.69 10.51 18.81
C MET B 300 -4.04 10.11 20.23
N ILE B 301 -5.19 9.48 20.41
CA ILE B 301 -5.64 9.00 21.72
C ILE B 301 -4.80 7.83 22.20
N LEU B 302 -4.16 7.99 23.37
CA LEU B 302 -3.24 6.98 23.87
C LEU B 302 -3.55 6.56 25.30
N ASP B 303 -4.59 7.15 25.89
CA ASP B 303 -5.05 6.79 27.23
C ASP B 303 -6.35 7.52 27.53
N VAL B 304 -7.12 7.01 28.49
CA VAL B 304 -8.31 7.70 28.95
C VAL B 304 -7.88 8.76 29.96
N GLY B 305 -8.67 9.81 30.10
CA GLY B 305 -8.36 10.88 31.04
C GLY B 305 -8.81 10.58 32.45
N PRO B 306 -8.47 11.47 33.40
CA PRO B 306 -8.78 11.34 34.82
C PRO B 306 -10.28 11.16 35.14
N GLU B 307 -11.14 11.98 34.57
CA GLU B 307 -12.57 11.91 34.84
C GLU B 307 -13.13 10.57 34.38
N THR B 308 -12.61 10.08 33.26
CA THR B 308 -13.03 8.80 32.72
C THR B 308 -12.53 7.65 33.60
N ALA B 309 -11.30 7.75 34.07
CA ALA B 309 -10.72 6.72 34.93
C ALA B 309 -11.53 6.60 36.23
N LYS B 310 -11.93 7.74 36.80
CA LYS B 310 -12.76 7.74 38.00
C LYS B 310 -14.12 7.12 37.73
N ALA B 311 -14.64 7.33 36.52
CA ALA B 311 -15.94 6.78 36.14
C ALA B 311 -15.89 5.27 35.96
N PHE B 312 -14.83 4.80 35.32
CA PHE B 312 -14.64 3.37 35.13
C PHE B 312 -14.47 2.66 36.46
N ALA B 313 -13.71 3.30 37.36
CA ALA B 313 -13.44 2.73 38.67
C ALA B 313 -14.71 2.56 39.50
N ASN B 314 -15.64 3.50 39.33
CA ASN B 314 -16.91 3.44 40.04
C ASN B 314 -17.77 2.28 39.55
N ILE B 315 -17.77 2.07 38.24
CA ILE B 315 -18.52 0.98 37.63
C ILE B 315 -18.02 -0.35 38.18
N LEU B 316 -16.70 -0.48 38.25
CA LEU B 316 -16.04 -1.70 38.69
C LEU B 316 -16.20 -1.96 40.19
N THR B 317 -16.50 -0.92 40.97
CA THR B 317 -16.66 -1.09 42.41
C THR B 317 -18.09 -1.53 42.74
N THR B 318 -19.04 -1.09 41.92
CA THR B 318 -20.44 -1.43 42.12
C THR B 318 -20.74 -2.84 41.63
N SER B 319 -19.89 -3.35 40.74
CA SER B 319 -20.12 -4.65 40.10
C SER B 319 -19.88 -5.81 41.06
N LYS B 320 -20.30 -7.01 40.66
CA LYS B 320 -20.13 -8.21 41.48
C LYS B 320 -19.39 -9.30 40.70
N THR B 321 -19.22 -9.08 39.40
CA THR B 321 -18.43 -9.97 38.56
C THR B 321 -17.67 -9.17 37.50
N ILE B 322 -16.36 -9.41 37.39
CA ILE B 322 -15.54 -8.69 36.43
C ILE B 322 -14.70 -9.63 35.58
N LEU B 323 -14.82 -9.49 34.26
CA LEU B 323 -13.92 -10.16 33.32
C LEU B 323 -13.00 -9.12 32.72
N TRP B 324 -11.70 -9.29 32.93
CA TRP B 324 -10.73 -8.26 32.57
C TRP B 324 -9.86 -8.68 31.40
N ASN B 325 -10.07 -8.08 30.24
CA ASN B 325 -9.29 -8.43 29.06
C ASN B 325 -8.73 -7.19 28.36
N GLY B 326 -7.79 -6.51 29.02
CA GLY B 326 -7.09 -5.40 28.41
C GLY B 326 -6.96 -4.10 29.20
N PRO B 327 -5.93 -3.31 28.87
CA PRO B 327 -5.69 -2.00 29.47
C PRO B 327 -6.50 -0.92 28.75
N VAL B 328 -6.56 0.30 29.27
CA VAL B 328 -7.32 1.35 28.60
C VAL B 328 -6.39 2.39 27.99
N GLY B 329 -5.11 2.08 27.92
CA GLY B 329 -4.13 2.98 27.35
C GLY B 329 -2.77 2.31 27.22
N VAL B 330 -1.81 3.00 26.61
CA VAL B 330 -0.46 2.47 26.46
C VAL B 330 0.30 2.64 27.79
N PHE B 331 -0.02 1.77 28.75
CA PHE B 331 0.46 1.91 30.12
C PHE B 331 1.95 1.65 30.28
N GLU B 332 2.57 1.07 29.25
CA GLU B 332 4.00 0.83 29.25
C GLU B 332 4.77 2.14 29.48
N VAL B 333 4.20 3.24 28.98
CA VAL B 333 4.75 4.57 29.21
C VAL B 333 3.91 5.33 30.24
N ASP B 334 4.55 5.80 31.30
CA ASP B 334 3.86 6.31 32.48
C ASP B 334 2.87 7.47 32.24
N GLN B 335 3.16 8.38 31.32
CA GLN B 335 2.27 9.52 31.08
C GLN B 335 0.97 9.08 30.39
N PHE B 336 0.95 7.85 29.88
CA PHE B 336 -0.27 7.28 29.30
C PHE B 336 -0.72 6.04 30.07
N GLY B 337 -0.35 5.96 31.34
CA GLY B 337 -0.66 4.81 32.15
C GLY B 337 -1.58 5.06 33.32
N GLU B 338 -1.95 6.32 33.53
CA GLU B 338 -2.80 6.68 34.66
C GLU B 338 -4.16 6.00 34.56
N GLY B 339 -4.64 5.84 33.33
CA GLY B 339 -5.91 5.19 33.08
C GLY B 339 -5.92 3.72 33.48
N THR B 340 -4.90 2.99 33.06
CA THR B 340 -4.78 1.57 33.37
C THR B 340 -4.45 1.37 34.87
N LYS B 341 -3.70 2.30 35.45
CA LYS B 341 -3.38 2.23 36.87
C LYS B 341 -4.67 2.30 37.68
N ALA B 342 -5.52 3.26 37.33
CA ALA B 342 -6.79 3.43 38.00
C ALA B 342 -7.65 2.19 37.78
N LEU B 343 -7.59 1.64 36.57
CA LEU B 343 -8.36 0.45 36.24
C LEU B 343 -7.86 -0.79 36.99
N SER B 344 -6.55 -0.97 37.04
CA SER B 344 -5.94 -2.12 37.71
C SER B 344 -6.24 -2.13 39.20
N LEU B 345 -6.07 -0.98 39.85
CA LEU B 345 -6.33 -0.82 41.27
C LEU B 345 -7.82 -1.04 41.58
N ALA B 346 -8.69 -0.59 40.68
CA ALA B 346 -10.12 -0.72 40.87
C ALA B 346 -10.59 -2.17 40.79
N VAL B 347 -10.08 -2.91 39.83
CA VAL B 347 -10.45 -4.32 39.68
C VAL B 347 -10.01 -5.10 40.92
N ALA B 348 -8.80 -4.80 41.39
CA ALA B 348 -8.22 -5.51 42.54
C ALA B 348 -9.00 -5.24 43.82
N GLN B 349 -9.28 -3.97 44.07
CA GLN B 349 -9.90 -3.53 45.33
C GLN B 349 -11.41 -3.82 45.39
N SER B 350 -11.99 -4.18 44.25
CA SER B 350 -13.42 -4.42 44.18
C SER B 350 -13.81 -5.70 44.90
N ASP B 351 -15.02 -5.71 45.46
CA ASP B 351 -15.55 -6.91 46.12
C ASP B 351 -15.95 -7.94 45.08
N ALA B 352 -16.07 -7.49 43.83
CA ALA B 352 -16.46 -8.36 42.73
C ALA B 352 -15.49 -9.54 42.57
N PHE B 353 -15.99 -10.64 42.05
CA PHE B 353 -15.13 -11.74 41.64
C PHE B 353 -14.51 -11.38 40.29
N SER B 354 -13.18 -11.32 40.26
CA SER B 354 -12.50 -10.87 39.06
C SER B 354 -11.71 -11.98 38.38
N ILE B 355 -11.87 -12.08 37.07
CA ILE B 355 -11.09 -13.01 36.27
C ILE B 355 -10.37 -12.22 35.16
N ALA B 356 -9.09 -12.50 34.98
CA ALA B 356 -8.29 -11.79 34.00
C ALA B 356 -7.66 -12.76 33.01
N GLY B 357 -7.46 -12.30 31.79
CA GLY B 357 -6.84 -13.10 30.74
C GLY B 357 -6.29 -12.26 29.62
N GLY B 358 -5.29 -12.77 28.92
CA GLY B 358 -4.65 -12.04 27.84
C GLY B 358 -3.33 -11.43 28.28
N GLY B 359 -2.35 -11.46 27.39
CA GLY B 359 -1.01 -11.00 27.72
C GLY B 359 -0.95 -9.58 28.25
N ASP B 360 -1.65 -8.67 27.59
CA ASP B 360 -1.66 -7.25 27.96
C ASP B 360 -2.24 -7.04 29.35
N THR B 361 -3.27 -7.80 29.68
CA THR B 361 -3.92 -7.68 30.98
C THR B 361 -2.94 -8.07 32.07
N LEU B 362 -2.31 -9.24 31.89
CA LEU B 362 -1.37 -9.78 32.87
C LEU B 362 -0.16 -8.89 33.02
N ALA B 363 0.27 -8.28 31.91
CA ALA B 363 1.38 -7.33 31.97
C ALA B 363 1.00 -6.16 32.88
N ALA B 364 -0.25 -5.70 32.78
CA ALA B 364 -0.72 -4.63 33.63
C ALA B 364 -0.78 -5.09 35.08
N ILE B 365 -1.24 -6.32 35.28
CA ILE B 365 -1.36 -6.89 36.61
C ILE B 365 -0.01 -6.90 37.32
N ASP B 366 1.03 -7.35 36.61
CA ASP B 366 2.37 -7.40 37.18
C ASP B 366 2.99 -6.02 37.37
N LYS B 367 2.74 -5.12 36.43
CA LYS B 367 3.33 -3.79 36.48
C LYS B 367 2.78 -3.05 37.69
N TYR B 368 1.51 -3.26 38.00
CA TYR B 368 0.87 -2.58 39.12
C TYR B 368 0.76 -3.47 40.35
N ASN B 369 1.36 -4.67 40.26
CA ASN B 369 1.49 -5.58 41.39
C ASN B 369 0.17 -5.84 42.10
N VAL B 370 -0.82 -6.34 41.37
CA VAL B 370 -2.13 -6.59 41.94
C VAL B 370 -2.56 -8.04 41.74
N ALA B 371 -1.59 -8.91 41.46
CA ALA B 371 -1.90 -10.31 41.14
C ALA B 371 -2.69 -10.99 42.25
N ASP B 372 -2.26 -10.83 43.49
CA ASP B 372 -2.88 -11.51 44.63
C ASP B 372 -4.32 -11.07 44.89
N GLN B 373 -4.72 -9.96 44.27
CA GLN B 373 -6.03 -9.37 44.54
C GLN B 373 -7.02 -9.61 43.41
N ILE B 374 -6.61 -10.37 42.40
CA ILE B 374 -7.48 -10.77 41.32
C ILE B 374 -7.98 -12.19 41.60
N GLY B 375 -9.30 -12.39 41.48
CA GLY B 375 -9.91 -13.66 41.79
C GLY B 375 -9.25 -14.84 41.10
N TYR B 376 -9.11 -14.73 39.78
CA TYR B 376 -8.41 -15.75 39.01
C TYR B 376 -7.66 -15.17 37.80
N ILE B 377 -6.40 -15.54 37.64
CA ILE B 377 -5.60 -15.09 36.50
C ILE B 377 -5.34 -16.23 35.53
N SER B 378 -5.89 -16.12 34.33
CA SER B 378 -5.71 -17.15 33.31
C SER B 378 -4.50 -16.90 32.43
N THR B 379 -3.83 -17.99 32.07
CA THR B 379 -2.72 -17.95 31.13
C THR B 379 -3.14 -18.63 29.84
N GLY B 380 -4.45 -18.79 29.68
CA GLY B 380 -4.99 -19.56 28.58
C GLY B 380 -4.80 -18.96 27.21
N GLY B 381 -4.61 -17.64 27.15
CA GLY B 381 -4.40 -16.95 25.89
C GLY B 381 -5.56 -17.15 24.92
N GLY B 382 -5.25 -17.73 23.75
CA GLY B 382 -6.25 -17.95 22.73
C GLY B 382 -7.40 -18.85 23.11
N ALA B 383 -7.12 -19.87 23.92
CA ALA B 383 -8.14 -20.78 24.40
C ALA B 383 -9.08 -20.05 25.35
N PHE B 384 -8.50 -19.17 26.16
CA PHE B 384 -9.25 -18.33 27.07
C PHE B 384 -10.27 -17.50 26.31
N LEU B 385 -9.83 -16.88 25.22
CA LEU B 385 -10.70 -16.02 24.43
C LEU B 385 -11.79 -16.82 23.74
N GLU B 386 -11.45 -18.00 23.23
CA GLU B 386 -12.44 -18.80 22.51
C GLU B 386 -13.56 -19.24 23.45
N PHE B 387 -13.24 -19.46 24.72
CA PHE B 387 -14.28 -19.80 25.69
C PHE B 387 -15.18 -18.60 25.88
N VAL B 388 -14.56 -17.43 26.04
CA VAL B 388 -15.32 -16.20 26.20
C VAL B 388 -16.15 -15.94 24.93
N GLU B 389 -15.61 -16.33 23.77
CA GLU B 389 -16.36 -16.22 22.53
C GLU B 389 -17.55 -17.18 22.51
N GLY B 390 -17.56 -18.15 23.42
CA GLY B 390 -18.66 -19.09 23.49
C GLY B 390 -18.47 -20.32 22.60
N LYS B 391 -17.38 -20.33 21.86
CA LYS B 391 -17.06 -21.48 21.01
C LYS B 391 -16.87 -22.73 21.85
N THR B 392 -17.06 -23.89 21.23
CA THR B 392 -16.87 -25.16 21.91
C THR B 392 -15.42 -25.61 21.82
N LEU B 393 -14.76 -25.70 22.97
CA LEU B 393 -13.41 -26.23 23.02
C LEU B 393 -13.47 -27.75 23.03
N PRO B 394 -12.91 -28.38 21.98
CA PRO B 394 -12.99 -29.84 21.76
C PRO B 394 -12.56 -30.67 22.97
N ALA B 395 -11.51 -30.23 23.67
CA ALA B 395 -10.98 -31.00 24.79
C ALA B 395 -11.89 -30.91 26.00
N VAL B 396 -12.62 -29.81 26.11
CA VAL B 396 -13.56 -29.61 27.19
C VAL B 396 -14.85 -30.38 26.93
N ALA B 397 -15.30 -30.35 25.67
CA ALA B 397 -16.55 -30.99 25.26
C ALA B 397 -16.53 -32.51 25.47
N VAL B 398 -15.40 -33.15 25.23
CA VAL B 398 -15.31 -34.59 25.38
C VAL B 398 -15.43 -34.95 26.86
N LEU B 399 -14.89 -34.09 27.73
CA LEU B 399 -14.93 -34.36 29.16
C LEU B 399 -16.35 -34.25 29.69
N LEU B 400 -17.15 -33.36 29.11
CA LEU B 400 -18.54 -33.19 29.51
C LEU B 400 -19.42 -34.38 29.14
N GLU B 401 -19.18 -34.98 27.97
CA GLU B 401 -20.01 -36.10 27.54
C GLU B 401 -19.51 -37.42 28.12
N ARG B 402 -18.38 -37.37 28.81
CA ARG B 402 -17.81 -38.53 29.48
C ARG B 402 -17.82 -38.35 30.99
N ALA B 403 -18.77 -37.56 31.47
CA ALA B 403 -18.82 -37.19 32.87
C ALA B 403 -19.97 -37.88 33.57
N HIS C 8 -11.60 -9.06 -49.54
CA HIS C 8 -10.38 -9.09 -50.35
C HIS C 8 -9.22 -8.36 -49.67
N MET C 9 -8.02 -8.92 -49.79
CA MET C 9 -6.82 -8.33 -49.22
C MET C 9 -6.11 -7.45 -50.26
N ASN C 10 -5.59 -6.31 -49.82
CA ASN C 10 -4.93 -5.36 -50.71
C ASN C 10 -3.45 -5.69 -50.88
N PHE C 11 -3.13 -6.44 -51.94
CA PHE C 11 -1.75 -6.70 -52.31
C PHE C 11 -1.62 -6.67 -53.83
N GLN C 12 -0.41 -6.39 -54.31
CA GLN C 12 -0.18 -6.33 -55.74
C GLN C 12 -0.12 -7.75 -56.33
N ARG C 13 -0.57 -7.89 -57.57
CA ARG C 13 -0.61 -9.19 -58.24
C ARG C 13 0.18 -9.13 -59.54
N MET C 14 0.92 -10.19 -59.82
CA MET C 14 1.77 -10.26 -61.01
C MET C 14 0.96 -10.08 -62.29
N THR C 15 -0.24 -10.65 -62.31
CA THR C 15 -1.09 -10.60 -63.50
C THR C 15 -1.60 -9.21 -63.82
N ASP C 16 -1.49 -8.29 -62.87
CA ASP C 16 -2.00 -6.93 -63.07
C ASP C 16 -0.87 -5.96 -63.42
N LEU C 17 0.36 -6.47 -63.46
CA LEU C 17 1.53 -5.63 -63.68
C LEU C 17 2.00 -5.67 -65.13
N ASN C 18 2.56 -4.57 -65.61
CA ASN C 18 3.26 -4.57 -66.88
C ASN C 18 4.68 -5.05 -66.62
N LEU C 19 5.13 -6.02 -67.41
CA LEU C 19 6.44 -6.64 -67.17
C LEU C 19 7.38 -6.53 -68.39
N ALA C 20 7.03 -5.65 -69.33
CA ALA C 20 7.83 -5.44 -70.53
C ALA C 20 9.23 -4.96 -70.17
N GLY C 21 10.23 -5.77 -70.53
CA GLY C 21 11.61 -5.41 -70.27
C GLY C 21 12.00 -5.48 -68.80
N LYS C 22 11.16 -6.09 -67.97
CA LYS C 22 11.47 -6.12 -66.54
C LYS C 22 12.02 -7.48 -66.11
N ARG C 23 12.92 -7.43 -65.13
CA ARG C 23 13.53 -8.62 -64.53
C ARG C 23 12.65 -9.12 -63.40
N VAL C 24 12.06 -10.31 -63.57
CA VAL C 24 11.06 -10.84 -62.63
C VAL C 24 11.57 -12.06 -61.87
N LEU C 25 11.64 -11.94 -60.54
CA LEU C 25 12.10 -13.01 -59.67
C LEU C 25 10.93 -13.72 -58.98
N ILE C 26 10.72 -14.99 -59.33
CA ILE C 26 9.54 -15.72 -58.84
C ILE C 26 9.93 -16.82 -57.85
N ARG C 27 9.39 -16.73 -56.64
CA ARG C 27 9.58 -17.77 -55.63
C ARG C 27 8.50 -18.83 -55.81
N GLU C 28 8.91 -20.02 -56.23
CA GLU C 28 8.00 -21.13 -56.42
C GLU C 28 8.30 -22.25 -55.42
N ASP C 29 7.37 -23.19 -55.27
CA ASP C 29 7.63 -24.38 -54.49
C ASP C 29 7.95 -25.54 -55.43
N LEU C 30 9.24 -25.71 -55.69
CA LEU C 30 9.72 -26.77 -56.57
C LEU C 30 10.41 -27.84 -55.75
N ASN C 31 10.04 -27.93 -54.48
CA ASN C 31 10.54 -28.95 -53.57
C ASN C 31 9.91 -30.30 -53.90
N VAL C 32 10.36 -30.90 -55.00
CA VAL C 32 9.83 -32.18 -55.47
C VAL C 32 10.60 -33.37 -54.87
N PRO C 33 9.92 -34.50 -54.67
CA PRO C 33 10.62 -35.71 -54.23
C PRO C 33 11.61 -36.20 -55.28
N VAL C 34 12.84 -36.52 -54.86
CA VAL C 34 13.86 -36.99 -55.79
C VAL C 34 14.41 -38.33 -55.32
N LYS C 35 14.61 -39.25 -56.27
CA LYS C 35 15.20 -40.55 -55.97
C LYS C 35 16.22 -40.90 -57.04
N ASN C 36 17.50 -40.85 -56.66
CA ASN C 36 18.62 -41.11 -57.58
C ASN C 36 18.64 -40.16 -58.76
N GLY C 37 18.38 -38.87 -58.50
CA GLY C 37 18.40 -37.88 -59.55
C GLY C 37 17.20 -37.88 -60.47
N VAL C 38 16.16 -38.62 -60.07
CA VAL C 38 14.95 -38.67 -60.87
C VAL C 38 13.79 -38.14 -60.02
N ILE C 39 12.97 -37.28 -60.62
CA ILE C 39 11.81 -36.75 -59.95
C ILE C 39 10.70 -37.80 -59.89
N THR C 40 10.26 -38.15 -58.69
CA THR C 40 9.27 -39.21 -58.53
C THR C 40 7.85 -38.66 -58.60
N SER C 41 7.69 -37.36 -58.34
CA SER C 41 6.37 -36.74 -58.47
C SER C 41 6.54 -35.28 -58.91
N ASP C 42 5.91 -34.93 -60.03
CA ASP C 42 6.09 -33.61 -60.63
C ASP C 42 4.88 -32.69 -60.43
N ALA C 43 4.08 -32.99 -59.41
CA ALA C 43 2.86 -32.24 -59.13
C ALA C 43 3.15 -30.76 -58.89
N ARG C 44 4.19 -30.46 -58.09
CA ARG C 44 4.57 -29.09 -57.80
C ARG C 44 5.11 -28.38 -59.04
N LEU C 45 5.74 -29.15 -59.92
CA LEU C 45 6.29 -28.62 -61.16
C LEU C 45 5.18 -28.20 -62.12
N ARG C 46 4.17 -29.05 -62.27
CA ARG C 46 3.08 -28.75 -63.19
C ARG C 46 2.21 -27.62 -62.66
N ALA C 47 2.16 -27.46 -61.35
CA ALA C 47 1.36 -26.41 -60.73
C ALA C 47 1.98 -25.04 -60.94
N ALA C 48 3.30 -24.98 -61.02
CA ALA C 48 4.00 -23.71 -61.15
C ALA C 48 4.18 -23.25 -62.59
N LEU C 49 4.03 -24.18 -63.53
CA LEU C 49 4.27 -23.88 -64.95
C LEU C 49 3.42 -22.71 -65.50
N PRO C 50 2.10 -22.68 -65.21
CA PRO C 50 1.32 -21.56 -65.76
C PRO C 50 1.78 -20.18 -65.30
N THR C 51 2.29 -20.06 -64.08
CA THR C 51 2.80 -18.78 -63.59
C THR C 51 3.99 -18.32 -64.43
N ILE C 52 4.90 -19.25 -64.68
CA ILE C 52 6.09 -18.98 -65.45
C ILE C 52 5.73 -18.57 -66.87
N LYS C 53 4.79 -19.30 -67.47
CA LYS C 53 4.38 -19.03 -68.84
C LYS C 53 3.67 -17.68 -68.96
N ALA C 54 2.89 -17.32 -67.94
CA ALA C 54 2.18 -16.05 -67.93
C ALA C 54 3.18 -14.90 -67.89
N ALA C 55 4.22 -15.08 -67.09
CA ALA C 55 5.28 -14.08 -66.99
C ALA C 55 5.99 -13.91 -68.32
N LEU C 56 6.28 -15.04 -68.98
CA LEU C 56 6.94 -15.01 -70.28
C LEU C 56 6.07 -14.37 -71.35
N GLU C 57 4.78 -14.68 -71.32
CA GLU C 57 3.83 -14.10 -72.26
C GLU C 57 3.83 -12.58 -72.09
N LYS C 58 4.06 -12.13 -70.86
CA LYS C 58 4.10 -10.70 -70.55
C LYS C 58 5.43 -10.05 -70.94
N GLY C 59 6.32 -10.82 -71.58
CA GLY C 59 7.58 -10.29 -72.06
C GLY C 59 8.62 -10.03 -71.00
N ALA C 60 8.60 -10.83 -69.94
CA ALA C 60 9.50 -10.62 -68.81
C ALA C 60 10.77 -11.46 -68.94
N ALA C 61 11.84 -11.00 -68.28
CA ALA C 61 13.04 -11.80 -68.09
C ALA C 61 12.92 -12.55 -66.76
N VAL C 62 12.70 -13.86 -66.83
CA VAL C 62 12.28 -14.62 -65.65
C VAL C 62 13.40 -15.37 -64.93
N MET C 63 13.48 -15.14 -63.62
CA MET C 63 14.33 -15.91 -62.73
C MET C 63 13.42 -16.67 -61.76
N VAL C 64 13.61 -17.99 -61.70
CA VAL C 64 12.83 -18.81 -60.78
C VAL C 64 13.74 -19.38 -59.72
N PHE C 65 13.37 -19.22 -58.45
CA PHE C 65 14.11 -19.92 -57.40
C PHE C 65 13.18 -20.60 -56.40
N SER C 66 13.75 -21.55 -55.67
CA SER C 66 12.97 -22.42 -54.80
C SER C 66 13.87 -23.06 -53.77
N HIS C 67 13.25 -23.72 -52.80
CA HIS C 67 13.98 -24.57 -51.88
C HIS C 67 13.83 -26.01 -52.38
N LEU C 68 14.68 -26.91 -51.89
CA LEU C 68 14.47 -28.34 -52.09
C LEU C 68 15.22 -29.12 -51.02
N GLY C 69 14.51 -30.04 -50.37
CA GLY C 69 15.08 -30.83 -49.30
C GLY C 69 15.46 -30.01 -48.09
N ARG C 70 16.37 -30.54 -47.29
CA ARG C 70 16.83 -29.86 -46.08
C ARG C 70 18.36 -29.89 -45.97
N PRO C 71 19.04 -29.18 -46.87
CA PRO C 71 20.51 -29.20 -46.87
C PRO C 71 21.12 -28.31 -45.81
N VAL C 72 22.44 -28.41 -45.66
CA VAL C 72 23.16 -27.53 -44.76
C VAL C 72 23.60 -26.30 -45.55
N GLU C 73 23.26 -25.12 -45.03
CA GLU C 73 23.61 -23.88 -45.68
C GLU C 73 25.14 -23.83 -45.82
N GLY C 74 25.61 -23.50 -47.01
CA GLY C 74 27.04 -23.43 -47.27
C GLY C 74 27.71 -24.76 -47.60
N GLU C 75 26.91 -25.83 -47.64
CA GLU C 75 27.44 -27.15 -47.97
C GLU C 75 26.55 -27.83 -49.00
N PRO C 76 26.63 -27.38 -50.26
CA PRO C 76 25.77 -27.94 -51.30
C PRO C 76 26.08 -29.39 -51.62
N LYS C 77 25.04 -30.18 -51.93
CA LYS C 77 25.21 -31.57 -52.32
C LYS C 77 24.34 -31.88 -53.54
N PRO C 78 24.81 -32.77 -54.43
CA PRO C 78 24.10 -33.11 -55.66
C PRO C 78 22.66 -33.58 -55.43
N GLU C 79 22.43 -34.33 -54.36
CA GLU C 79 21.11 -34.88 -54.05
C GLU C 79 20.06 -33.81 -53.75
N GLN C 80 20.51 -32.59 -53.47
CA GLN C 80 19.60 -31.50 -53.13
C GLN C 80 19.64 -30.38 -54.17
N SER C 81 20.23 -30.66 -55.32
CA SER C 81 20.34 -29.68 -56.40
C SER C 81 19.06 -29.60 -57.24
N LEU C 82 18.81 -28.40 -57.78
CA LEU C 82 17.65 -28.18 -58.63
C LEU C 82 17.98 -28.54 -60.07
N ALA C 83 19.14 -29.16 -60.29
CA ALA C 83 19.54 -29.56 -61.64
C ALA C 83 18.47 -30.41 -62.35
N PRO C 84 17.91 -31.43 -61.66
CA PRO C 84 16.85 -32.18 -62.36
C PRO C 84 15.59 -31.35 -62.61
N VAL C 85 15.36 -30.34 -61.78
CA VAL C 85 14.21 -29.46 -61.96
C VAL C 85 14.40 -28.59 -63.20
N ALA C 86 15.62 -28.16 -63.44
CA ALA C 86 15.93 -27.36 -64.62
C ALA C 86 15.71 -28.19 -65.89
N ALA C 87 16.11 -29.46 -65.84
CA ALA C 87 15.94 -30.36 -66.96
C ALA C 87 14.48 -30.55 -67.30
N TYR C 88 13.64 -30.69 -66.27
CA TYR C 88 12.20 -30.84 -66.44
C TYR C 88 11.63 -29.59 -67.09
N LEU C 89 12.02 -28.43 -66.58
CA LEU C 89 11.50 -27.15 -67.09
C LEU C 89 11.89 -26.93 -68.54
N THR C 90 13.08 -27.42 -68.90
CA THR C 90 13.56 -27.28 -70.27
C THR C 90 12.64 -28.02 -71.22
N GLU C 91 12.16 -29.19 -70.78
CA GLU C 91 11.25 -29.97 -71.61
C GLU C 91 9.85 -29.37 -71.62
N ALA C 92 9.40 -28.90 -70.46
CA ALA C 92 8.03 -28.39 -70.34
C ALA C 92 7.82 -27.06 -71.06
N LEU C 93 8.85 -26.22 -71.08
CA LEU C 93 8.72 -24.87 -71.62
C LEU C 93 9.22 -24.76 -73.07
N GLY C 94 9.83 -25.84 -73.56
CA GLY C 94 10.28 -25.89 -74.95
C GLY C 94 11.47 -25.01 -75.25
N GLN C 95 12.12 -24.51 -74.19
CA GLN C 95 13.32 -23.69 -74.33
C GLN C 95 14.32 -24.11 -73.29
N GLU C 96 15.59 -23.75 -73.49
CA GLU C 96 16.62 -24.11 -72.53
C GLU C 96 16.46 -23.35 -71.21
N VAL C 97 16.58 -24.08 -70.11
CA VAL C 97 16.51 -23.47 -68.79
C VAL C 97 17.81 -23.76 -68.03
N LYS C 98 18.69 -22.77 -68.01
CA LYS C 98 20.00 -22.94 -67.41
C LYS C 98 19.93 -22.90 -65.89
N LEU C 99 20.79 -23.68 -65.23
CA LEU C 99 20.90 -23.66 -63.78
C LEU C 99 22.11 -22.83 -63.35
N PHE C 100 21.89 -21.85 -62.49
CA PHE C 100 22.98 -21.00 -62.02
C PHE C 100 23.31 -21.26 -60.54
N THR C 101 24.52 -21.73 -60.28
CA THR C 101 24.93 -22.05 -58.92
C THR C 101 25.52 -20.84 -58.21
N ASP C 102 26.18 -19.98 -58.98
CA ASP C 102 26.83 -18.80 -58.44
C ASP C 102 26.09 -17.56 -58.95
N TYR C 103 25.16 -17.02 -58.16
CA TYR C 103 24.26 -15.98 -58.67
C TYR C 103 23.97 -14.81 -57.73
N LEU C 104 24.50 -14.84 -56.52
CA LEU C 104 24.20 -13.80 -55.53
C LEU C 104 24.66 -12.39 -55.92
N ASP C 105 25.67 -12.28 -56.77
CA ASP C 105 26.18 -10.96 -57.15
C ASP C 105 25.78 -10.57 -58.56
N GLY C 106 24.76 -11.23 -59.10
CA GLY C 106 24.29 -10.92 -60.44
C GLY C 106 24.02 -12.15 -61.29
N VAL C 107 22.99 -12.06 -62.12
CA VAL C 107 22.66 -13.14 -63.04
C VAL C 107 22.23 -12.56 -64.37
N GLU C 108 22.73 -13.13 -65.46
CA GLU C 108 22.32 -12.70 -66.80
C GLU C 108 21.07 -13.43 -67.25
N VAL C 109 20.07 -12.67 -67.70
CA VAL C 109 18.85 -13.25 -68.25
C VAL C 109 18.18 -12.22 -69.16
N GLU C 110 17.80 -12.66 -70.35
CA GLU C 110 17.16 -11.79 -71.32
C GLU C 110 15.64 -11.93 -71.27
N ALA C 111 14.94 -11.04 -71.96
CA ALA C 111 13.49 -11.12 -72.06
C ALA C 111 13.10 -12.39 -72.82
N GLY C 112 12.19 -13.16 -72.26
CA GLY C 112 11.74 -14.38 -72.91
C GLY C 112 12.57 -15.59 -72.51
N GLN C 113 13.59 -15.37 -71.69
CA GLN C 113 14.45 -16.44 -71.19
C GLN C 113 14.10 -16.79 -69.75
N VAL C 114 14.29 -18.05 -69.38
CA VAL C 114 13.98 -18.47 -68.03
C VAL C 114 15.22 -19.13 -67.44
N VAL C 115 15.68 -18.64 -66.30
CA VAL C 115 16.81 -19.27 -65.62
C VAL C 115 16.38 -19.76 -64.24
N LEU C 116 16.93 -20.91 -63.84
CA LEU C 116 16.64 -21.48 -62.54
C LEU C 116 17.84 -21.31 -61.63
N LEU C 117 17.64 -20.62 -60.53
CA LEU C 117 18.70 -20.39 -59.56
C LEU C 117 18.78 -21.58 -58.62
N GLU C 118 19.99 -21.92 -58.19
CA GLU C 118 20.18 -23.10 -57.35
C GLU C 118 19.49 -22.94 -56.01
N ASN C 119 19.13 -24.07 -55.41
CA ASN C 119 18.50 -24.19 -54.09
C ASN C 119 18.87 -23.06 -53.12
N VAL C 120 17.87 -22.32 -52.66
CA VAL C 120 18.11 -21.18 -51.78
C VAL C 120 18.62 -21.62 -50.40
N ARG C 121 18.34 -22.88 -50.04
CA ARG C 121 18.75 -23.41 -48.74
C ARG C 121 20.25 -23.71 -48.69
N PHE C 122 20.91 -23.64 -49.85
CA PHE C 122 22.36 -23.68 -49.92
C PHE C 122 23.00 -22.37 -49.44
N ASN C 123 22.20 -21.32 -49.31
CA ASN C 123 22.76 -20.00 -49.02
C ASN C 123 22.72 -19.65 -47.54
N PRO C 124 23.89 -19.44 -46.94
CA PRO C 124 24.00 -19.04 -45.53
C PRO C 124 23.17 -17.80 -45.22
N GLY C 125 22.35 -17.88 -44.18
CA GLY C 125 21.49 -16.78 -43.78
C GLY C 125 20.08 -16.89 -44.31
N GLU C 126 19.81 -17.90 -45.11
CA GLU C 126 18.49 -18.08 -45.71
C GLU C 126 17.40 -18.34 -44.67
N LYS C 127 17.63 -19.33 -43.82
CA LYS C 127 16.64 -19.72 -42.82
C LYS C 127 16.39 -18.61 -41.82
N LYS C 128 17.43 -17.82 -41.54
CA LYS C 128 17.36 -16.77 -40.53
C LYS C 128 16.95 -15.41 -41.10
N ASN C 129 16.60 -15.39 -42.39
CA ASN C 129 16.17 -14.18 -43.08
C ASN C 129 17.22 -13.07 -42.99
N ASN C 130 18.47 -13.41 -43.31
CA ASN C 130 19.56 -12.45 -43.23
C ASN C 130 19.29 -11.31 -44.20
N PRO C 131 19.31 -10.06 -43.70
CA PRO C 131 19.06 -8.86 -44.50
C PRO C 131 20.02 -8.74 -45.68
N GLU C 132 21.31 -8.94 -45.43
CA GLU C 132 22.31 -8.84 -46.46
C GLU C 132 22.02 -9.81 -47.60
N LEU C 133 21.57 -11.02 -47.24
CA LEU C 133 21.25 -12.02 -48.26
C LEU C 133 19.98 -11.64 -49.00
N ALA C 134 18.98 -11.16 -48.24
CA ALA C 134 17.73 -10.72 -48.82
C ALA C 134 17.97 -9.55 -49.76
N GLN C 135 18.94 -8.71 -49.41
CA GLN C 135 19.27 -7.55 -50.23
C GLN C 135 19.87 -7.99 -51.57
N LYS C 136 20.66 -9.06 -51.52
CA LYS C 136 21.26 -9.63 -52.72
C LYS C 136 20.20 -10.21 -53.67
N TYR C 137 19.19 -10.83 -53.10
CA TYR C 137 18.06 -11.33 -53.87
C TYR C 137 17.34 -10.19 -54.60
N ALA C 138 16.99 -9.15 -53.84
CA ALA C 138 16.21 -8.04 -54.37
C ALA C 138 16.90 -7.30 -55.52
N ALA C 139 18.23 -7.23 -55.48
CA ALA C 139 18.99 -6.51 -56.49
C ALA C 139 18.96 -7.23 -57.83
N LEU C 140 18.55 -8.49 -57.81
CA LEU C 140 18.50 -9.32 -59.02
C LEU C 140 17.30 -8.98 -59.90
N CYS C 141 16.32 -8.28 -59.34
CA CYS C 141 15.06 -8.11 -60.03
C CYS C 141 14.54 -6.69 -60.04
N ASP C 142 13.55 -6.48 -60.90
CA ASP C 142 12.73 -5.27 -60.87
C ASP C 142 11.45 -5.56 -60.10
N VAL C 143 11.00 -6.81 -60.17
CA VAL C 143 9.78 -7.24 -59.50
C VAL C 143 9.99 -8.57 -58.81
N PHE C 144 9.62 -8.64 -57.53
CA PHE C 144 9.59 -9.90 -56.82
C PHE C 144 8.18 -10.48 -56.82
N VAL C 145 8.07 -11.77 -57.13
CA VAL C 145 6.77 -12.44 -57.20
C VAL C 145 6.77 -13.63 -56.25
N MET C 146 5.92 -13.57 -55.21
CA MET C 146 5.78 -14.67 -54.26
C MET C 146 4.66 -15.61 -54.70
N ASP C 147 5.01 -16.81 -55.11
CA ASP C 147 4.00 -17.71 -55.66
C ASP C 147 3.95 -19.04 -54.90
N ALA C 148 4.49 -19.04 -53.68
CA ALA C 148 4.57 -20.28 -52.90
C ALA C 148 3.94 -20.17 -51.52
N PHE C 149 2.62 -20.32 -51.45
CA PHE C 149 1.88 -20.17 -50.20
C PHE C 149 2.30 -21.17 -49.12
N GLY C 150 2.69 -22.37 -49.53
CA GLY C 150 3.08 -23.42 -48.60
C GLY C 150 4.32 -23.10 -47.78
N THR C 151 5.05 -22.07 -48.20
CA THR C 151 6.24 -21.61 -47.49
C THR C 151 6.04 -20.20 -46.96
N ALA C 152 4.82 -19.70 -47.09
CA ALA C 152 4.54 -18.31 -46.75
C ALA C 152 4.48 -18.06 -45.25
N HIS C 153 4.41 -19.12 -44.46
CA HIS C 153 4.26 -18.96 -43.01
C HIS C 153 5.58 -18.79 -42.26
N ARG C 154 6.69 -18.90 -42.97
CA ARG C 154 7.99 -18.72 -42.33
C ARG C 154 8.79 -17.58 -42.96
N ALA C 155 9.32 -16.71 -42.11
CA ALA C 155 10.11 -15.57 -42.55
C ALA C 155 11.52 -15.98 -42.94
N GLU C 156 11.76 -16.07 -44.24
CA GLU C 156 13.07 -16.46 -44.75
C GLU C 156 13.52 -15.48 -45.83
N ALA C 157 14.81 -15.52 -46.17
CA ALA C 157 15.38 -14.54 -47.09
C ALA C 157 14.69 -14.53 -48.45
N SER C 158 14.31 -15.72 -48.94
CA SER C 158 13.70 -15.82 -50.25
C SER C 158 12.17 -15.71 -50.23
N THR C 159 11.58 -15.56 -49.04
CA THR C 159 10.13 -15.50 -48.92
C THR C 159 9.61 -14.20 -48.30
N GLU C 160 10.46 -13.54 -47.53
CA GLU C 160 10.02 -12.35 -46.80
C GLU C 160 10.95 -11.16 -47.03
N GLY C 161 12.24 -11.35 -46.73
CA GLY C 161 13.21 -10.29 -46.84
C GLY C 161 13.31 -9.72 -48.24
N VAL C 162 13.32 -10.62 -49.22
CA VAL C 162 13.43 -10.21 -50.63
C VAL C 162 12.25 -9.33 -51.03
N ALA C 163 11.08 -9.59 -50.46
CA ALA C 163 9.89 -8.81 -50.74
C ALA C 163 9.97 -7.41 -50.14
N ARG C 164 10.70 -7.26 -49.04
CA ARG C 164 10.85 -5.98 -48.39
C ARG C 164 11.77 -5.03 -49.15
N PHE C 165 12.75 -5.58 -49.85
CA PHE C 165 13.77 -4.76 -50.49
C PHE C 165 13.61 -4.68 -52.00
N ALA C 166 12.76 -5.55 -52.57
CA ALA C 166 12.52 -5.50 -54.01
C ALA C 166 11.82 -4.18 -54.36
N PRO C 167 12.07 -3.68 -55.59
CA PRO C 167 11.42 -2.45 -56.06
C PRO C 167 9.91 -2.58 -56.04
N VAL C 168 9.42 -3.71 -56.54
CA VAL C 168 8.00 -4.03 -56.50
C VAL C 168 7.87 -5.46 -55.97
N ALA C 169 6.97 -5.65 -55.02
CA ALA C 169 6.71 -6.98 -54.48
C ALA C 169 5.25 -7.34 -54.73
N ALA C 170 5.02 -8.47 -55.38
CA ALA C 170 3.66 -8.88 -55.72
C ALA C 170 3.43 -10.38 -55.49
N ALA C 171 2.16 -10.78 -55.50
CA ALA C 171 1.79 -12.18 -55.37
C ALA C 171 1.59 -12.82 -56.74
N GLY C 172 2.05 -14.05 -56.91
CA GLY C 172 1.81 -14.75 -58.14
C GLY C 172 0.38 -15.27 -58.19
N PRO C 173 -0.04 -15.82 -59.34
CA PRO C 173 -1.41 -16.32 -59.49
C PRO C 173 -1.78 -17.43 -58.49
N LEU C 174 -0.83 -18.28 -58.12
CA LEU C 174 -1.13 -19.35 -57.17
C LEU C 174 -1.41 -18.79 -55.78
N LEU C 175 -0.52 -17.93 -55.30
CA LEU C 175 -0.68 -17.34 -53.97
C LEU C 175 -1.94 -16.51 -53.88
N ALA C 176 -2.17 -15.69 -54.90
CA ALA C 176 -3.34 -14.81 -54.92
C ALA C 176 -4.63 -15.63 -54.90
N ALA C 177 -4.68 -16.70 -55.68
CA ALA C 177 -5.86 -17.55 -55.73
C ALA C 177 -6.09 -18.21 -54.37
N GLU C 178 -5.01 -18.61 -53.72
CA GLU C 178 -5.08 -19.23 -52.40
C GLU C 178 -5.57 -18.24 -51.36
N LEU C 179 -5.03 -17.03 -51.39
CA LEU C 179 -5.40 -15.99 -50.46
C LEU C 179 -6.85 -15.56 -50.65
N ASP C 180 -7.27 -15.45 -51.91
CA ASP C 180 -8.64 -15.09 -52.23
C ASP C 180 -9.61 -16.16 -51.69
N ALA C 181 -9.26 -17.43 -51.88
CA ALA C 181 -10.12 -18.52 -51.44
C ALA C 181 -10.22 -18.55 -49.92
N LEU C 182 -9.08 -18.41 -49.24
CA LEU C 182 -9.05 -18.43 -47.78
C LEU C 182 -9.77 -17.23 -47.20
N GLY C 183 -9.61 -16.07 -47.83
CA GLY C 183 -10.34 -14.89 -47.42
C GLY C 183 -11.83 -15.08 -47.53
N ARG C 184 -12.26 -15.76 -48.59
CA ARG C 184 -13.67 -15.96 -48.86
C ARG C 184 -14.33 -16.85 -47.81
N ALA C 185 -13.53 -17.63 -47.09
CA ALA C 185 -14.06 -18.54 -46.08
C ALA C 185 -13.83 -18.03 -44.66
N MET C 186 -12.77 -17.25 -44.46
CA MET C 186 -12.40 -16.80 -43.11
C MET C 186 -12.85 -15.37 -42.86
N GLN C 187 -12.71 -14.51 -43.87
CA GLN C 187 -13.06 -13.10 -43.74
C GLN C 187 -14.43 -12.82 -44.35
N THR C 188 -15.39 -12.45 -43.50
CA THR C 188 -16.78 -12.30 -43.90
C THR C 188 -17.27 -13.48 -44.75
N PRO C 189 -17.43 -14.65 -44.11
CA PRO C 189 -17.96 -15.81 -44.85
C PRO C 189 -19.47 -15.72 -44.99
N GLU C 190 -20.00 -16.23 -46.10
CA GLU C 190 -21.44 -16.24 -46.31
C GLU C 190 -22.11 -17.30 -45.42
N LYS C 191 -22.97 -16.84 -44.53
CA LYS C 191 -23.70 -17.72 -43.63
C LYS C 191 -24.75 -18.53 -44.40
N PRO C 192 -25.03 -19.78 -43.96
CA PRO C 192 -24.38 -20.48 -42.85
C PRO C 192 -22.97 -20.95 -43.17
N MET C 193 -22.10 -20.89 -42.15
CA MET C 193 -20.71 -21.29 -42.28
C MET C 193 -20.46 -22.53 -41.44
N VAL C 194 -20.01 -23.60 -42.08
CA VAL C 194 -19.74 -24.85 -41.40
C VAL C 194 -18.27 -25.24 -41.60
N ALA C 195 -17.61 -25.62 -40.51
CA ALA C 195 -16.26 -26.16 -40.62
C ALA C 195 -16.20 -27.61 -40.13
N ILE C 196 -15.33 -28.39 -40.76
CA ILE C 196 -15.08 -29.78 -40.38
C ILE C 196 -13.63 -29.89 -39.93
N VAL C 197 -13.40 -30.21 -38.67
CA VAL C 197 -12.05 -30.30 -38.14
C VAL C 197 -11.84 -31.67 -37.52
N ALA C 198 -10.91 -32.42 -38.09
CA ALA C 198 -10.62 -33.77 -37.62
C ALA C 198 -9.14 -33.94 -37.34
N GLY C 199 -8.83 -34.94 -36.52
CA GLY C 199 -7.45 -35.21 -36.16
C GLY C 199 -7.39 -36.15 -34.97
N SER C 200 -6.18 -36.62 -34.67
CA SER C 200 -5.95 -37.54 -33.56
CA SER C 200 -6.00 -37.55 -33.57
C SER C 200 -6.09 -36.85 -32.22
N LYS C 201 -5.78 -35.56 -32.18
CA LYS C 201 -5.78 -34.83 -30.91
C LYS C 201 -6.38 -33.43 -31.01
N VAL C 202 -7.04 -33.00 -29.94
CA VAL C 202 -7.56 -31.64 -29.84
C VAL C 202 -6.41 -30.64 -29.77
N SER C 203 -5.41 -30.98 -28.95
CA SER C 203 -4.28 -30.09 -28.67
C SER C 203 -3.58 -29.64 -29.95
N THR C 204 -3.41 -30.57 -30.89
CA THR C 204 -2.71 -30.30 -32.13
C THR C 204 -3.44 -29.27 -33.00
N LYS C 205 -4.77 -29.28 -32.93
CA LYS C 205 -5.57 -28.35 -33.71
C LYS C 205 -6.37 -27.42 -32.82
N LEU C 206 -5.84 -27.17 -31.62
CA LEU C 206 -6.52 -26.34 -30.63
C LEU C 206 -6.71 -24.89 -31.11
N ASP C 207 -5.67 -24.32 -31.72
CA ASP C 207 -5.76 -22.97 -32.25
C ASP C 207 -6.76 -22.91 -33.42
N VAL C 208 -6.77 -23.98 -34.23
CA VAL C 208 -7.72 -24.09 -35.32
C VAL C 208 -9.14 -24.09 -34.79
N LEU C 209 -9.38 -24.89 -33.76
CA LEU C 209 -10.71 -25.01 -33.15
C LEU C 209 -11.15 -23.68 -32.52
N ASN C 210 -10.27 -23.05 -31.75
CA ASN C 210 -10.60 -21.81 -31.07
C ASN C 210 -10.88 -20.70 -32.09
N SER C 211 -10.10 -20.67 -33.16
CA SER C 211 -10.27 -19.67 -34.21
C SER C 211 -11.60 -19.83 -34.95
N LEU C 212 -11.91 -21.06 -35.35
CA LEU C 212 -13.12 -21.33 -36.12
C LEU C 212 -14.38 -21.23 -35.27
N SER C 213 -14.24 -21.42 -33.97
CA SER C 213 -15.37 -21.34 -33.05
C SER C 213 -16.01 -19.95 -33.10
N GLY C 214 -15.19 -18.92 -33.32
CA GLY C 214 -15.68 -17.56 -33.44
C GLY C 214 -16.21 -17.21 -34.81
N ILE C 215 -15.92 -18.06 -35.80
CA ILE C 215 -16.29 -17.78 -37.19
C ILE C 215 -17.46 -18.63 -37.64
N CYS C 216 -17.56 -19.84 -37.11
CA CYS C 216 -18.52 -20.82 -37.61
C CYS C 216 -19.87 -20.79 -36.93
N ASP C 217 -20.89 -21.23 -37.64
CA ASP C 217 -22.21 -21.46 -37.06
C ASP C 217 -22.25 -22.85 -36.45
N GLN C 218 -21.65 -23.80 -37.16
CA GLN C 218 -21.47 -25.13 -36.63
C GLN C 218 -20.10 -25.70 -36.97
N LEU C 219 -19.54 -26.43 -36.02
CA LEU C 219 -18.22 -27.01 -36.14
C LEU C 219 -18.32 -28.53 -35.99
N ILE C 220 -18.25 -29.22 -37.12
CA ILE C 220 -18.26 -30.68 -37.15
C ILE C 220 -16.86 -31.17 -36.83
N VAL C 221 -16.76 -32.11 -35.89
CA VAL C 221 -15.46 -32.65 -35.52
C VAL C 221 -15.37 -34.13 -35.89
N GLY C 222 -14.15 -34.62 -36.07
CA GLY C 222 -13.96 -35.99 -36.51
C GLY C 222 -12.78 -36.68 -35.86
N GLY C 223 -12.81 -38.02 -35.87
CA GLY C 223 -11.71 -38.82 -35.34
C GLY C 223 -11.47 -38.62 -33.87
N GLY C 224 -10.20 -38.55 -33.48
CA GLY C 224 -9.83 -38.41 -32.09
C GLY C 224 -10.40 -37.17 -31.44
N ILE C 225 -10.48 -36.09 -32.21
CA ILE C 225 -11.07 -34.86 -31.75
C ILE C 225 -12.55 -35.07 -31.40
N ALA C 226 -13.28 -35.73 -32.29
CA ALA C 226 -14.71 -35.98 -32.08
C ALA C 226 -14.97 -36.85 -30.84
N ASN C 227 -14.10 -37.83 -30.61
CA ASN C 227 -14.23 -38.71 -29.46
C ASN C 227 -14.06 -37.91 -28.17
N THR C 228 -13.14 -36.96 -28.20
CA THR C 228 -12.89 -36.08 -27.07
C THR C 228 -14.11 -35.21 -26.78
N PHE C 229 -14.78 -34.73 -27.84
CA PHE C 229 -15.99 -33.95 -27.67
C PHE C 229 -17.13 -34.84 -27.20
N LEU C 230 -17.11 -36.09 -27.63
CA LEU C 230 -18.12 -37.06 -27.22
C LEU C 230 -17.98 -37.30 -25.72
N ALA C 231 -16.74 -37.46 -25.28
CA ALA C 231 -16.43 -37.65 -23.87
C ALA C 231 -16.73 -36.40 -23.08
N ALA C 232 -16.58 -35.24 -23.71
CA ALA C 232 -16.83 -33.97 -23.04
C ALA C 232 -18.31 -33.81 -22.74
N ALA C 233 -19.15 -34.42 -23.57
CA ALA C 233 -20.59 -34.36 -23.38
C ALA C 233 -21.09 -35.47 -22.46
N GLY C 234 -20.18 -36.27 -21.93
CA GLY C 234 -20.54 -37.29 -20.95
C GLY C 234 -20.85 -38.69 -21.43
N TYR C 235 -20.56 -38.97 -22.69
CA TYR C 235 -20.80 -40.32 -23.21
C TYR C 235 -19.56 -41.17 -22.93
N ASN C 236 -19.73 -42.48 -22.88
CA ASN C 236 -18.60 -43.38 -22.70
C ASN C 236 -18.03 -43.73 -24.07
N VAL C 237 -16.71 -43.65 -24.21
CA VAL C 237 -16.07 -43.91 -25.49
C VAL C 237 -15.20 -45.18 -25.46
N GLY C 238 -15.16 -45.84 -24.31
CA GLY C 238 -14.38 -47.07 -24.17
C GLY C 238 -12.90 -46.84 -24.45
N LYS C 239 -12.33 -47.63 -25.35
CA LYS C 239 -10.92 -47.49 -25.69
C LYS C 239 -10.69 -46.73 -27.00
N SER C 240 -11.65 -45.87 -27.35
CA SER C 240 -11.53 -45.03 -28.53
C SER C 240 -10.33 -44.08 -28.36
N LEU C 241 -9.68 -43.73 -29.46
CA LEU C 241 -8.64 -42.70 -29.43
C LEU C 241 -9.21 -41.34 -29.03
N TYR C 242 -8.69 -40.76 -27.96
CA TYR C 242 -9.07 -39.42 -27.55
C TYR C 242 -8.04 -38.86 -26.57
N GLU C 243 -8.16 -37.56 -26.27
CA GLU C 243 -7.27 -36.90 -25.33
C GLU C 243 -7.97 -36.61 -24.01
N ALA C 244 -7.62 -37.37 -22.99
CA ALA C 244 -8.25 -37.23 -21.68
C ALA C 244 -7.95 -35.87 -21.05
N ASP C 245 -6.78 -35.32 -21.37
CA ASP C 245 -6.33 -34.07 -20.75
C ASP C 245 -7.01 -32.83 -21.32
N LEU C 246 -7.60 -32.94 -22.49
CA LEU C 246 -8.25 -31.79 -23.12
C LEU C 246 -9.75 -31.97 -23.25
N VAL C 247 -10.31 -32.87 -22.45
CA VAL C 247 -11.75 -33.08 -22.42
C VAL C 247 -12.43 -31.82 -21.88
N GLU C 248 -11.85 -31.26 -20.83
CA GLU C 248 -12.39 -30.05 -20.22
C GLU C 248 -12.33 -28.87 -21.19
N THR C 249 -11.23 -28.81 -21.96
CA THR C 249 -11.09 -27.80 -23.01
C THR C 249 -12.19 -27.96 -24.06
N ALA C 250 -12.48 -29.21 -24.41
CA ALA C 250 -13.50 -29.51 -25.40
C ALA C 250 -14.89 -29.07 -24.96
N LYS C 251 -15.17 -29.16 -23.65
CA LYS C 251 -16.43 -28.66 -23.11
C LYS C 251 -16.59 -27.16 -23.35
N GLN C 252 -15.51 -26.42 -23.07
CA GLN C 252 -15.51 -24.97 -23.25
C GLN C 252 -15.77 -24.61 -24.71
N ILE C 253 -15.16 -25.35 -25.62
CA ILE C 253 -15.34 -25.09 -27.05
C ILE C 253 -16.79 -25.35 -27.45
N ALA C 254 -17.34 -26.47 -26.99
CA ALA C 254 -18.70 -26.87 -27.33
C ALA C 254 -19.75 -25.90 -26.79
N ALA C 255 -19.37 -25.12 -25.79
CA ALA C 255 -20.27 -24.12 -25.23
C ALA C 255 -20.25 -22.82 -26.02
N LYS C 256 -19.13 -22.51 -26.66
CA LYS C 256 -18.99 -21.27 -27.40
C LYS C 256 -19.60 -21.38 -28.80
N VAL C 257 -19.57 -22.59 -29.34
CA VAL C 257 -20.08 -22.82 -30.69
C VAL C 257 -20.79 -24.16 -30.76
N SER C 258 -21.76 -24.26 -31.66
CA SER C 258 -22.51 -25.49 -31.87
C SER C 258 -21.64 -26.59 -32.47
N VAL C 259 -21.38 -27.63 -31.68
CA VAL C 259 -20.60 -28.76 -32.14
C VAL C 259 -21.52 -29.97 -32.22
N PRO C 260 -21.98 -30.30 -33.43
CA PRO C 260 -22.89 -31.42 -33.66
C PRO C 260 -22.27 -32.72 -33.18
N LEU C 261 -22.99 -33.46 -32.35
CA LEU C 261 -22.48 -34.75 -31.91
C LEU C 261 -23.21 -35.89 -32.59
N PRO C 262 -22.47 -36.97 -32.89
CA PRO C 262 -23.06 -38.22 -33.39
C PRO C 262 -24.18 -38.72 -32.52
N THR C 263 -25.23 -39.27 -33.13
CA THR C 263 -26.28 -39.90 -32.37
C THR C 263 -26.00 -41.40 -32.43
N ASP C 264 -25.25 -41.82 -33.44
CA ASP C 264 -24.82 -43.21 -33.57
C ASP C 264 -23.41 -43.28 -34.14
N VAL C 265 -22.74 -44.41 -33.91
CA VAL C 265 -21.34 -44.59 -34.29
C VAL C 265 -21.08 -46.01 -34.78
N VAL C 266 -19.96 -46.16 -35.49
CA VAL C 266 -19.47 -47.48 -35.88
C VAL C 266 -18.30 -47.82 -34.98
N VAL C 267 -18.35 -48.97 -34.32
CA VAL C 267 -17.30 -49.37 -33.41
C VAL C 267 -16.71 -50.72 -33.82
N ALA C 268 -15.51 -51.00 -33.33
CA ALA C 268 -14.94 -52.32 -33.39
C ALA C 268 -14.49 -52.66 -31.99
N ASP C 269 -14.46 -53.95 -31.65
CA ASP C 269 -14.02 -54.36 -30.34
C ASP C 269 -12.51 -54.34 -30.31
N ALA C 270 -11.94 -53.80 -29.22
CA ALA C 270 -10.50 -53.61 -29.10
C ALA C 270 -9.71 -54.91 -29.15
N SER C 271 -10.37 -56.05 -28.92
CA SER C 271 -9.67 -57.33 -28.96
C SER C 271 -9.23 -57.66 -30.38
N GLN C 272 -9.79 -56.96 -31.36
CA GLN C 272 -9.48 -57.22 -32.75
C GLN C 272 -8.49 -56.20 -33.33
N ILE C 273 -7.95 -55.32 -32.48
CA ILE C 273 -7.06 -54.27 -32.96
C ILE C 273 -5.62 -54.53 -32.53
N ASN C 274 -4.74 -54.72 -33.51
CA ASN C 274 -3.32 -54.91 -33.24
C ASN C 274 -2.56 -53.66 -33.69
N PHE C 275 -2.04 -52.90 -32.72
CA PHE C 275 -1.40 -51.62 -33.04
C PHE C 275 -0.03 -51.73 -33.73
N GLU C 276 0.50 -52.95 -33.84
CA GLU C 276 1.74 -53.18 -34.58
C GLU C 276 1.48 -53.08 -36.08
N ASP C 277 0.21 -53.25 -36.46
CA ASP C 277 -0.22 -53.06 -37.84
C ASP C 277 -1.68 -52.63 -37.82
N PHE C 278 -1.90 -51.35 -37.52
CA PHE C 278 -3.23 -50.83 -37.24
C PHE C 278 -4.22 -51.00 -38.39
N LEU C 279 -3.87 -50.53 -39.58
CA LEU C 279 -4.79 -50.56 -40.72
C LEU C 279 -5.09 -51.99 -41.16
N GLY C 280 -4.09 -52.85 -41.13
CA GLY C 280 -4.25 -54.25 -41.52
C GLY C 280 -5.24 -55.03 -40.68
N SER C 281 -5.14 -54.89 -39.36
CA SER C 281 -6.00 -55.62 -38.46
C SER C 281 -7.39 -55.00 -38.42
N LEU C 282 -7.50 -53.81 -39.01
CA LEU C 282 -8.76 -53.06 -38.97
C LEU C 282 -9.64 -53.54 -40.11
N ALA C 283 -9.01 -53.90 -41.22
CA ALA C 283 -9.72 -54.42 -42.38
C ALA C 283 -10.32 -55.79 -42.06
N ALA C 284 -9.65 -56.52 -41.17
CA ALA C 284 -10.13 -57.84 -40.78
C ALA C 284 -11.17 -57.76 -39.67
N ALA C 285 -11.24 -56.62 -39.01
CA ALA C 285 -12.11 -56.44 -37.86
C ALA C 285 -13.59 -56.42 -38.26
N GLN C 286 -14.47 -56.75 -37.31
CA GLN C 286 -15.91 -56.72 -37.52
C GLN C 286 -16.50 -55.41 -37.01
N ALA C 287 -17.10 -54.65 -37.93
CA ALA C 287 -17.70 -53.37 -37.58
C ALA C 287 -19.11 -53.58 -37.04
N VAL C 288 -19.49 -52.76 -36.05
CA VAL C 288 -20.83 -52.82 -35.47
C VAL C 288 -21.38 -51.40 -35.37
N ILE C 289 -22.60 -51.19 -35.85
CA ILE C 289 -23.26 -49.89 -35.72
C ILE C 289 -24.02 -49.83 -34.41
N LYS C 290 -23.70 -48.82 -33.61
CA LYS C 290 -24.30 -48.66 -32.29
C LYS C 290 -24.75 -47.22 -32.05
N LYS C 291 -25.68 -47.04 -31.13
CA LYS C 291 -26.05 -45.71 -30.67
C LYS C 291 -24.96 -45.21 -29.73
N VAL C 292 -24.79 -43.88 -29.64
CA VAL C 292 -23.70 -43.30 -28.87
C VAL C 292 -23.83 -43.62 -27.38
N GLU C 293 -25.06 -43.83 -26.92
CA GLU C 293 -25.30 -44.16 -25.52
C GLU C 293 -25.15 -45.66 -25.24
N ASP C 294 -24.66 -46.40 -26.24
CA ASP C 294 -24.49 -47.84 -26.10
C ASP C 294 -23.07 -48.32 -26.42
N VAL C 295 -22.11 -47.39 -26.39
CA VAL C 295 -20.70 -47.75 -26.54
C VAL C 295 -20.18 -48.37 -25.24
N THR C 296 -19.66 -49.59 -25.34
CA THR C 296 -19.15 -50.31 -24.18
C THR C 296 -17.67 -50.00 -23.94
N ALA C 297 -17.13 -50.55 -22.85
CA ALA C 297 -15.77 -50.22 -22.41
C ALA C 297 -14.68 -50.69 -23.37
N ASN C 298 -14.95 -51.78 -24.09
CA ASN C 298 -13.92 -52.34 -24.96
C ASN C 298 -14.13 -51.96 -26.43
N ASP C 299 -15.05 -51.03 -26.67
CA ASP C 299 -15.34 -50.58 -28.02
C ASP C 299 -14.40 -49.47 -28.49
N MET C 300 -14.07 -49.49 -29.78
CA MET C 300 -13.31 -48.41 -30.40
C MET C 300 -14.13 -47.71 -31.48
N ILE C 301 -14.48 -46.45 -31.23
CA ILE C 301 -15.21 -45.66 -32.21
C ILE C 301 -14.28 -45.36 -33.38
N LEU C 302 -14.67 -45.79 -34.57
CA LEU C 302 -13.81 -45.66 -35.74
C LEU C 302 -14.48 -44.97 -36.93
N ASP C 303 -15.76 -44.61 -36.76
CA ASP C 303 -16.54 -43.87 -37.77
C ASP C 303 -17.90 -43.45 -37.20
N VAL C 304 -18.53 -42.45 -37.83
CA VAL C 304 -19.87 -42.01 -37.43
C VAL C 304 -20.89 -42.95 -38.04
N GLY C 305 -22.05 -43.05 -37.40
CA GLY C 305 -23.10 -43.95 -37.84
C GLY C 305 -23.93 -43.43 -38.99
N PRO C 306 -24.85 -44.26 -39.50
CA PRO C 306 -25.71 -43.96 -40.64
C PRO C 306 -26.49 -42.66 -40.50
N GLU C 307 -27.25 -42.48 -39.42
CA GLU C 307 -28.10 -41.29 -39.35
C GLU C 307 -27.32 -40.05 -38.90
N THR C 308 -26.14 -40.27 -38.31
CA THR C 308 -25.22 -39.16 -38.06
C THR C 308 -24.69 -38.64 -39.39
N ALA C 309 -24.43 -39.56 -40.31
CA ALA C 309 -23.91 -39.23 -41.62
C ALA C 309 -24.86 -38.32 -42.39
N LYS C 310 -26.14 -38.65 -42.39
CA LYS C 310 -27.10 -37.84 -43.14
C LYS C 310 -27.48 -36.56 -42.38
N ALA C 311 -27.33 -36.58 -41.07
CA ALA C 311 -27.50 -35.35 -40.28
C ALA C 311 -26.38 -34.37 -40.62
N PHE C 312 -25.15 -34.88 -40.75
CA PHE C 312 -24.02 -34.05 -41.16
C PHE C 312 -24.21 -33.57 -42.60
N ALA C 313 -24.74 -34.44 -43.45
CA ALA C 313 -24.96 -34.11 -44.85
C ALA C 313 -25.96 -32.96 -45.01
N ASN C 314 -27.01 -32.98 -44.18
CA ASN C 314 -28.01 -31.92 -44.22
C ASN C 314 -27.43 -30.58 -43.80
N ILE C 315 -26.59 -30.62 -42.78
CA ILE C 315 -25.89 -29.42 -42.29
C ILE C 315 -25.07 -28.82 -43.42
N LEU C 316 -24.38 -29.68 -44.16
CA LEU C 316 -23.52 -29.25 -45.26
C LEU C 316 -24.30 -28.73 -46.48
N THR C 317 -25.39 -29.41 -46.84
CA THR C 317 -26.18 -29.02 -48.00
C THR C 317 -26.95 -27.73 -47.73
N THR C 318 -27.25 -27.47 -46.47
CA THR C 318 -27.97 -26.27 -46.07
C THR C 318 -27.02 -25.06 -45.98
N SER C 319 -25.74 -25.34 -45.82
CA SER C 319 -24.74 -24.27 -45.66
C SER C 319 -24.44 -23.54 -46.97
N LYS C 320 -23.75 -22.41 -46.87
CA LYS C 320 -23.30 -21.69 -48.06
C LYS C 320 -21.80 -21.48 -48.02
N THR C 321 -21.18 -21.79 -46.88
CA THR C 321 -19.73 -21.76 -46.77
C THR C 321 -19.22 -22.94 -45.96
N ILE C 322 -18.30 -23.71 -46.55
CA ILE C 322 -17.76 -24.90 -45.91
C ILE C 322 -16.24 -24.87 -45.90
N LEU C 323 -15.64 -25.03 -44.72
CA LEU C 323 -14.20 -25.26 -44.63
C LEU C 323 -13.98 -26.70 -44.18
N TRP C 324 -13.28 -27.47 -45.01
CA TRP C 324 -13.17 -28.92 -44.81
C TRP C 324 -11.74 -29.31 -44.43
N ASN C 325 -11.56 -29.72 -43.18
CA ASN C 325 -10.25 -30.11 -42.68
C ASN C 325 -10.30 -31.46 -41.94
N GLY C 326 -10.58 -32.53 -42.69
CA GLY C 326 -10.53 -33.88 -42.11
C GLY C 326 -11.71 -34.80 -42.34
N PRO C 327 -11.46 -36.12 -42.25
CA PRO C 327 -12.50 -37.14 -42.38
C PRO C 327 -13.22 -37.37 -41.06
N VAL C 328 -14.32 -38.12 -41.06
CA VAL C 328 -15.04 -38.37 -39.82
C VAL C 328 -14.90 -39.84 -39.40
N GLY C 329 -13.94 -40.53 -40.00
CA GLY C 329 -13.68 -41.93 -39.69
C GLY C 329 -12.42 -42.45 -40.38
N VAL C 330 -12.05 -43.70 -40.08
CA VAL C 330 -10.88 -44.30 -40.71
C VAL C 330 -11.29 -44.78 -42.09
N PHE C 331 -11.40 -43.84 -43.03
CA PHE C 331 -11.98 -44.12 -44.34
C PHE C 331 -11.09 -44.98 -45.24
N GLU C 332 -9.83 -45.14 -44.86
CA GLU C 332 -8.91 -46.02 -45.58
C GLU C 332 -9.43 -47.45 -45.61
N VAL C 333 -10.18 -47.83 -44.57
CA VAL C 333 -10.83 -49.14 -44.51
C VAL C 333 -12.32 -48.96 -44.78
N ASP C 334 -12.84 -49.68 -45.77
CA ASP C 334 -14.19 -49.47 -46.27
C ASP C 334 -15.30 -49.58 -45.23
N GLN C 335 -15.20 -50.52 -44.30
CA GLN C 335 -16.27 -50.72 -43.32
C GLN C 335 -16.32 -49.58 -42.31
N PHE C 336 -15.28 -48.75 -42.29
CA PHE C 336 -15.25 -47.55 -41.45
C PHE C 336 -15.13 -46.28 -42.31
N GLY C 337 -15.55 -46.36 -43.57
CA GLY C 337 -15.40 -45.24 -44.49
C GLY C 337 -16.70 -44.63 -44.97
N GLU C 338 -17.82 -45.22 -44.55
CA GLU C 338 -19.12 -44.76 -44.97
C GLU C 338 -19.40 -43.34 -44.49
N GLY C 339 -18.87 -42.99 -43.32
CA GLY C 339 -19.05 -41.65 -42.79
C GLY C 339 -18.37 -40.58 -43.63
N THR C 340 -17.11 -40.83 -43.96
CA THR C 340 -16.32 -39.89 -44.77
C THR C 340 -16.85 -39.86 -46.20
N LYS C 341 -17.33 -41.00 -46.69
CA LYS C 341 -17.90 -41.04 -48.04
C LYS C 341 -19.13 -40.17 -48.13
N ALA C 342 -20.04 -40.31 -47.17
CA ALA C 342 -21.26 -39.51 -47.14
C ALA C 342 -20.92 -38.04 -46.96
N LEU C 343 -19.91 -37.77 -46.15
CA LEU C 343 -19.48 -36.41 -45.88
C LEU C 343 -18.92 -35.77 -47.14
N SER C 344 -18.11 -36.54 -47.87
CA SER C 344 -17.50 -36.06 -49.11
C SER C 344 -18.57 -35.74 -50.15
N LEU C 345 -19.49 -36.67 -50.37
CA LEU C 345 -20.55 -36.49 -51.34
C LEU C 345 -21.41 -35.28 -51.01
N ALA C 346 -21.60 -35.03 -49.72
CA ALA C 346 -22.42 -33.90 -49.27
C ALA C 346 -21.74 -32.56 -49.59
N VAL C 347 -20.43 -32.48 -49.37
CA VAL C 347 -19.67 -31.29 -49.69
C VAL C 347 -19.74 -31.03 -51.19
N ALA C 348 -19.63 -32.12 -51.95
CA ALA C 348 -19.60 -32.04 -53.41
C ALA C 348 -20.94 -31.56 -53.99
N GLN C 349 -22.04 -32.14 -53.51
CA GLN C 349 -23.36 -31.85 -54.06
C GLN C 349 -24.01 -30.62 -53.42
N SER C 350 -23.26 -29.92 -52.58
CA SER C 350 -23.78 -28.72 -51.93
C SER C 350 -23.45 -27.47 -52.73
N ASP C 351 -24.39 -26.54 -52.77
CA ASP C 351 -24.22 -25.29 -53.50
C ASP C 351 -23.34 -24.31 -52.71
N ALA C 352 -22.89 -24.76 -51.55
CA ALA C 352 -22.01 -23.95 -50.70
C ALA C 352 -20.66 -23.72 -51.36
N PHE C 353 -20.02 -22.60 -51.03
CA PHE C 353 -18.63 -22.43 -51.43
C PHE C 353 -17.76 -23.24 -50.46
N SER C 354 -17.06 -24.23 -50.99
CA SER C 354 -16.28 -25.13 -50.17
C SER C 354 -14.78 -25.02 -50.42
N ILE C 355 -14.00 -24.97 -49.34
CA ILE C 355 -12.55 -25.00 -49.43
C ILE C 355 -11.99 -26.14 -48.58
N ALA C 356 -11.05 -26.90 -49.13
CA ALA C 356 -10.48 -28.04 -48.43
C ALA C 356 -8.96 -27.92 -48.29
N GLY C 357 -8.43 -28.49 -47.21
CA GLY C 357 -7.00 -28.48 -46.95
C GLY C 357 -6.57 -29.53 -45.95
N GLY C 358 -5.32 -29.94 -46.02
CA GLY C 358 -4.80 -30.97 -45.15
C GLY C 358 -4.74 -32.29 -45.89
N GLY C 359 -3.69 -33.07 -45.65
CA GLY C 359 -3.46 -34.29 -46.38
C GLY C 359 -4.56 -35.32 -46.36
N ASP C 360 -5.10 -35.59 -45.17
CA ASP C 360 -6.14 -36.60 -45.04
C ASP C 360 -7.39 -36.20 -45.83
N THR C 361 -7.71 -34.91 -45.80
CA THR C 361 -8.87 -34.39 -46.53
C THR C 361 -8.67 -34.58 -48.02
N LEU C 362 -7.49 -34.21 -48.51
CA LEU C 362 -7.16 -34.35 -49.91
C LEU C 362 -7.16 -35.82 -50.32
N ALA C 363 -6.72 -36.69 -49.42
CA ALA C 363 -6.75 -38.12 -49.68
C ALA C 363 -8.18 -38.62 -49.88
N ALA C 364 -9.08 -38.10 -49.06
CA ALA C 364 -10.49 -38.46 -49.16
C ALA C 364 -11.09 -37.95 -50.46
N ILE C 365 -10.72 -36.75 -50.85
CA ILE C 365 -11.20 -36.13 -52.08
C ILE C 365 -10.85 -37.01 -53.28
N ASP C 366 -9.59 -37.42 -53.35
CA ASP C 366 -9.13 -38.29 -54.43
C ASP C 366 -9.85 -39.65 -54.43
N LYS C 367 -10.12 -40.19 -53.25
CA LYS C 367 -10.74 -41.51 -53.12
C LYS C 367 -12.18 -41.55 -53.64
N TYR C 368 -12.92 -40.48 -53.37
CA TYR C 368 -14.34 -40.45 -53.73
C TYR C 368 -14.58 -39.61 -54.98
N ASN C 369 -13.50 -39.18 -55.62
CA ASN C 369 -13.55 -38.51 -56.91
C ASN C 369 -14.51 -37.33 -56.91
N VAL C 370 -14.27 -36.37 -56.03
CA VAL C 370 -15.12 -35.19 -55.93
C VAL C 370 -14.29 -33.92 -56.09
N ALA C 371 -13.10 -34.08 -56.67
CA ALA C 371 -12.17 -32.98 -56.80
C ALA C 371 -12.75 -31.79 -57.56
N ASP C 372 -13.44 -32.07 -58.67
CA ASP C 372 -13.95 -30.99 -59.52
C ASP C 372 -15.23 -30.37 -58.96
N GLN C 373 -15.73 -30.92 -57.86
CA GLN C 373 -16.93 -30.37 -57.22
C GLN C 373 -16.57 -29.56 -55.98
N ILE C 374 -15.28 -29.44 -55.71
CA ILE C 374 -14.78 -28.66 -54.59
C ILE C 374 -14.42 -27.27 -55.08
N GLY C 375 -14.83 -26.24 -54.33
CA GLY C 375 -14.56 -24.86 -54.71
C GLY C 375 -13.08 -24.54 -54.84
N TYR C 376 -12.31 -24.84 -53.79
CA TYR C 376 -10.86 -24.65 -53.85
C TYR C 376 -10.14 -25.71 -53.02
N ILE C 377 -9.13 -26.33 -53.62
CA ILE C 377 -8.34 -27.34 -52.93
C ILE C 377 -6.94 -26.77 -52.66
N SER C 378 -6.64 -26.59 -51.38
CA SER C 378 -5.36 -26.03 -50.96
C SER C 378 -4.29 -27.12 -50.74
N THR C 379 -3.07 -26.78 -51.10
CA THR C 379 -1.93 -27.67 -50.86
C THR C 379 -0.99 -27.06 -49.83
N GLY C 380 -1.46 -26.06 -49.10
CA GLY C 380 -0.63 -25.29 -48.20
C GLY C 380 -0.11 -26.03 -46.97
N GLY C 381 -0.79 -27.10 -46.57
CA GLY C 381 -0.39 -27.84 -45.40
C GLY C 381 -0.37 -27.00 -44.13
N GLY C 382 0.80 -26.89 -43.51
CA GLY C 382 0.95 -26.15 -42.28
C GLY C 382 0.63 -24.68 -42.41
N ALA C 383 0.92 -24.11 -43.58
CA ALA C 383 0.62 -22.71 -43.82
C ALA C 383 -0.88 -22.49 -43.90
N PHE C 384 -1.58 -23.45 -44.49
CA PHE C 384 -3.03 -23.41 -44.58
C PHE C 384 -3.66 -23.35 -43.19
N LEU C 385 -3.16 -24.20 -42.29
CA LEU C 385 -3.69 -24.25 -40.93
C LEU C 385 -3.40 -22.96 -40.16
N GLU C 386 -2.20 -22.41 -40.35
CA GLU C 386 -1.83 -21.21 -39.62
C GLU C 386 -2.69 -20.02 -40.06
N PHE C 387 -3.12 -20.03 -41.32
CA PHE C 387 -4.03 -18.99 -41.80
C PHE C 387 -5.38 -19.16 -41.09
N VAL C 388 -5.85 -20.40 -41.03
CA VAL C 388 -7.11 -20.72 -40.36
C VAL C 388 -7.04 -20.35 -38.89
N GLU C 389 -5.86 -20.49 -38.29
CA GLU C 389 -5.67 -20.13 -36.89
C GLU C 389 -5.78 -18.62 -36.65
N GLY C 390 -5.71 -17.84 -37.73
CA GLY C 390 -5.78 -16.40 -37.62
C GLY C 390 -4.42 -15.76 -37.40
N LYS C 391 -3.37 -16.58 -37.49
CA LYS C 391 -2.01 -16.10 -37.32
C LYS C 391 -1.58 -15.35 -38.58
N THR C 392 -0.66 -14.41 -38.41
CA THR C 392 -0.15 -13.64 -39.54
C THR C 392 1.03 -14.35 -40.17
N LEU C 393 0.91 -14.64 -41.46
CA LEU C 393 2.00 -15.26 -42.20
C LEU C 393 2.95 -14.16 -42.71
N PRO C 394 4.23 -14.24 -42.33
CA PRO C 394 5.23 -13.21 -42.64
C PRO C 394 5.33 -12.87 -44.11
N ALA C 395 5.12 -13.85 -44.99
CA ALA C 395 5.27 -13.60 -46.42
C ALA C 395 4.07 -12.85 -46.96
N VAL C 396 2.91 -13.05 -46.34
CA VAL C 396 1.71 -12.35 -46.76
C VAL C 396 1.78 -10.91 -46.26
N ALA C 397 2.21 -10.77 -45.01
CA ALA C 397 2.24 -9.47 -44.34
C ALA C 397 3.10 -8.46 -45.08
N VAL C 398 4.29 -8.88 -45.52
CA VAL C 398 5.19 -7.96 -46.20
C VAL C 398 4.61 -7.51 -47.54
N LEU C 399 3.84 -8.38 -48.18
CA LEU C 399 3.21 -8.04 -49.46
C LEU C 399 2.13 -7.00 -49.26
N LEU C 400 1.47 -7.05 -48.10
CA LEU C 400 0.46 -6.07 -47.77
C LEU C 400 1.13 -4.70 -47.55
N GLU C 401 2.33 -4.72 -46.97
CA GLU C 401 3.10 -3.50 -46.77
C GLU C 401 3.53 -2.88 -48.09
N ARG C 402 3.93 -3.74 -49.03
CA ARG C 402 4.49 -3.28 -50.30
C ARG C 402 3.43 -3.06 -51.37
N ALA C 403 2.20 -2.79 -50.95
CA ALA C 403 1.09 -2.67 -51.88
C ALA C 403 0.63 -1.23 -51.99
N MET D 9 -26.66 -27.25 -18.01
CA MET D 9 -27.72 -26.61 -17.23
C MET D 9 -27.44 -25.13 -17.04
N ASN D 10 -27.93 -24.31 -17.97
CA ASN D 10 -27.83 -22.86 -17.86
C ASN D 10 -29.14 -22.30 -17.35
N PHE D 11 -29.11 -21.67 -16.18
CA PHE D 11 -30.31 -21.10 -15.57
C PHE D 11 -29.94 -19.81 -14.85
N GLN D 12 -30.90 -18.91 -14.69
CA GLN D 12 -30.60 -17.67 -13.99
C GLN D 12 -30.51 -17.90 -12.48
N ARG D 13 -29.65 -17.13 -11.83
CA ARG D 13 -29.44 -17.27 -10.40
C ARG D 13 -29.72 -15.95 -9.71
N MET D 14 -30.42 -16.00 -8.57
CA MET D 14 -30.77 -14.79 -7.83
C MET D 14 -29.53 -13.96 -7.54
N THR D 15 -28.42 -14.65 -7.25
CA THR D 15 -27.13 -14.01 -6.96
C THR D 15 -26.66 -13.05 -8.06
N ASP D 16 -26.95 -13.37 -9.31
CA ASP D 16 -26.52 -12.54 -10.43
C ASP D 16 -27.44 -11.36 -10.72
N LEU D 17 -28.57 -11.28 -10.02
CA LEU D 17 -29.58 -10.27 -10.34
C LEU D 17 -29.55 -9.06 -9.41
N ASN D 18 -29.71 -7.88 -10.00
CA ASN D 18 -29.98 -6.68 -9.23
C ASN D 18 -31.45 -6.75 -8.84
N LEU D 19 -31.77 -6.41 -7.58
CA LEU D 19 -33.13 -6.54 -7.11
C LEU D 19 -33.64 -5.24 -6.52
N ALA D 20 -32.93 -4.14 -6.78
CA ALA D 20 -33.29 -2.84 -6.24
C ALA D 20 -34.70 -2.45 -6.66
N GLY D 21 -35.58 -2.31 -5.67
CA GLY D 21 -36.96 -1.92 -5.92
C GLY D 21 -37.83 -2.98 -6.55
N LYS D 22 -37.37 -4.23 -6.55
CA LYS D 22 -38.16 -5.28 -7.16
C LYS D 22 -38.90 -6.16 -6.13
N ARG D 23 -40.07 -6.62 -6.53
CA ARG D 23 -40.91 -7.51 -5.74
C ARG D 23 -40.46 -8.95 -5.98
N VAL D 24 -39.90 -9.59 -4.95
CA VAL D 24 -39.30 -10.91 -5.14
C VAL D 24 -40.06 -11.98 -4.37
N LEU D 25 -40.61 -12.94 -5.12
CA LEU D 25 -41.38 -14.06 -4.59
C LEU D 25 -40.53 -15.32 -4.55
N ILE D 26 -40.26 -15.83 -3.35
CA ILE D 26 -39.33 -16.94 -3.18
C ILE D 26 -40.02 -18.22 -2.72
N ARG D 27 -39.88 -19.28 -3.50
CA ARG D 27 -40.42 -20.57 -3.08
C ARG D 27 -39.39 -21.27 -2.20
N GLU D 28 -39.71 -21.39 -0.92
CA GLU D 28 -38.82 -22.06 0.02
C GLU D 28 -39.44 -23.34 0.52
N ASP D 29 -38.62 -24.20 1.11
CA ASP D 29 -39.12 -25.39 1.80
C ASP D 29 -39.13 -25.07 3.28
N LEU D 30 -40.26 -24.57 3.75
CA LEU D 30 -40.44 -24.25 5.16
C LEU D 30 -41.36 -25.26 5.79
N ASN D 31 -41.36 -26.48 5.25
CA ASN D 31 -42.24 -27.53 5.74
C ASN D 31 -41.66 -28.19 7.00
N VAL D 32 -41.71 -27.46 8.11
CA VAL D 32 -41.13 -27.96 9.36
C VAL D 32 -42.16 -28.79 10.12
N PRO D 33 -41.68 -29.78 10.90
CA PRO D 33 -42.59 -30.59 11.72
C PRO D 33 -43.27 -29.76 12.80
N VAL D 34 -44.58 -29.87 12.90
CA VAL D 34 -45.35 -29.10 13.87
C VAL D 34 -46.21 -29.99 14.77
N LYS D 35 -46.06 -29.80 16.07
CA LYS D 35 -46.86 -30.51 17.05
C LYS D 35 -47.47 -29.50 18.00
N ASN D 36 -48.79 -29.55 18.14
CA ASN D 36 -49.53 -28.65 19.02
C ASN D 36 -49.18 -27.19 18.71
N GLY D 37 -49.03 -26.87 17.43
CA GLY D 37 -48.74 -25.51 17.01
C GLY D 37 -47.31 -25.06 17.27
N VAL D 38 -46.45 -26.00 17.62
CA VAL D 38 -45.05 -25.67 17.93
C VAL D 38 -44.09 -26.37 16.98
N ILE D 39 -43.09 -25.62 16.52
CA ILE D 39 -42.07 -26.15 15.63
C ILE D 39 -41.10 -27.06 16.38
N THR D 40 -40.99 -28.31 15.95
CA THR D 40 -40.13 -29.28 16.64
C THR D 40 -38.73 -29.29 16.05
N SER D 41 -38.59 -28.85 14.81
CA SER D 41 -37.29 -28.77 14.14
C SER D 41 -37.24 -27.60 13.17
N ASP D 42 -36.24 -26.75 13.33
CA ASP D 42 -36.12 -25.54 12.53
C ASP D 42 -35.00 -25.66 11.49
N ALA D 43 -34.65 -26.90 11.15
CA ALA D 43 -33.57 -27.14 10.19
C ALA D 43 -33.86 -26.48 8.85
N ARG D 44 -35.08 -26.63 8.37
CA ARG D 44 -35.47 -26.04 7.10
C ARG D 44 -35.49 -24.51 7.16
N LEU D 45 -35.83 -23.97 8.31
CA LEU D 45 -35.89 -22.53 8.50
C LEU D 45 -34.47 -21.93 8.52
N ARG D 46 -33.59 -22.57 9.29
CA ARG D 46 -32.21 -22.11 9.41
C ARG D 46 -31.47 -22.19 8.08
N ALA D 47 -31.96 -23.04 7.20
CA ALA D 47 -31.33 -23.25 5.89
C ALA D 47 -31.79 -22.23 4.86
N ALA D 48 -33.03 -21.77 5.00
CA ALA D 48 -33.64 -20.84 4.04
C ALA D 48 -33.37 -19.37 4.38
N LEU D 49 -32.94 -19.11 5.62
CA LEU D 49 -32.70 -17.74 6.07
C LEU D 49 -31.64 -16.96 5.27
N PRO D 50 -30.49 -17.59 4.96
CA PRO D 50 -29.49 -16.83 4.18
C PRO D 50 -30.02 -16.31 2.84
N THR D 51 -30.92 -17.07 2.22
CA THR D 51 -31.54 -16.66 0.97
C THR D 51 -32.39 -15.42 1.19
N ILE D 52 -33.16 -15.45 2.25
CA ILE D 52 -34.05 -14.36 2.60
C ILE D 52 -33.23 -13.11 2.92
N LYS D 53 -32.16 -13.30 3.66
CA LYS D 53 -31.28 -12.21 4.08
C LYS D 53 -30.54 -11.59 2.89
N ALA D 54 -30.14 -12.43 1.94
CA ALA D 54 -29.45 -11.95 0.75
C ALA D 54 -30.36 -11.09 -0.10
N ALA D 55 -31.61 -11.50 -0.22
CA ALA D 55 -32.60 -10.76 -0.99
C ALA D 55 -32.86 -9.38 -0.39
N LEU D 56 -33.00 -9.32 0.93
CA LEU D 56 -33.23 -8.08 1.65
C LEU D 56 -32.00 -7.16 1.58
N GLU D 57 -30.83 -7.77 1.67
CA GLU D 57 -29.58 -7.01 1.61
C GLU D 57 -29.42 -6.34 0.25
N LYS D 58 -29.98 -6.97 -0.78
CA LYS D 58 -29.90 -6.40 -2.13
C LYS D 58 -31.07 -5.44 -2.40
N GLY D 59 -31.81 -5.13 -1.33
CA GLY D 59 -32.89 -4.15 -1.37
C GLY D 59 -34.21 -4.58 -1.96
N ALA D 60 -34.55 -5.85 -1.82
CA ALA D 60 -35.76 -6.36 -2.43
C ALA D 60 -36.97 -6.29 -1.48
N ALA D 61 -38.15 -6.23 -2.07
CA ALA D 61 -39.38 -6.37 -1.31
C ALA D 61 -39.73 -7.86 -1.36
N VAL D 62 -39.58 -8.55 -0.23
CA VAL D 62 -39.59 -10.01 -0.22
C VAL D 62 -40.92 -10.66 0.20
N MET D 63 -41.39 -11.57 -0.64
CA MET D 63 -42.49 -12.47 -0.32
C MET D 63 -41.98 -13.91 -0.29
N VAL D 64 -42.21 -14.60 0.82
CA VAL D 64 -41.80 -16.00 0.94
C VAL D 64 -43.04 -16.88 1.03
N PHE D 65 -43.11 -17.92 0.21
CA PHE D 65 -44.20 -18.89 0.38
C PHE D 65 -43.71 -20.33 0.32
N SER D 66 -44.52 -21.23 0.89
CA SER D 66 -44.12 -22.62 1.05
C SER D 66 -45.34 -23.50 1.31
N HIS D 67 -45.12 -24.81 1.28
CA HIS D 67 -46.12 -25.76 1.72
C HIS D 67 -45.81 -26.18 3.15
N LEU D 68 -46.79 -26.75 3.83
CA LEU D 68 -46.60 -27.25 5.19
C LEU D 68 -47.56 -28.38 5.45
N GLY D 69 -47.04 -29.51 5.94
CA GLY D 69 -47.85 -30.68 6.19
C GLY D 69 -48.56 -31.17 4.94
N ARG D 70 -49.71 -31.79 5.11
CA ARG D 70 -50.49 -32.28 3.97
C ARG D 70 -51.96 -31.92 4.11
N PRO D 71 -52.32 -30.66 3.79
CA PRO D 71 -53.69 -30.18 3.93
C PRO D 71 -54.59 -30.57 2.76
N VAL D 72 -55.89 -30.39 2.93
CA VAL D 72 -56.82 -30.59 1.83
C VAL D 72 -57.07 -29.24 1.17
N GLU D 73 -56.87 -29.15 -0.15
CA GLU D 73 -57.04 -27.88 -0.86
C GLU D 73 -58.43 -27.29 -0.73
N GLY D 74 -58.47 -25.99 -0.44
CA GLY D 74 -59.73 -25.29 -0.27
C GLY D 74 -60.26 -25.44 1.14
N GLU D 75 -59.51 -26.14 1.98
CA GLU D 75 -59.92 -26.38 3.35
C GLU D 75 -58.80 -26.11 4.34
N PRO D 76 -58.54 -24.83 4.63
CA PRO D 76 -57.44 -24.48 5.55
C PRO D 76 -57.70 -24.96 6.97
N LYS D 77 -56.64 -25.37 7.66
CA LYS D 77 -56.74 -25.77 9.05
C LYS D 77 -55.50 -25.31 9.81
N PRO D 78 -55.69 -24.82 11.05
CA PRO D 78 -54.64 -24.24 11.90
C PRO D 78 -53.39 -25.11 12.10
N GLU D 79 -53.53 -26.43 12.08
CA GLU D 79 -52.39 -27.32 12.26
C GLU D 79 -51.41 -27.16 11.11
N GLN D 80 -51.93 -26.76 9.95
CA GLN D 80 -51.12 -26.68 8.75
C GLN D 80 -50.83 -25.24 8.34
N SER D 81 -51.07 -24.31 9.26
CA SER D 81 -50.80 -22.91 9.00
C SER D 81 -49.34 -22.57 9.24
N LEU D 82 -48.84 -21.62 8.45
CA LEU D 82 -47.45 -21.18 8.54
C LEU D 82 -47.24 -20.11 9.61
N ALA D 83 -48.26 -19.87 10.42
CA ALA D 83 -48.19 -18.88 11.49
C ALA D 83 -47.00 -19.04 12.44
N PRO D 84 -46.73 -20.28 12.92
CA PRO D 84 -45.55 -20.39 13.80
C PRO D 84 -44.24 -20.10 13.07
N VAL D 85 -44.23 -20.30 11.76
CA VAL D 85 -43.05 -19.99 10.95
C VAL D 85 -42.86 -18.47 10.85
N ALA D 86 -43.96 -17.73 10.76
CA ALA D 86 -43.90 -16.27 10.69
C ALA D 86 -43.32 -15.70 11.98
N ALA D 87 -43.74 -16.28 13.11
CA ALA D 87 -43.22 -15.86 14.40
C ALA D 87 -41.73 -16.14 14.50
N TYR D 88 -41.32 -17.30 13.97
CA TYR D 88 -39.92 -17.67 13.96
C TYR D 88 -39.11 -16.68 13.13
N LEU D 89 -39.60 -16.40 11.92
CA LEU D 89 -38.90 -15.52 11.00
C LEU D 89 -38.81 -14.10 11.56
N THR D 90 -39.84 -13.70 12.30
CA THR D 90 -39.87 -12.40 12.94
C THR D 90 -38.78 -12.30 14.00
N GLU D 91 -38.59 -13.39 14.74
CA GLU D 91 -37.56 -13.44 15.79
C GLU D 91 -36.18 -13.66 15.17
N ALA D 92 -36.15 -14.26 13.98
CA ALA D 92 -34.90 -14.57 13.31
C ALA D 92 -34.33 -13.36 12.57
N LEU D 93 -35.20 -12.54 11.99
CA LEU D 93 -34.77 -11.43 11.15
C LEU D 93 -34.79 -10.09 11.89
N GLY D 94 -35.50 -10.04 13.02
CA GLY D 94 -35.56 -8.83 13.82
C GLY D 94 -36.54 -7.79 13.32
N GLN D 95 -37.40 -8.21 12.40
CA GLN D 95 -38.43 -7.33 11.86
C GLN D 95 -39.75 -8.09 11.77
N GLU D 96 -40.84 -7.34 11.61
CA GLU D 96 -42.17 -7.92 11.54
C GLU D 96 -42.37 -8.72 10.25
N VAL D 97 -42.48 -10.03 10.38
CA VAL D 97 -42.84 -10.89 9.25
C VAL D 97 -44.33 -11.21 9.33
N LYS D 98 -45.13 -10.49 8.55
CA LYS D 98 -46.58 -10.66 8.59
C LYS D 98 -47.01 -11.88 7.79
N LEU D 99 -48.07 -12.55 8.26
CA LEU D 99 -48.65 -13.68 7.54
C LEU D 99 -49.90 -13.23 6.81
N PHE D 100 -49.95 -13.46 5.50
CA PHE D 100 -51.12 -13.09 4.72
C PHE D 100 -51.89 -14.34 4.26
N THR D 101 -53.18 -14.41 4.59
CA THR D 101 -54.01 -15.54 4.22
C THR D 101 -54.83 -15.27 2.96
N ASP D 102 -55.22 -14.01 2.79
CA ASP D 102 -55.93 -13.59 1.59
C ASP D 102 -54.97 -12.78 0.73
N TYR D 103 -54.26 -13.44 -0.19
CA TYR D 103 -53.17 -12.77 -0.88
C TYR D 103 -53.11 -13.03 -2.39
N LEU D 104 -53.99 -13.90 -2.89
CA LEU D 104 -53.98 -14.28 -4.31
C LEU D 104 -54.29 -13.11 -5.24
N ASP D 105 -55.02 -12.12 -4.74
CA ASP D 105 -55.46 -11.00 -5.57
C ASP D 105 -54.62 -9.75 -5.30
N GLY D 106 -53.44 -9.93 -4.71
CA GLY D 106 -52.58 -8.80 -4.42
C GLY D 106 -51.95 -8.85 -3.04
N VAL D 107 -50.68 -8.41 -2.95
CA VAL D 107 -49.94 -8.37 -1.70
C VAL D 107 -49.17 -7.06 -1.56
N GLU D 108 -49.31 -6.41 -0.41
CA GLU D 108 -48.57 -5.19 -0.14
C GLU D 108 -47.27 -5.50 0.60
N VAL D 109 -46.16 -5.06 0.04
CA VAL D 109 -44.85 -5.29 0.65
C VAL D 109 -43.89 -4.19 0.22
N GLU D 110 -43.18 -3.63 1.20
CA GLU D 110 -42.18 -2.60 0.94
C GLU D 110 -40.80 -3.20 0.75
N ALA D 111 -39.89 -2.40 0.21
CA ALA D 111 -38.49 -2.77 0.13
C ALA D 111 -37.91 -2.94 1.54
N GLY D 112 -37.19 -4.04 1.75
CA GLY D 112 -36.54 -4.25 3.04
C GLY D 112 -37.37 -4.98 4.06
N GLN D 113 -38.65 -5.18 3.76
CA GLN D 113 -39.48 -6.01 4.62
C GLN D 113 -39.76 -7.34 3.95
N VAL D 114 -40.18 -8.32 4.73
CA VAL D 114 -40.47 -9.64 4.19
C VAL D 114 -41.81 -10.09 4.75
N VAL D 115 -42.66 -10.62 3.86
CA VAL D 115 -43.98 -11.09 4.28
C VAL D 115 -44.13 -12.56 3.98
N LEU D 116 -44.87 -13.27 4.83
CA LEU D 116 -45.03 -14.70 4.66
C LEU D 116 -46.44 -15.04 4.16
N LEU D 117 -46.53 -15.64 2.99
CA LEU D 117 -47.83 -16.01 2.45
C LEU D 117 -48.23 -17.36 3.02
N GLU D 118 -49.54 -17.53 3.24
CA GLU D 118 -50.06 -18.74 3.85
C GLU D 118 -49.85 -19.95 2.93
N ASN D 119 -49.78 -21.13 3.56
CA ASN D 119 -49.61 -22.44 2.91
C ASN D 119 -50.19 -22.54 1.49
N VAL D 120 -49.33 -22.82 0.53
CA VAL D 120 -49.77 -22.89 -0.86
C VAL D 120 -50.72 -24.05 -1.10
N ARG D 121 -50.60 -25.12 -0.31
CA ARG D 121 -51.45 -26.30 -0.48
C ARG D 121 -52.88 -26.07 0.00
N PHE D 122 -53.17 -24.88 0.53
CA PHE D 122 -54.54 -24.47 0.82
C PHE D 122 -55.24 -24.07 -0.47
N ASN D 123 -54.44 -23.62 -1.44
CA ASN D 123 -54.98 -23.04 -2.66
C ASN D 123 -55.44 -24.09 -3.67
N PRO D 124 -56.71 -24.01 -4.07
CA PRO D 124 -57.28 -24.88 -5.11
C PRO D 124 -56.52 -24.78 -6.42
N GLY D 125 -56.10 -25.93 -6.95
CA GLY D 125 -55.38 -25.97 -8.21
C GLY D 125 -53.87 -26.04 -8.06
N GLU D 126 -53.39 -25.93 -6.82
CA GLU D 126 -51.95 -25.91 -6.55
C GLU D 126 -51.28 -27.21 -6.99
N LYS D 127 -51.80 -28.33 -6.52
CA LYS D 127 -51.21 -29.64 -6.81
C LYS D 127 -51.32 -29.97 -8.30
N LYS D 128 -52.37 -29.48 -8.95
CA LYS D 128 -52.58 -29.77 -10.37
C LYS D 128 -52.02 -28.68 -11.29
N ASN D 129 -51.17 -27.81 -10.73
CA ASN D 129 -50.47 -26.76 -11.48
C ASN D 129 -51.42 -25.94 -12.36
N ASN D 130 -52.52 -25.50 -11.76
CA ASN D 130 -53.54 -24.75 -12.49
C ASN D 130 -52.98 -23.44 -13.03
N PRO D 131 -53.13 -23.20 -14.33
CA PRO D 131 -52.63 -21.97 -14.97
C PRO D 131 -53.16 -20.71 -14.32
N GLU D 132 -54.45 -20.66 -14.01
CA GLU D 132 -55.04 -19.46 -13.43
C GLU D 132 -54.39 -19.10 -12.10
N LEU D 133 -54.18 -20.10 -11.25
CA LEU D 133 -53.55 -19.89 -9.95
C LEU D 133 -52.08 -19.52 -10.10
N ALA D 134 -51.40 -20.20 -11.02
CA ALA D 134 -50.01 -19.90 -11.29
C ALA D 134 -49.87 -18.46 -11.78
N GLN D 135 -50.84 -18.01 -12.55
CA GLN D 135 -50.83 -16.65 -13.08
C GLN D 135 -51.02 -15.61 -11.98
N LYS D 136 -51.85 -15.93 -10.99
CA LYS D 136 -52.06 -15.04 -9.85
C LYS D 136 -50.78 -14.87 -9.07
N TYR D 137 -50.05 -15.98 -8.89
CA TYR D 137 -48.74 -15.95 -8.25
C TYR D 137 -47.78 -15.03 -9.00
N ALA D 138 -47.68 -15.25 -10.31
CA ALA D 138 -46.71 -14.55 -11.12
C ALA D 138 -46.93 -13.04 -11.09
N ALA D 139 -48.19 -12.62 -11.00
CA ALA D 139 -48.55 -11.20 -10.98
C ALA D 139 -48.13 -10.53 -9.68
N LEU D 140 -47.82 -11.32 -8.66
CA LEU D 140 -47.43 -10.77 -7.36
C LEU D 140 -45.99 -10.27 -7.35
N CYS D 141 -45.19 -10.68 -8.34
CA CYS D 141 -43.76 -10.43 -8.28
C CYS D 141 -43.16 -9.88 -9.57
N ASP D 142 -41.94 -9.34 -9.45
CA ASP D 142 -41.11 -8.97 -10.59
C ASP D 142 -40.15 -10.10 -10.90
N VAL D 143 -39.76 -10.85 -9.87
CA VAL D 143 -38.84 -11.97 -9.98
C VAL D 143 -39.35 -13.15 -9.16
N PHE D 144 -39.45 -14.33 -9.78
CA PHE D 144 -39.74 -15.56 -9.03
C PHE D 144 -38.43 -16.27 -8.74
N VAL D 145 -38.26 -16.72 -7.49
CA VAL D 145 -37.03 -17.38 -7.10
C VAL D 145 -37.34 -18.77 -6.54
N MET D 146 -36.88 -19.80 -7.25
CA MET D 146 -37.05 -21.18 -6.81
C MET D 146 -35.88 -21.63 -5.95
N ASP D 147 -36.16 -21.82 -4.66
CA ASP D 147 -35.10 -22.12 -3.71
C ASP D 147 -35.36 -23.42 -2.92
N ALA D 148 -36.25 -24.27 -3.43
CA ALA D 148 -36.62 -25.49 -2.72
C ALA D 148 -36.44 -26.73 -3.58
N PHE D 149 -35.22 -27.26 -3.61
CA PHE D 149 -34.90 -28.41 -4.45
C PHE D 149 -35.69 -29.67 -4.07
N GLY D 150 -35.98 -29.84 -2.77
CA GLY D 150 -36.68 -31.01 -2.29
C GLY D 150 -38.09 -31.17 -2.85
N THR D 151 -38.61 -30.11 -3.44
CA THR D 151 -39.92 -30.12 -4.08
C THR D 151 -39.84 -29.87 -5.58
N ALA D 152 -38.62 -29.87 -6.12
CA ALA D 152 -38.40 -29.54 -7.52
C ALA D 152 -38.84 -30.66 -8.46
N HIS D 153 -39.10 -31.84 -7.91
CA HIS D 153 -39.44 -32.99 -8.72
C HIS D 153 -40.93 -33.04 -9.08
N ARG D 154 -41.73 -32.20 -8.45
CA ARG D 154 -43.17 -32.19 -8.74
C ARG D 154 -43.60 -30.86 -9.35
N ALA D 155 -44.36 -30.95 -10.44
CA ALA D 155 -44.86 -29.79 -11.15
C ALA D 155 -46.11 -29.25 -10.47
N GLU D 156 -45.95 -28.14 -9.73
CA GLU D 156 -47.05 -27.52 -9.00
C GLU D 156 -47.12 -26.02 -9.24
N ALA D 157 -48.24 -25.41 -8.85
CA ALA D 157 -48.49 -24.02 -9.16
C ALA D 157 -47.38 -23.11 -8.60
N SER D 158 -46.92 -23.42 -7.39
CA SER D 158 -45.91 -22.59 -6.74
C SER D 158 -44.48 -23.04 -7.05
N THR D 159 -44.33 -24.11 -7.83
CA THR D 159 -42.99 -24.62 -8.12
C THR D 159 -42.65 -24.64 -9.61
N GLU D 160 -43.68 -24.65 -10.45
CA GLU D 160 -43.47 -24.78 -11.88
C GLU D 160 -44.20 -23.71 -12.68
N GLY D 161 -45.51 -23.64 -12.49
CA GLY D 161 -46.33 -22.71 -13.26
C GLY D 161 -45.93 -21.26 -13.10
N VAL D 162 -45.67 -20.87 -11.86
CA VAL D 162 -45.30 -19.50 -11.55
C VAL D 162 -44.00 -19.11 -12.25
N ALA D 163 -43.11 -20.09 -12.42
CA ALA D 163 -41.83 -19.84 -13.09
C ALA D 163 -42.04 -19.56 -14.59
N ARG D 164 -43.09 -20.15 -15.14
CA ARG D 164 -43.40 -19.97 -16.55
C ARG D 164 -43.97 -18.58 -16.84
N PHE D 165 -44.67 -18.02 -15.86
CA PHE D 165 -45.41 -16.78 -16.11
C PHE D 165 -44.78 -15.54 -15.45
N ALA D 166 -43.83 -15.76 -14.55
CA ALA D 166 -43.14 -14.64 -13.91
C ALA D 166 -42.30 -13.86 -14.93
N PRO D 167 -42.13 -12.55 -14.72
CA PRO D 167 -41.30 -11.72 -15.59
C PRO D 167 -39.87 -12.25 -15.67
N VAL D 168 -39.31 -12.57 -14.50
CA VAL D 168 -38.00 -13.21 -14.40
C VAL D 168 -38.12 -14.43 -13.49
N ALA D 169 -37.59 -15.57 -13.93
CA ALA D 169 -37.57 -16.78 -13.12
C ALA D 169 -36.13 -17.23 -12.90
N ALA D 170 -35.75 -17.41 -11.64
CA ALA D 170 -34.37 -17.77 -11.32
C ALA D 170 -34.29 -18.81 -10.22
N ALA D 171 -33.11 -19.40 -10.06
CA ALA D 171 -32.86 -20.36 -8.99
C ALA D 171 -32.27 -19.62 -7.79
N GLY D 172 -32.72 -20.01 -6.60
CA GLY D 172 -32.16 -19.44 -5.38
C GLY D 172 -30.81 -20.04 -5.08
N PRO D 173 -30.12 -19.51 -4.05
CA PRO D 173 -28.80 -19.98 -3.65
C PRO D 173 -28.79 -21.47 -3.26
N LEU D 174 -29.86 -21.97 -2.66
CA LEU D 174 -29.92 -23.39 -2.27
C LEU D 174 -30.04 -24.30 -3.47
N LEU D 175 -30.98 -23.99 -4.36
CA LEU D 175 -31.19 -24.80 -5.54
C LEU D 175 -29.94 -24.80 -6.42
N ALA D 176 -29.36 -23.61 -6.61
CA ALA D 176 -28.17 -23.47 -7.45
C ALA D 176 -27.00 -24.27 -6.91
N ALA D 177 -26.79 -24.21 -5.60
CA ALA D 177 -25.70 -24.94 -4.96
C ALA D 177 -25.95 -26.45 -5.09
N GLU D 178 -27.21 -26.83 -4.98
CA GLU D 178 -27.60 -28.23 -5.12
C GLU D 178 -27.38 -28.70 -6.56
N LEU D 179 -27.84 -27.91 -7.53
CA LEU D 179 -27.70 -28.28 -8.94
C LEU D 179 -26.23 -28.31 -9.35
N ASP D 180 -25.45 -27.36 -8.85
CA ASP D 180 -24.02 -27.30 -9.14
C ASP D 180 -23.31 -28.54 -8.59
N ALA D 181 -23.66 -28.94 -7.37
CA ALA D 181 -23.03 -30.11 -6.76
C ALA D 181 -23.40 -31.37 -7.53
N LEU D 182 -24.69 -31.53 -7.80
CA LEU D 182 -25.18 -32.69 -8.53
C LEU D 182 -24.59 -32.78 -9.94
N GLY D 183 -24.48 -31.63 -10.61
CA GLY D 183 -23.91 -31.60 -11.95
C GLY D 183 -22.42 -31.90 -11.98
N ARG D 184 -21.75 -31.59 -10.87
CA ARG D 184 -20.32 -31.83 -10.76
C ARG D 184 -20.02 -33.32 -10.58
N ALA D 185 -21.06 -34.10 -10.27
CA ALA D 185 -20.88 -35.52 -10.01
C ALA D 185 -21.48 -36.40 -11.09
N MET D 186 -22.53 -35.91 -11.76
CA MET D 186 -23.25 -36.73 -12.73
C MET D 186 -22.86 -36.41 -14.17
N GLN D 187 -22.32 -35.21 -14.38
CA GLN D 187 -21.98 -34.77 -15.73
C GLN D 187 -20.46 -34.71 -15.94
N THR D 188 -19.93 -35.74 -16.60
CA THR D 188 -18.50 -35.92 -16.81
C THR D 188 -17.68 -35.73 -15.53
N PRO D 189 -17.93 -36.56 -14.51
CA PRO D 189 -17.17 -36.39 -13.27
C PRO D 189 -15.70 -36.72 -13.45
N GLU D 190 -14.86 -36.16 -12.58
CA GLU D 190 -13.44 -36.47 -12.61
C GLU D 190 -13.22 -37.92 -12.18
N LYS D 191 -12.68 -38.72 -13.08
CA LYS D 191 -12.44 -40.14 -12.81
C LYS D 191 -11.24 -40.31 -11.87
N PRO D 192 -11.24 -41.40 -11.07
CA PRO D 192 -12.29 -42.42 -10.95
C PRO D 192 -13.49 -41.95 -10.15
N MET D 193 -14.68 -42.37 -10.56
CA MET D 193 -15.91 -41.97 -9.89
C MET D 193 -16.57 -43.19 -9.25
N VAL D 194 -16.77 -43.13 -7.93
CA VAL D 194 -17.34 -44.24 -7.18
C VAL D 194 -18.63 -43.80 -6.50
N ALA D 195 -19.66 -44.64 -6.60
CA ALA D 195 -20.92 -44.38 -5.90
C ALA D 195 -21.19 -45.45 -4.84
N ILE D 196 -21.85 -45.01 -3.77
CA ILE D 196 -22.26 -45.89 -2.68
C ILE D 196 -23.78 -45.91 -2.67
N VAL D 197 -24.38 -47.07 -2.94
CA VAL D 197 -25.83 -47.17 -2.98
C VAL D 197 -26.33 -48.25 -2.04
N ALA D 198 -27.07 -47.86 -1.00
CA ALA D 198 -27.58 -48.81 -0.04
C ALA D 198 -29.06 -48.64 0.22
N GLY D 199 -29.69 -49.69 0.74
CA GLY D 199 -31.10 -49.67 1.03
C GLY D 199 -31.62 -51.08 1.25
N SER D 200 -32.90 -51.20 1.60
CA SER D 200 -33.48 -52.50 1.89
C SER D 200 -33.70 -53.33 0.62
N LYS D 201 -33.91 -52.66 -0.52
CA LYS D 201 -34.26 -53.36 -1.76
C LYS D 201 -33.53 -52.84 -2.99
N VAL D 202 -33.22 -53.76 -3.92
CA VAL D 202 -32.67 -53.41 -5.21
C VAL D 202 -33.75 -52.78 -6.08
N SER D 203 -34.94 -53.36 -6.02
CA SER D 203 -36.07 -52.92 -6.83
C SER D 203 -36.43 -51.44 -6.67
N THR D 204 -36.45 -50.97 -5.43
CA THR D 204 -36.80 -49.59 -5.13
C THR D 204 -35.76 -48.58 -5.64
N LYS D 205 -34.51 -49.00 -5.72
CA LYS D 205 -33.44 -48.12 -6.21
C LYS D 205 -32.84 -48.64 -7.52
N LEU D 206 -33.66 -49.35 -8.30
CA LEU D 206 -33.20 -49.95 -9.54
C LEU D 206 -32.73 -48.93 -10.57
N ASP D 207 -33.49 -47.84 -10.70
CA ASP D 207 -33.14 -46.77 -11.63
C ASP D 207 -31.85 -46.07 -11.22
N VAL D 208 -31.69 -45.86 -9.93
CA VAL D 208 -30.48 -45.26 -9.37
C VAL D 208 -29.28 -46.12 -9.72
N LEU D 209 -29.42 -47.43 -9.49
CA LEU D 209 -28.35 -48.38 -9.78
C LEU D 209 -28.05 -48.39 -11.27
N ASN D 210 -29.10 -48.46 -12.07
CA ASN D 210 -28.94 -48.52 -13.52
C ASN D 210 -28.28 -47.25 -14.06
N SER D 211 -28.68 -46.11 -13.51
CA SER D 211 -28.12 -44.83 -13.92
C SER D 211 -26.64 -44.73 -13.55
N LEU D 212 -26.32 -45.11 -12.32
CA LEU D 212 -24.95 -45.01 -11.82
C LEU D 212 -24.02 -46.06 -12.42
N SER D 213 -24.59 -47.19 -12.86
CA SER D 213 -23.78 -48.25 -13.45
C SER D 213 -23.10 -47.78 -14.73
N GLY D 214 -23.78 -46.90 -15.47
CA GLY D 214 -23.26 -46.36 -16.70
C GLY D 214 -22.32 -45.18 -16.54
N ILE D 215 -22.14 -44.72 -15.30
CA ILE D 215 -21.33 -43.55 -15.05
C ILE D 215 -20.15 -43.87 -14.14
N CYS D 216 -20.32 -44.86 -13.27
CA CYS D 216 -19.31 -45.20 -12.28
C CYS D 216 -18.20 -46.09 -12.80
N ASP D 217 -17.03 -45.97 -12.18
CA ASP D 217 -15.94 -46.90 -12.40
C ASP D 217 -16.15 -48.08 -11.44
N GLN D 218 -16.57 -47.76 -10.22
CA GLN D 218 -16.96 -48.78 -9.24
C GLN D 218 -18.21 -48.37 -8.45
N LEU D 219 -19.05 -49.36 -8.16
CA LEU D 219 -20.31 -49.14 -7.48
C LEU D 219 -20.37 -49.95 -6.18
N ILE D 220 -20.17 -49.26 -5.07
CA ILE D 220 -20.23 -49.89 -3.75
C ILE D 220 -21.69 -50.02 -3.32
N VAL D 221 -22.08 -51.21 -2.88
CA VAL D 221 -23.44 -51.44 -2.45
C VAL D 221 -23.51 -51.76 -0.96
N GLY D 222 -24.66 -51.48 -0.35
CA GLY D 222 -24.82 -51.69 1.08
C GLY D 222 -26.18 -52.22 1.49
N GLY D 223 -26.23 -52.85 2.65
CA GLY D 223 -27.47 -53.37 3.22
C GLY D 223 -28.11 -54.46 2.39
N GLY D 224 -29.43 -54.43 2.29
CA GLY D 224 -30.20 -55.41 1.55
C GLY D 224 -29.81 -55.50 0.09
N ILE D 225 -29.47 -54.36 -0.51
CA ILE D 225 -29.00 -54.32 -1.89
C ILE D 225 -27.73 -55.14 -2.03
N ALA D 226 -26.81 -54.93 -1.09
CA ALA D 226 -25.53 -55.64 -1.11
C ALA D 226 -25.72 -57.14 -0.95
N ASN D 227 -26.67 -57.54 -0.10
CA ASN D 227 -26.94 -58.95 0.13
C ASN D 227 -27.45 -59.63 -1.14
N THR D 228 -28.26 -58.90 -1.89
CA THR D 228 -28.76 -59.39 -3.16
C THR D 228 -27.61 -59.57 -4.14
N PHE D 229 -26.67 -58.64 -4.12
CA PHE D 229 -25.47 -58.73 -4.97
C PHE D 229 -24.57 -59.88 -4.52
N LEU D 230 -24.57 -60.15 -3.22
CA LEU D 230 -23.78 -61.24 -2.67
C LEU D 230 -24.30 -62.59 -3.15
N ALA D 231 -25.62 -62.74 -3.16
CA ALA D 231 -26.28 -63.95 -3.65
C ALA D 231 -26.05 -64.14 -5.15
N ALA D 232 -25.91 -63.03 -5.87
CA ALA D 232 -25.66 -63.07 -7.30
C ALA D 232 -24.28 -63.65 -7.59
N ALA D 233 -23.40 -63.53 -6.62
CA ALA D 233 -22.04 -64.07 -6.72
C ALA D 233 -21.98 -65.54 -6.29
N GLY D 234 -23.12 -66.11 -5.95
CA GLY D 234 -23.20 -67.53 -5.63
C GLY D 234 -23.00 -67.87 -4.16
N TYR D 235 -23.00 -66.85 -3.30
CA TYR D 235 -22.83 -67.09 -1.88
C TYR D 235 -24.17 -67.34 -1.21
N ASN D 236 -24.14 -68.05 -0.10
CA ASN D 236 -25.32 -68.29 0.69
C ASN D 236 -25.42 -67.12 1.67
N VAL D 237 -26.60 -66.54 1.80
CA VAL D 237 -26.78 -65.37 2.66
C VAL D 237 -27.62 -65.71 3.87
N GLY D 238 -28.02 -66.96 3.97
CA GLY D 238 -28.82 -67.42 5.09
C GLY D 238 -30.15 -66.70 5.20
N LYS D 239 -30.41 -66.13 6.37
CA LYS D 239 -31.65 -65.40 6.59
C LYS D 239 -31.45 -63.89 6.47
N SER D 240 -30.41 -63.49 5.74
CA SER D 240 -30.17 -62.08 5.49
C SER D 240 -31.29 -61.46 4.68
N LEU D 241 -31.51 -60.16 4.85
CA LEU D 241 -32.48 -59.45 4.03
C LEU D 241 -31.98 -59.30 2.60
N TYR D 242 -32.75 -59.82 1.64
CA TYR D 242 -32.42 -59.66 0.23
C TYR D 242 -33.62 -59.92 -0.67
N GLU D 243 -33.48 -59.57 -1.96
CA GLU D 243 -34.53 -59.79 -2.96
C GLU D 243 -34.11 -60.87 -3.95
N ALA D 244 -34.74 -62.04 -3.87
CA ALA D 244 -34.40 -63.16 -4.74
C ALA D 244 -34.70 -62.87 -6.21
N ASP D 245 -35.73 -62.07 -6.46
CA ASP D 245 -36.18 -61.82 -7.85
C ASP D 245 -35.30 -60.84 -8.62
N LEU D 246 -34.35 -60.19 -7.95
CA LEU D 246 -33.48 -59.25 -8.65
C LEU D 246 -32.02 -59.66 -8.55
N VAL D 247 -31.80 -60.94 -8.23
CA VAL D 247 -30.46 -61.50 -8.20
C VAL D 247 -29.86 -61.49 -9.60
N GLU D 248 -30.59 -62.02 -10.57
CA GLU D 248 -30.13 -62.00 -11.95
C GLU D 248 -30.02 -60.56 -12.45
N THR D 249 -30.91 -59.71 -11.97
CA THR D 249 -30.84 -58.29 -12.27
C THR D 249 -29.53 -57.70 -11.73
N ALA D 250 -29.18 -58.08 -10.52
CA ALA D 250 -27.95 -57.61 -9.89
C ALA D 250 -26.74 -58.13 -10.66
N LYS D 251 -26.84 -59.37 -11.14
CA LYS D 251 -25.77 -59.99 -11.90
C LYS D 251 -25.52 -59.24 -13.20
N GLN D 252 -26.59 -58.77 -13.83
CA GLN D 252 -26.46 -58.03 -15.07
C GLN D 252 -25.83 -56.66 -14.82
N ILE D 253 -26.09 -56.10 -13.65
CA ILE D 253 -25.54 -54.80 -13.27
C ILE D 253 -24.06 -54.94 -12.93
N ALA D 254 -23.72 -55.99 -12.19
CA ALA D 254 -22.35 -56.24 -11.75
C ALA D 254 -21.41 -56.50 -12.92
N ALA D 255 -21.97 -56.85 -14.08
CA ALA D 255 -21.17 -57.07 -15.28
C ALA D 255 -20.89 -55.76 -16.01
N LYS D 256 -21.79 -54.80 -15.86
CA LYS D 256 -21.66 -53.51 -16.55
C LYS D 256 -20.73 -52.57 -15.79
N VAL D 257 -20.66 -52.76 -14.48
CA VAL D 257 -19.82 -51.91 -13.64
C VAL D 257 -19.19 -52.74 -12.54
N SER D 258 -18.00 -52.34 -12.10
CA SER D 258 -17.30 -53.05 -11.03
C SER D 258 -18.01 -52.84 -9.70
N VAL D 259 -18.61 -53.92 -9.18
CA VAL D 259 -19.28 -53.87 -7.89
C VAL D 259 -18.49 -54.71 -6.89
N PRO D 260 -17.69 -54.04 -6.05
CA PRO D 260 -16.81 -54.69 -5.07
C PRO D 260 -17.56 -55.62 -4.11
N LEU D 261 -17.11 -56.86 -4.04
CA LEU D 261 -17.71 -57.86 -3.16
C LEU D 261 -17.06 -57.87 -1.78
N PRO D 262 -17.88 -58.06 -0.74
CA PRO D 262 -17.34 -58.27 0.60
C PRO D 262 -16.52 -59.56 0.69
N THR D 263 -15.42 -59.51 1.42
CA THR D 263 -14.62 -60.68 1.70
C THR D 263 -14.97 -61.21 3.09
N ASP D 264 -15.49 -60.31 3.93
CA ASP D 264 -15.97 -60.69 5.26
C ASP D 264 -17.24 -59.90 5.64
N VAL D 265 -17.99 -60.43 6.61
CA VAL D 265 -19.26 -59.85 7.02
C VAL D 265 -19.46 -59.98 8.53
N VAL D 266 -20.34 -59.16 9.08
CA VAL D 266 -20.74 -59.28 10.48
C VAL D 266 -22.14 -59.86 10.53
N VAL D 267 -22.31 -60.95 11.28
CA VAL D 267 -23.62 -61.61 11.38
C VAL D 267 -24.12 -61.75 12.81
N ALA D 268 -25.44 -61.92 12.91
CA ALA D 268 -26.07 -62.29 14.16
C ALA D 268 -26.94 -63.52 13.93
N ASP D 269 -27.14 -64.31 14.97
CA ASP D 269 -27.99 -65.48 14.85
C ASP D 269 -29.46 -65.06 14.95
N ALA D 270 -30.25 -65.44 13.95
CA ALA D 270 -31.65 -65.04 13.89
C ALA D 270 -32.47 -65.69 15.00
N SER D 271 -31.93 -66.76 15.57
CA SER D 271 -32.61 -67.51 16.63
C SER D 271 -32.70 -66.75 17.95
N GLN D 272 -31.82 -65.77 18.13
CA GLN D 272 -31.81 -64.98 19.36
C GLN D 272 -32.34 -63.57 19.11
N ILE D 273 -33.32 -63.46 18.23
CA ILE D 273 -33.87 -62.17 17.83
C ILE D 273 -35.39 -62.13 17.99
N ASN D 274 -35.85 -61.11 18.70
CA ASN D 274 -37.27 -60.86 18.82
C ASN D 274 -37.59 -59.74 17.85
N PHE D 275 -38.29 -60.07 16.78
CA PHE D 275 -38.56 -59.11 15.72
C PHE D 275 -39.59 -58.06 16.13
N GLU D 276 -40.20 -58.26 17.28
CA GLU D 276 -41.06 -57.26 17.90
C GLU D 276 -40.21 -56.05 18.30
N ASP D 277 -38.97 -56.34 18.71
CA ASP D 277 -38.00 -55.32 19.07
C ASP D 277 -36.66 -55.62 18.39
N PHE D 278 -36.61 -55.37 17.08
CA PHE D 278 -35.48 -55.77 16.24
C PHE D 278 -34.17 -55.10 16.66
N LEU D 279 -34.15 -53.78 16.72
CA LEU D 279 -32.94 -53.05 17.07
C LEU D 279 -32.55 -53.36 18.49
N GLY D 280 -33.56 -53.54 19.33
CA GLY D 280 -33.35 -53.91 20.71
C GLY D 280 -32.65 -55.25 20.81
N SER D 281 -33.09 -56.21 20.00
CA SER D 281 -32.52 -57.55 20.07
C SER D 281 -31.14 -57.57 19.43
N LEU D 282 -30.83 -56.52 18.68
CA LEU D 282 -29.54 -56.47 17.99
C LEU D 282 -28.49 -55.90 18.90
N ALA D 283 -28.88 -54.96 19.74
CA ALA D 283 -27.96 -54.36 20.69
C ALA D 283 -27.53 -55.37 21.73
N ALA D 284 -28.44 -56.29 22.06
CA ALA D 284 -28.17 -57.32 23.06
C ALA D 284 -27.54 -58.57 22.44
N ALA D 285 -27.63 -58.70 21.12
CA ALA D 285 -27.15 -59.91 20.45
C ALA D 285 -25.64 -60.03 20.45
N GLN D 286 -25.17 -61.25 20.19
CA GLN D 286 -23.75 -61.54 20.04
C GLN D 286 -23.41 -61.52 18.56
N ALA D 287 -22.58 -60.56 18.16
CA ALA D 287 -22.20 -60.42 16.76
C ALA D 287 -20.94 -61.22 16.45
N VAL D 288 -20.87 -61.78 15.25
CA VAL D 288 -19.72 -62.56 14.84
C VAL D 288 -19.22 -62.14 13.46
N ILE D 289 -17.91 -61.95 13.36
CA ILE D 289 -17.29 -61.66 12.07
C ILE D 289 -17.00 -62.97 11.38
N LYS D 290 -17.42 -63.08 10.11
CA LYS D 290 -17.29 -64.31 9.35
C LYS D 290 -16.78 -64.05 7.95
N LYS D 291 -16.22 -65.08 7.34
CA LYS D 291 -15.90 -65.05 5.93
C LYS D 291 -17.19 -65.14 5.14
N VAL D 292 -17.21 -64.58 3.94
CA VAL D 292 -18.43 -64.47 3.15
C VAL D 292 -18.94 -65.85 2.71
N GLU D 293 -18.06 -66.82 2.58
CA GLU D 293 -18.48 -68.15 2.18
C GLU D 293 -18.98 -68.96 3.38
N ASP D 294 -18.81 -68.41 4.58
CA ASP D 294 -19.10 -69.14 5.82
C ASP D 294 -20.45 -68.80 6.45
N VAL D 295 -21.24 -67.95 5.79
CA VAL D 295 -22.57 -67.61 6.28
C VAL D 295 -23.47 -68.84 6.37
N THR D 296 -23.98 -69.09 7.57
CA THR D 296 -24.83 -70.25 7.81
C THR D 296 -26.29 -69.92 7.52
N ALA D 297 -27.16 -70.91 7.64
CA ALA D 297 -28.56 -70.76 7.25
C ALA D 297 -29.30 -69.76 8.13
N ASN D 298 -28.86 -69.64 9.37
CA ASN D 298 -29.54 -68.78 10.33
C ASN D 298 -28.85 -67.43 10.55
N ASP D 299 -27.71 -67.22 9.88
CA ASP D 299 -27.00 -65.95 9.99
C ASP D 299 -27.76 -64.84 9.27
N MET D 300 -27.79 -63.66 9.89
CA MET D 300 -28.27 -62.44 9.23
C MET D 300 -27.10 -61.51 8.98
N ILE D 301 -26.76 -61.27 7.72
CA ILE D 301 -25.71 -60.32 7.40
C ILE D 301 -26.22 -58.91 7.73
N LEU D 302 -25.52 -58.23 8.63
CA LEU D 302 -25.97 -56.93 9.12
C LEU D 302 -24.90 -55.84 9.05
N ASP D 303 -23.71 -56.20 8.56
CA ASP D 303 -22.62 -55.23 8.36
C ASP D 303 -21.47 -55.87 7.61
N VAL D 304 -20.62 -55.06 6.98
CA VAL D 304 -19.41 -55.59 6.36
C VAL D 304 -18.32 -55.71 7.42
N GLY D 305 -17.38 -56.63 7.20
CA GLY D 305 -16.30 -56.86 8.13
C GLY D 305 -15.13 -55.90 7.98
N PRO D 306 -14.13 -56.00 8.88
CA PRO D 306 -12.94 -55.15 8.93
C PRO D 306 -12.16 -55.11 7.62
N GLU D 307 -11.97 -56.28 7.00
CA GLU D 307 -11.20 -56.37 5.77
C GLU D 307 -11.92 -55.70 4.60
N THR D 308 -13.24 -55.85 4.56
CA THR D 308 -14.02 -55.21 3.50
C THR D 308 -14.05 -53.71 3.71
N ALA D 309 -14.18 -53.28 4.96
CA ALA D 309 -14.22 -51.86 5.28
C ALA D 309 -12.91 -51.18 4.91
N LYS D 310 -11.81 -51.92 4.98
CA LYS D 310 -10.51 -51.39 4.61
C LYS D 310 -10.36 -51.34 3.09
N ALA D 311 -10.94 -52.32 2.41
CA ALA D 311 -10.90 -52.39 0.95
C ALA D 311 -11.76 -51.28 0.34
N PHE D 312 -12.92 -51.06 0.95
CA PHE D 312 -13.82 -49.99 0.52
C PHE D 312 -13.15 -48.64 0.73
N ALA D 313 -12.45 -48.48 1.85
CA ALA D 313 -11.78 -47.24 2.20
C ALA D 313 -10.70 -46.89 1.18
N ASN D 314 -9.98 -47.92 0.72
CA ASN D 314 -8.92 -47.74 -0.26
C ASN D 314 -9.51 -47.28 -1.59
N ILE D 315 -10.72 -47.75 -1.90
CA ILE D 315 -11.41 -47.36 -3.12
C ILE D 315 -11.83 -45.90 -3.04
N LEU D 316 -12.38 -45.50 -1.90
CA LEU D 316 -12.86 -44.13 -1.73
C LEU D 316 -11.68 -43.15 -1.62
N THR D 317 -10.58 -43.61 -1.03
CA THR D 317 -9.38 -42.78 -0.90
C THR D 317 -8.71 -42.59 -2.27
N THR D 318 -8.92 -43.53 -3.17
CA THR D 318 -8.37 -43.47 -4.52
C THR D 318 -9.22 -42.60 -5.43
N SER D 319 -10.54 -42.70 -5.28
CA SER D 319 -11.50 -42.01 -6.15
C SER D 319 -11.27 -40.51 -6.20
N LYS D 320 -11.74 -39.88 -7.27
CA LYS D 320 -11.63 -38.44 -7.42
C LYS D 320 -13.01 -37.80 -7.27
N THR D 321 -14.04 -38.65 -7.31
CA THR D 321 -15.41 -38.21 -7.11
C THR D 321 -16.21 -39.29 -6.39
N ILE D 322 -16.93 -38.91 -5.33
CA ILE D 322 -17.73 -39.87 -4.57
C ILE D 322 -19.19 -39.43 -4.48
N LEU D 323 -20.10 -40.31 -4.88
CA LEU D 323 -21.52 -40.09 -4.61
C LEU D 323 -21.95 -41.11 -3.54
N TRP D 324 -22.40 -40.60 -2.41
CA TRP D 324 -22.66 -41.40 -1.22
C TRP D 324 -24.15 -41.46 -0.89
N ASN D 325 -24.76 -42.63 -1.10
CA ASN D 325 -26.19 -42.78 -0.84
C ASN D 325 -26.49 -44.03 -0.01
N GLY D 326 -26.05 -44.04 1.25
CA GLY D 326 -26.40 -45.11 2.18
C GLY D 326 -25.26 -45.73 2.99
N PRO D 327 -25.60 -46.34 4.14
CA PRO D 327 -24.64 -47.03 5.01
C PRO D 327 -24.42 -48.48 4.56
N VAL D 328 -23.43 -49.16 5.12
CA VAL D 328 -23.16 -50.55 4.72
C VAL D 328 -23.54 -51.54 5.83
N GLY D 329 -24.29 -51.06 6.81
CA GLY D 329 -24.72 -51.90 7.92
C GLY D 329 -25.71 -51.20 8.84
N VAL D 330 -26.23 -51.93 9.82
CA VAL D 330 -27.16 -51.35 10.78
C VAL D 330 -26.37 -50.55 11.81
N PHE D 331 -25.92 -49.36 11.40
CA PHE D 331 -24.97 -48.58 12.19
C PHE D 331 -25.57 -48.00 13.47
N GLU D 332 -26.90 -48.01 13.56
CA GLU D 332 -27.58 -47.56 14.77
C GLU D 332 -27.10 -48.34 15.99
N VAL D 333 -26.74 -49.60 15.76
CA VAL D 333 -26.23 -50.51 16.79
C VAL D 333 -24.72 -50.66 16.65
N ASP D 334 -23.99 -50.40 17.75
CA ASP D 334 -22.54 -50.29 17.72
C ASP D 334 -21.82 -51.49 17.11
N GLN D 335 -22.31 -52.68 17.41
CA GLN D 335 -21.66 -53.91 16.94
C GLN D 335 -21.86 -54.16 15.44
N PHE D 336 -22.78 -53.42 14.82
CA PHE D 336 -22.95 -53.50 13.37
C PHE D 336 -22.69 -52.16 12.70
N GLY D 337 -21.88 -51.33 13.35
CA GLY D 337 -21.64 -49.98 12.85
C GLY D 337 -20.21 -49.67 12.44
N GLU D 338 -19.29 -50.63 12.63
CA GLU D 338 -17.89 -50.39 12.31
C GLU D 338 -17.67 -50.16 10.81
N GLY D 339 -18.47 -50.83 9.99
CA GLY D 339 -18.37 -50.68 8.55
C GLY D 339 -18.71 -49.29 8.06
N THR D 340 -19.83 -48.77 8.53
CA THR D 340 -20.28 -47.43 8.14
C THR D 340 -19.36 -46.36 8.72
N LYS D 341 -18.82 -46.61 9.90
CA LYS D 341 -17.89 -45.69 10.53
C LYS D 341 -16.64 -45.54 9.69
N ALA D 342 -16.08 -46.67 9.26
CA ALA D 342 -14.89 -46.66 8.41
C ALA D 342 -15.21 -46.03 7.06
N LEU D 343 -16.41 -46.32 6.56
CA LEU D 343 -16.84 -45.82 5.26
C LEU D 343 -16.98 -44.30 5.32
N SER D 344 -17.57 -43.80 6.41
CA SER D 344 -17.78 -42.37 6.59
C SER D 344 -16.44 -41.65 6.67
N LEU D 345 -15.51 -42.20 7.45
CA LEU D 345 -14.18 -41.62 7.57
C LEU D 345 -13.48 -41.61 6.22
N ALA D 346 -13.56 -42.71 5.50
CA ALA D 346 -12.92 -42.84 4.19
C ALA D 346 -13.42 -41.78 3.20
N VAL D 347 -14.72 -41.54 3.18
CA VAL D 347 -15.30 -40.52 2.32
C VAL D 347 -14.77 -39.15 2.75
N ALA D 348 -14.71 -38.94 4.07
CA ALA D 348 -14.31 -37.66 4.64
C ALA D 348 -12.85 -37.29 4.34
N GLN D 349 -11.92 -38.17 4.69
CA GLN D 349 -10.50 -37.87 4.52
C GLN D 349 -10.10 -37.78 3.05
N SER D 350 -10.91 -38.38 2.18
CA SER D 350 -10.56 -38.47 0.77
C SER D 350 -10.57 -37.10 0.08
N ASP D 351 -9.54 -36.84 -0.72
CA ASP D 351 -9.40 -35.57 -1.43
C ASP D 351 -10.43 -35.44 -2.55
N ALA D 352 -11.12 -36.53 -2.84
CA ALA D 352 -12.17 -36.55 -3.85
C ALA D 352 -13.27 -35.55 -3.53
N PHE D 353 -13.95 -35.06 -4.56
CA PHE D 353 -15.17 -34.30 -4.34
C PHE D 353 -16.30 -35.25 -4.00
N SER D 354 -16.87 -35.08 -2.82
CA SER D 354 -17.88 -36.00 -2.30
C SER D 354 -19.26 -35.36 -2.16
N ILE D 355 -20.29 -36.05 -2.63
CA ILE D 355 -21.65 -35.58 -2.44
C ILE D 355 -22.54 -36.65 -1.79
N ALA D 356 -23.32 -36.24 -0.80
CA ALA D 356 -24.18 -37.16 -0.06
C ALA D 356 -25.65 -36.73 -0.15
N GLY D 357 -26.54 -37.70 -0.08
CA GLY D 357 -27.97 -37.45 -0.10
C GLY D 357 -28.72 -38.64 0.44
N GLY D 358 -29.93 -38.42 0.96
CA GLY D 358 -30.71 -39.50 1.54
C GLY D 358 -30.63 -39.51 3.05
N GLY D 359 -31.78 -39.78 3.69
CA GLY D 359 -31.90 -39.68 5.13
C GLY D 359 -30.91 -40.52 5.93
N ASP D 360 -30.75 -41.78 5.52
CA ASP D 360 -29.87 -42.71 6.21
C ASP D 360 -28.42 -42.24 6.14
N THR D 361 -28.05 -41.68 5.00
CA THR D 361 -26.70 -41.17 4.78
C THR D 361 -26.40 -39.99 5.71
N LEU D 362 -27.35 -39.06 5.80
CA LEU D 362 -27.18 -37.85 6.61
C LEU D 362 -27.13 -38.19 8.11
N ALA D 363 -27.83 -39.24 8.49
CA ALA D 363 -27.84 -39.69 9.88
C ALA D 363 -26.45 -40.22 10.24
N ALA D 364 -25.83 -40.94 9.33
CA ALA D 364 -24.48 -41.46 9.54
C ALA D 364 -23.46 -40.33 9.62
N ILE D 365 -23.63 -39.33 8.76
CA ILE D 365 -22.74 -38.18 8.72
C ILE D 365 -22.76 -37.46 10.07
N ASP D 366 -23.95 -37.34 10.64
CA ASP D 366 -24.09 -36.67 11.92
C ASP D 366 -23.56 -37.53 13.05
N LYS D 367 -23.75 -38.85 12.94
CA LYS D 367 -23.29 -39.77 13.99
C LYS D 367 -21.78 -39.77 14.09
N TYR D 368 -21.09 -39.70 12.96
CA TYR D 368 -19.65 -39.78 12.96
C TYR D 368 -19.00 -38.41 12.79
N ASN D 369 -19.84 -37.37 12.78
CA ASN D 369 -19.39 -35.97 12.80
C ASN D 369 -18.37 -35.66 11.70
N VAL D 370 -18.78 -35.86 10.45
CA VAL D 370 -17.90 -35.59 9.32
C VAL D 370 -18.56 -34.62 8.34
N ALA D 371 -19.55 -33.87 8.83
CA ALA D 371 -20.35 -32.98 7.98
C ALA D 371 -19.51 -31.96 7.21
N ASP D 372 -18.54 -31.36 7.88
CA ASP D 372 -17.72 -30.31 7.26
C ASP D 372 -16.73 -30.87 6.25
N GLN D 373 -16.53 -32.19 6.27
CA GLN D 373 -15.53 -32.81 5.40
C GLN D 373 -16.17 -33.35 4.13
N ILE D 374 -17.48 -33.25 4.03
CA ILE D 374 -18.20 -33.65 2.83
C ILE D 374 -18.28 -32.46 1.88
N GLY D 375 -18.04 -32.72 0.59
CA GLY D 375 -18.09 -31.67 -0.40
C GLY D 375 -19.43 -30.96 -0.44
N TYR D 376 -20.50 -31.73 -0.58
CA TYR D 376 -21.84 -31.18 -0.53
C TYR D 376 -22.82 -32.18 0.07
N ILE D 377 -23.64 -31.69 1.00
CA ILE D 377 -24.66 -32.51 1.66
C ILE D 377 -26.03 -32.10 1.15
N SER D 378 -26.69 -33.01 0.43
CA SER D 378 -28.00 -32.71 -0.12
C SER D 378 -29.10 -33.09 0.86
N THR D 379 -30.14 -32.26 0.92
CA THR D 379 -31.30 -32.54 1.74
C THR D 379 -32.51 -32.83 0.85
N GLY D 380 -32.23 -33.09 -0.42
CA GLY D 380 -33.26 -33.20 -1.43
C GLY D 380 -34.18 -34.40 -1.33
N GLY D 381 -33.74 -35.44 -0.64
CA GLY D 381 -34.53 -36.64 -0.48
C GLY D 381 -34.88 -37.28 -1.82
N GLY D 382 -36.19 -37.40 -2.07
CA GLY D 382 -36.68 -38.04 -3.29
C GLY D 382 -36.25 -37.34 -4.55
N ALA D 383 -36.16 -36.01 -4.49
CA ALA D 383 -35.72 -35.22 -5.63
C ALA D 383 -34.25 -35.50 -5.95
N PHE D 384 -33.45 -35.67 -4.91
CA PHE D 384 -32.04 -36.03 -5.07
C PHE D 384 -31.93 -37.34 -5.84
N LEU D 385 -32.72 -38.34 -5.44
CA LEU D 385 -32.65 -39.65 -6.09
C LEU D 385 -33.13 -39.56 -7.54
N GLU D 386 -34.19 -38.79 -7.78
CA GLU D 386 -34.73 -38.66 -9.13
C GLU D 386 -33.76 -37.97 -10.08
N PHE D 387 -32.97 -37.04 -9.56
CA PHE D 387 -31.95 -36.40 -10.37
C PHE D 387 -30.89 -37.44 -10.73
N VAL D 388 -30.48 -38.21 -9.72
CA VAL D 388 -29.47 -39.25 -9.91
C VAL D 388 -29.98 -40.26 -10.92
N GLU D 389 -31.29 -40.53 -10.90
CA GLU D 389 -31.90 -41.45 -11.85
C GLU D 389 -31.86 -40.89 -13.27
N GLY D 390 -31.60 -39.60 -13.41
CA GLY D 390 -31.56 -38.98 -14.71
C GLY D 390 -32.93 -38.51 -15.15
N LYS D 391 -33.88 -38.52 -14.22
CA LYS D 391 -35.22 -38.01 -14.50
C LYS D 391 -35.20 -36.50 -14.62
N THR D 392 -36.06 -35.96 -15.48
CA THR D 392 -36.16 -34.52 -15.65
C THR D 392 -37.00 -33.96 -14.51
N LEU D 393 -36.45 -32.97 -13.80
CA LEU D 393 -37.17 -32.36 -12.70
C LEU D 393 -37.91 -31.14 -13.23
N PRO D 394 -39.25 -31.16 -13.17
CA PRO D 394 -40.12 -30.12 -13.74
C PRO D 394 -39.72 -28.70 -13.37
N ALA D 395 -39.53 -28.43 -12.07
CA ALA D 395 -39.19 -27.08 -11.62
C ALA D 395 -37.84 -26.63 -12.15
N VAL D 396 -36.95 -27.59 -12.40
CA VAL D 396 -35.66 -27.28 -12.95
C VAL D 396 -35.79 -27.01 -14.44
N ALA D 397 -36.60 -27.82 -15.12
CA ALA D 397 -36.77 -27.72 -16.56
C ALA D 397 -37.33 -26.36 -16.99
N VAL D 398 -38.29 -25.84 -16.22
CA VAL D 398 -38.92 -24.56 -16.59
C VAL D 398 -37.92 -23.41 -16.43
N LEU D 399 -37.07 -23.47 -15.40
CA LEU D 399 -36.03 -22.46 -15.21
C LEU D 399 -35.07 -22.41 -16.40
N LEU D 400 -34.85 -23.56 -17.02
CA LEU D 400 -34.00 -23.64 -18.21
C LEU D 400 -34.67 -22.94 -19.39
N GLU D 401 -35.99 -22.99 -19.43
CA GLU D 401 -36.75 -22.33 -20.47
C GLU D 401 -36.73 -20.82 -20.31
N ARG D 402 -36.52 -20.37 -19.07
CA ARG D 402 -36.58 -18.96 -18.75
C ARG D 402 -35.20 -18.37 -18.53
N ALA D 403 -34.19 -18.98 -19.14
CA ALA D 403 -32.81 -18.58 -18.92
C ALA D 403 -32.23 -17.90 -20.15
N MET E 9 -9.10 24.93 2.52
CA MET E 9 -8.48 23.90 1.69
C MET E 9 -7.79 22.81 2.53
N ASN E 10 -7.77 21.60 2.02
CA ASN E 10 -7.29 20.45 2.76
C ASN E 10 -6.03 19.83 2.15
N PHE E 11 -4.90 20.04 2.81
CA PHE E 11 -3.63 19.47 2.36
C PHE E 11 -2.79 19.07 3.56
N GLN E 12 -1.89 18.11 3.38
CA GLN E 12 -1.03 17.69 4.48
C GLN E 12 0.06 18.72 4.71
N ARG E 13 0.48 18.86 5.96
CA ARG E 13 1.48 19.83 6.37
C ARG E 13 2.65 19.14 7.04
N MET E 14 3.87 19.57 6.69
CA MET E 14 5.10 19.01 7.24
C MET E 14 5.07 19.07 8.77
N THR E 15 4.46 20.15 9.30
CA THR E 15 4.34 20.35 10.74
C THR E 15 3.62 19.20 11.45
N ASP E 16 2.68 18.56 10.76
CA ASP E 16 1.89 17.48 11.35
C ASP E 16 2.55 16.11 11.22
N LEU E 17 3.66 16.07 10.50
CA LEU E 17 4.28 14.80 10.15
C LEU E 17 5.49 14.44 11.01
N ASN E 18 5.57 13.19 11.43
CA ASN E 18 6.78 12.66 12.04
C ASN E 18 7.78 12.34 10.93
N LEU E 19 9.05 12.66 11.15
CA LEU E 19 10.05 12.53 10.08
C LEU E 19 11.31 11.78 10.54
N ALA E 20 11.21 11.09 11.67
CA ALA E 20 12.34 10.34 12.22
C ALA E 20 12.82 9.28 11.23
N GLY E 21 14.07 9.43 10.81
CA GLY E 21 14.71 8.50 9.88
C GLY E 21 14.21 8.57 8.44
N LYS E 22 13.50 9.64 8.10
CA LYS E 22 12.92 9.73 6.77
C LYS E 22 13.72 10.62 5.83
N ARG E 23 13.72 10.27 4.55
CA ARG E 23 14.35 11.05 3.51
C ARG E 23 13.38 12.13 3.03
N VAL E 24 13.69 13.38 3.33
CA VAL E 24 12.76 14.48 3.08
C VAL E 24 13.29 15.42 2.01
N LEU E 25 12.55 15.51 0.90
CA LEU E 25 12.92 16.34 -0.22
C LEU E 25 12.09 17.62 -0.22
N ILE E 26 12.76 18.75 -0.01
CA ILE E 26 12.07 20.01 0.18
C ILE E 26 12.32 20.97 -0.99
N ARG E 27 11.24 21.37 -1.64
CA ARG E 27 11.33 22.35 -2.70
C ARG E 27 11.23 23.74 -2.09
N GLU E 28 12.34 24.48 -2.12
CA GLU E 28 12.40 25.84 -1.59
C GLU E 28 12.60 26.86 -2.71
N ASP E 29 12.35 28.13 -2.41
CA ASP E 29 12.67 29.19 -3.35
C ASP E 29 13.99 29.82 -2.93
N LEU E 30 15.07 29.35 -3.54
CA LEU E 30 16.42 29.79 -3.21
C LEU E 30 16.99 30.54 -4.39
N ASN E 31 16.09 31.10 -5.19
CA ASN E 31 16.46 31.82 -6.40
C ASN E 31 16.95 33.22 -6.03
N VAL E 32 18.13 33.30 -5.43
CA VAL E 32 18.69 34.58 -4.97
C VAL E 32 19.52 35.24 -6.08
N PRO E 33 19.56 36.59 -6.09
CA PRO E 33 20.40 37.28 -7.07
C PRO E 33 21.87 37.00 -6.83
N VAL E 34 22.59 36.62 -7.88
CA VAL E 34 24.01 36.30 -7.76
C VAL E 34 24.85 37.08 -8.75
N LYS E 35 25.92 37.70 -8.27
CA LYS E 35 26.82 38.42 -9.15
C LYS E 35 28.25 38.05 -8.82
N ASN E 36 28.98 37.57 -9.83
CA ASN E 36 30.36 37.11 -9.68
C ASN E 36 30.46 36.02 -8.60
N GLY E 37 29.47 35.14 -8.57
CA GLY E 37 29.48 34.04 -7.61
C GLY E 37 29.13 34.45 -6.19
N VAL E 38 28.63 35.68 -6.04
CA VAL E 38 28.29 36.18 -4.71
C VAL E 38 26.79 36.47 -4.62
N ILE E 39 26.19 36.02 -3.52
CA ILE E 39 24.79 36.29 -3.26
C ILE E 39 24.65 37.75 -2.83
N THR E 40 23.86 38.51 -3.57
CA THR E 40 23.72 39.93 -3.29
C THR E 40 22.60 40.20 -2.29
N SER E 41 21.67 39.25 -2.19
CA SER E 41 20.57 39.37 -1.25
C SER E 41 20.15 38.00 -0.73
N ASP E 42 20.12 37.84 0.59
CA ASP E 42 19.87 36.54 1.20
C ASP E 42 18.48 36.45 1.82
N ALA E 43 17.57 37.29 1.38
CA ALA E 43 16.22 37.33 1.94
C ALA E 43 15.48 35.99 1.82
N ARG E 44 15.54 35.38 0.64
CA ARG E 44 14.89 34.09 0.39
C ARG E 44 15.52 32.98 1.20
N LEU E 45 16.83 33.08 1.42
CA LEU E 45 17.56 32.09 2.19
C LEU E 45 17.18 32.16 3.67
N ARG E 46 17.19 33.37 4.23
CA ARG E 46 16.81 33.56 5.61
C ARG E 46 15.37 33.11 5.85
N ALA E 47 14.54 33.21 4.81
CA ALA E 47 13.14 32.80 4.91
C ALA E 47 12.98 31.28 4.91
N ALA E 48 13.87 30.58 4.21
CA ALA E 48 13.75 29.13 4.05
C ALA E 48 14.42 28.34 5.18
N LEU E 49 15.33 28.97 5.91
CA LEU E 49 16.09 28.29 6.96
C LEU E 49 15.27 27.61 8.08
N PRO E 50 14.20 28.27 8.59
CA PRO E 50 13.44 27.61 9.66
C PRO E 50 12.81 26.28 9.22
N THR E 51 12.45 26.18 7.95
CA THR E 51 11.90 24.94 7.40
C THR E 51 12.96 23.84 7.44
N ILE E 52 14.17 24.17 7.02
CA ILE E 52 15.28 23.24 6.98
C ILE E 52 15.66 22.79 8.39
N LYS E 53 15.74 23.74 9.32
CA LYS E 53 16.11 23.43 10.70
C LYS E 53 15.04 22.59 11.39
N ALA E 54 13.77 22.87 11.10
CA ALA E 54 12.69 22.12 11.71
C ALA E 54 12.74 20.66 11.26
N ALA E 55 13.02 20.44 9.98
CA ALA E 55 13.12 19.09 9.46
C ALA E 55 14.27 18.34 10.12
N LEU E 56 15.40 19.01 10.29
CA LEU E 56 16.58 18.43 10.92
C LEU E 56 16.35 18.10 12.39
N GLU E 57 15.69 19.01 13.10
CA GLU E 57 15.39 18.79 14.52
C GLU E 57 14.45 17.60 14.70
N LYS E 58 13.72 17.25 13.64
CA LYS E 58 12.81 16.10 13.66
C LYS E 58 13.55 14.82 13.27
N GLY E 59 14.86 14.92 13.09
CA GLY E 59 15.68 13.77 12.78
C GLY E 59 15.58 13.28 11.34
N ALA E 60 15.32 14.20 10.42
CA ALA E 60 15.12 13.81 9.03
C ALA E 60 16.42 13.92 8.24
N ALA E 61 16.51 13.15 7.17
CA ALA E 61 17.58 13.30 6.19
C ALA E 61 17.11 14.24 5.10
N VAL E 62 17.67 15.44 5.05
CA VAL E 62 17.12 16.53 4.24
C VAL E 62 17.85 16.72 2.90
N MET E 63 17.06 16.74 1.83
CA MET E 63 17.54 17.14 0.51
C MET E 63 16.82 18.43 0.12
N VAL E 64 17.56 19.46 -0.21
CA VAL E 64 16.95 20.72 -0.63
C VAL E 64 17.25 20.97 -2.09
N PHE E 65 16.23 21.26 -2.89
CA PHE E 65 16.49 21.67 -4.26
C PHE E 65 15.64 22.87 -4.65
N SER E 66 16.12 23.58 -5.67
CA SER E 66 15.54 24.86 -6.06
C SER E 66 15.95 25.20 -7.48
N HIS E 67 15.34 26.23 -8.02
CA HIS E 67 15.77 26.81 -9.28
C HIS E 67 16.62 28.05 -8.96
N LEU E 68 17.40 28.48 -9.94
CA LEU E 68 18.18 29.71 -9.83
C LEU E 68 18.28 30.30 -11.23
N GLY E 69 17.95 31.58 -11.36
CA GLY E 69 17.96 32.24 -12.65
C GLY E 69 17.12 31.53 -13.68
N ARG E 70 17.41 31.74 -14.95
CA ARG E 70 16.73 31.04 -16.02
C ARG E 70 17.75 30.48 -17.00
N PRO E 71 18.40 29.36 -16.63
CA PRO E 71 19.36 28.70 -17.49
C PRO E 71 18.65 27.90 -18.58
N VAL E 72 19.41 27.38 -19.52
CA VAL E 72 18.87 26.51 -20.55
C VAL E 72 18.96 25.06 -20.11
N GLU E 73 17.84 24.35 -20.14
CA GLU E 73 17.81 22.96 -19.69
C GLU E 73 18.78 22.13 -20.51
N GLY E 74 19.59 21.33 -19.81
CA GLY E 74 20.57 20.50 -20.47
C GLY E 74 21.86 21.22 -20.75
N GLU E 75 21.94 22.49 -20.35
CA GLU E 75 23.14 23.30 -20.56
C GLU E 75 23.56 24.03 -19.29
N PRO E 76 24.18 23.30 -18.35
CA PRO E 76 24.60 23.86 -17.07
C PRO E 76 25.71 24.89 -17.19
N LYS E 77 25.52 26.01 -16.51
CA LYS E 77 26.53 27.06 -16.45
C LYS E 77 26.80 27.39 -14.98
N PRO E 78 28.06 27.66 -14.63
CA PRO E 78 28.42 27.95 -13.24
C PRO E 78 27.70 29.18 -12.69
N GLU E 79 27.29 30.09 -13.58
CA GLU E 79 26.59 31.30 -13.18
C GLU E 79 25.27 31.01 -12.47
N GLN E 80 24.60 29.93 -12.90
CA GLN E 80 23.31 29.55 -12.31
C GLN E 80 23.45 28.38 -11.34
N SER E 81 24.66 28.10 -10.89
CA SER E 81 24.87 27.00 -9.97
C SER E 81 24.48 27.43 -8.56
N LEU E 82 23.98 26.48 -7.77
CA LEU E 82 23.58 26.75 -6.40
C LEU E 82 24.74 26.65 -5.43
N ALA E 83 25.95 26.56 -5.97
CA ALA E 83 27.15 26.43 -5.15
C ALA E 83 27.28 27.53 -4.09
N PRO E 84 27.06 28.81 -4.44
CA PRO E 84 27.17 29.79 -3.35
C PRO E 84 26.08 29.62 -2.29
N VAL E 85 24.95 29.04 -2.67
CA VAL E 85 23.89 28.77 -1.71
C VAL E 85 24.33 27.64 -0.77
N ALA E 86 25.06 26.67 -1.30
CA ALA E 86 25.59 25.58 -0.48
C ALA E 86 26.56 26.13 0.55
N ALA E 87 27.38 27.10 0.14
CA ALA E 87 28.31 27.75 1.06
C ALA E 87 27.55 28.53 2.12
N TYR E 88 26.49 29.22 1.71
CA TYR E 88 25.67 29.97 2.65
C TYR E 88 24.99 29.05 3.67
N LEU E 89 24.38 27.97 3.21
CA LEU E 89 23.67 27.06 4.09
C LEU E 89 24.64 26.38 5.06
N THR E 90 25.85 26.12 4.61
CA THR E 90 26.88 25.50 5.44
C THR E 90 27.21 26.38 6.63
N GLU E 91 27.42 27.67 6.36
CA GLU E 91 27.73 28.61 7.42
C GLU E 91 26.54 28.75 8.36
N ALA E 92 25.37 29.04 7.81
CA ALA E 92 24.19 29.35 8.61
C ALA E 92 23.66 28.18 9.45
N LEU E 93 24.09 26.96 9.14
CA LEU E 93 23.59 25.78 9.85
C LEU E 93 24.60 25.18 10.84
N GLY E 94 25.88 25.25 10.52
CA GLY E 94 26.90 24.69 11.39
C GLY E 94 27.30 23.27 11.01
N GLN E 95 26.90 22.86 9.81
CA GLN E 95 27.26 21.57 9.28
C GLN E 95 27.59 21.69 7.79
N GLU E 96 28.40 20.77 7.28
CA GLU E 96 28.75 20.74 5.86
C GLU E 96 27.51 20.43 5.01
N VAL E 97 27.15 21.37 4.13
CA VAL E 97 26.03 21.16 3.22
C VAL E 97 26.59 20.97 1.82
N LYS E 98 26.67 19.71 1.38
CA LYS E 98 27.28 19.40 0.09
C LYS E 98 26.34 19.69 -1.07
N LEU E 99 26.93 20.09 -2.19
CA LEU E 99 26.18 20.31 -3.42
C LEU E 99 26.36 19.11 -4.36
N PHE E 100 25.24 18.54 -4.79
CA PHE E 100 25.28 17.39 -5.70
C PHE E 100 24.82 17.81 -7.09
N THR E 101 25.68 17.60 -8.09
CA THR E 101 25.38 17.94 -9.47
C THR E 101 24.80 16.74 -10.21
N ASP E 102 25.23 15.55 -9.81
CA ASP E 102 24.67 14.31 -10.34
C ASP E 102 23.87 13.65 -9.23
N TYR E 103 22.55 13.66 -9.35
CA TYR E 103 21.71 13.18 -8.26
C TYR E 103 20.42 12.52 -8.73
N LEU E 104 20.13 12.62 -10.02
CA LEU E 104 18.86 12.14 -10.56
C LEU E 104 18.64 10.63 -10.40
N ASP E 105 19.73 9.88 -10.20
CA ASP E 105 19.67 8.42 -10.09
C ASP E 105 19.95 7.89 -8.68
N GLY E 106 19.86 8.76 -7.68
CA GLY E 106 20.11 8.37 -6.30
C GLY E 106 20.98 9.39 -5.57
N VAL E 107 20.67 9.61 -4.30
CA VAL E 107 21.40 10.56 -3.47
C VAL E 107 21.67 9.96 -2.10
N GLU E 108 22.90 10.14 -1.63
CA GLU E 108 23.28 9.64 -0.31
C GLU E 108 23.16 10.77 0.72
N VAL E 109 22.35 10.54 1.75
CA VAL E 109 22.13 11.52 2.80
C VAL E 109 21.69 10.82 4.10
N GLU E 110 22.38 11.13 5.19
CA GLU E 110 22.10 10.51 6.47
C GLU E 110 21.14 11.37 7.28
N ALA E 111 20.48 10.74 8.25
CA ALA E 111 19.59 11.46 9.17
C ALA E 111 20.38 12.56 9.88
N GLY E 112 19.82 13.77 9.90
CA GLY E 112 20.46 14.89 10.57
C GLY E 112 21.40 15.71 9.71
N GLN E 113 21.64 15.28 8.47
CA GLN E 113 22.43 16.10 7.57
C GLN E 113 21.54 16.67 6.46
N VAL E 114 21.98 17.75 5.86
CA VAL E 114 21.26 18.32 4.74
C VAL E 114 22.19 18.38 3.53
N VAL E 115 21.66 18.01 2.38
CA VAL E 115 22.38 18.10 1.11
C VAL E 115 21.58 18.99 0.16
N LEU E 116 22.28 19.72 -0.70
CA LEU E 116 21.64 20.64 -1.64
C LEU E 116 21.78 20.12 -3.06
N LEU E 117 20.67 19.88 -3.73
CA LEU E 117 20.72 19.41 -5.11
C LEU E 117 20.88 20.59 -6.08
N GLU E 118 21.61 20.37 -7.17
CA GLU E 118 21.91 21.44 -8.13
C GLU E 118 20.64 21.91 -8.83
N ASN E 119 20.68 23.16 -9.30
CA ASN E 119 19.61 23.83 -10.05
C ASN E 119 18.72 22.88 -10.86
N VAL E 120 17.43 22.85 -10.51
CA VAL E 120 16.50 21.96 -11.17
C VAL E 120 16.28 22.37 -12.62
N ARG E 121 16.50 23.66 -12.93
CA ARG E 121 16.28 24.16 -14.29
C ARG E 121 17.37 23.68 -15.24
N PHE E 122 18.42 23.05 -14.69
CA PHE E 122 19.42 22.37 -15.51
C PHE E 122 18.84 21.09 -16.11
N ASN E 123 17.88 20.48 -15.42
CA ASN E 123 17.41 19.14 -15.77
C ASN E 123 16.40 19.13 -16.91
N PRO E 124 16.72 18.38 -17.98
CA PRO E 124 15.81 18.20 -19.13
C PRO E 124 14.45 17.67 -18.69
N GLY E 125 13.38 18.35 -19.12
CA GLY E 125 12.03 17.93 -18.79
C GLY E 125 11.43 18.67 -17.62
N GLU E 126 12.21 19.53 -16.98
CA GLU E 126 11.74 20.22 -15.78
C GLU E 126 10.56 21.14 -16.07
N LYS E 127 10.74 22.03 -17.04
CA LYS E 127 9.72 23.03 -17.36
C LYS E 127 8.46 22.39 -17.91
N LYS E 128 8.62 21.35 -18.72
CA LYS E 128 7.48 20.67 -19.31
C LYS E 128 6.93 19.57 -18.39
N ASN E 129 7.45 19.50 -17.17
CA ASN E 129 6.92 18.59 -16.14
C ASN E 129 6.93 17.14 -16.61
N ASN E 130 8.06 16.71 -17.15
CA ASN E 130 8.22 15.36 -17.69
C ASN E 130 8.05 14.33 -16.57
N PRO E 131 7.13 13.37 -16.76
CA PRO E 131 6.85 12.31 -15.77
C PRO E 131 8.08 11.49 -15.38
N GLU E 132 8.90 11.12 -16.36
CA GLU E 132 10.11 10.34 -16.10
C GLU E 132 11.01 11.06 -15.10
N LEU E 133 11.15 12.37 -15.27
CA LEU E 133 11.98 13.17 -14.39
C LEU E 133 11.35 13.34 -13.01
N ALA E 134 10.05 13.59 -12.99
CA ALA E 134 9.32 13.75 -11.75
C ALA E 134 9.39 12.47 -10.93
N GLN E 135 9.36 11.34 -11.62
CA GLN E 135 9.44 10.03 -10.98
C GLN E 135 10.84 9.84 -10.37
N LYS E 136 11.85 10.35 -11.05
CA LYS E 136 13.22 10.30 -10.51
C LYS E 136 13.35 11.10 -9.23
N TYR E 137 12.71 12.27 -9.18
CA TYR E 137 12.68 13.09 -7.97
C TYR E 137 12.03 12.32 -6.82
N ALA E 138 10.85 11.79 -7.09
CA ALA E 138 10.03 11.14 -6.07
C ALA E 138 10.74 9.92 -5.45
N ALA E 139 11.56 9.24 -6.23
CA ALA E 139 12.28 8.04 -5.77
C ALA E 139 13.38 8.37 -4.78
N LEU E 140 13.78 9.64 -4.73
CA LEU E 140 14.86 10.08 -3.84
C LEU E 140 14.38 10.25 -2.41
N CYS E 141 13.07 10.29 -2.21
CA CYS E 141 12.53 10.66 -0.92
C CYS E 141 11.47 9.72 -0.40
N ASP E 142 11.20 9.85 0.90
CA ASP E 142 10.04 9.24 1.52
C ASP E 142 8.94 10.29 1.59
N VAL E 143 9.33 11.56 1.72
CA VAL E 143 8.40 12.67 1.83
C VAL E 143 8.80 13.84 0.94
N PHE E 144 7.88 14.31 0.11
CA PHE E 144 8.09 15.55 -0.64
C PHE E 144 7.41 16.72 0.08
N VAL E 145 8.15 17.82 0.20
CA VAL E 145 7.62 19.01 0.86
C VAL E 145 7.71 20.21 -0.07
N MET E 146 6.56 20.74 -0.44
CA MET E 146 6.51 21.92 -1.28
C MET E 146 6.48 23.14 -0.38
N ASP E 147 7.56 23.93 -0.40
CA ASP E 147 7.68 25.07 0.50
C ASP E 147 7.93 26.38 -0.26
N ALA E 148 7.58 26.40 -1.54
CA ALA E 148 7.85 27.56 -2.39
C ALA E 148 6.60 28.09 -3.07
N PHE E 149 5.85 28.92 -2.35
CA PHE E 149 4.60 29.46 -2.88
C PHE E 149 4.81 30.30 -4.14
N GLY E 150 5.94 30.99 -4.20
CA GLY E 150 6.25 31.87 -5.33
C GLY E 150 6.36 31.18 -6.67
N THR E 151 6.52 29.86 -6.65
CA THR E 151 6.62 29.07 -7.88
C THR E 151 5.46 28.08 -7.99
N ALA E 152 4.48 28.21 -7.11
CA ALA E 152 3.40 27.24 -7.03
C ALA E 152 2.44 27.35 -8.21
N HIS E 153 2.52 28.43 -8.96
CA HIS E 153 1.61 28.68 -10.07
C HIS E 153 2.08 28.03 -11.38
N ARG E 154 3.29 27.46 -11.37
CA ARG E 154 3.81 26.81 -12.57
C ARG E 154 3.95 25.31 -12.33
N ALA E 155 3.38 24.52 -13.23
CA ALA E 155 3.44 23.07 -13.12
C ALA E 155 4.76 22.53 -13.68
N GLU E 156 5.70 22.21 -12.80
CA GLU E 156 7.01 21.72 -13.22
C GLU E 156 7.39 20.47 -12.42
N ALA E 157 8.41 19.76 -12.90
CA ALA E 157 8.76 18.45 -12.34
C ALA E 157 9.04 18.51 -10.86
N SER E 158 9.68 19.58 -10.42
CA SER E 158 10.07 19.76 -9.03
C SER E 158 9.00 20.49 -8.20
N THR E 159 7.90 20.92 -8.82
CA THR E 159 6.87 21.66 -8.10
C THR E 159 5.51 20.97 -8.12
N GLU E 160 5.28 20.12 -9.11
CA GLU E 160 3.98 19.49 -9.28
C GLU E 160 4.09 17.97 -9.44
N GLY E 161 4.85 17.54 -10.46
CA GLY E 161 4.98 16.13 -10.79
C GLY E 161 5.53 15.30 -9.63
N VAL E 162 6.53 15.84 -8.95
CA VAL E 162 7.17 15.15 -7.84
C VAL E 162 6.18 14.90 -6.72
N ALA E 163 5.23 15.81 -6.55
CA ALA E 163 4.21 15.66 -5.53
C ALA E 163 3.24 14.55 -5.87
N ARG E 164 3.05 14.31 -7.17
CA ARG E 164 2.11 13.32 -7.64
C ARG E 164 2.63 11.91 -7.37
N PHE E 165 3.95 11.75 -7.42
CA PHE E 165 4.54 10.41 -7.36
C PHE E 165 5.25 10.10 -6.03
N ALA E 166 5.50 11.11 -5.21
CA ALA E 166 6.12 10.91 -3.91
C ALA E 166 5.21 10.08 -3.01
N PRO E 167 5.79 9.31 -2.09
CA PRO E 167 4.96 8.53 -1.16
C PRO E 167 4.01 9.41 -0.37
N VAL E 168 4.56 10.49 0.18
CA VAL E 168 3.76 11.50 0.87
C VAL E 168 4.14 12.88 0.32
N ALA E 169 3.14 13.69 -0.01
CA ALA E 169 3.39 15.06 -0.46
C ALA E 169 2.69 16.02 0.48
N ALA E 170 3.43 16.99 1.01
CA ALA E 170 2.87 17.93 1.94
C ALA E 170 3.37 19.35 1.69
N ALA E 171 2.70 20.30 2.31
CA ALA E 171 3.09 21.69 2.21
C ALA E 171 4.02 22.03 3.36
N GLY E 172 5.06 22.81 3.07
CA GLY E 172 5.98 23.25 4.08
C GLY E 172 5.35 24.37 4.88
N PRO E 173 6.00 24.79 5.97
CA PRO E 173 5.46 25.85 6.83
C PRO E 173 5.26 27.19 6.09
N LEU E 174 6.11 27.52 5.12
CA LEU E 174 5.97 28.77 4.37
C LEU E 174 4.73 28.77 3.48
N LEU E 175 4.58 27.71 2.68
CA LEU E 175 3.44 27.57 1.78
C LEU E 175 2.13 27.51 2.57
N ALA E 176 2.16 26.73 3.65
CA ALA E 176 0.98 26.55 4.49
C ALA E 176 0.54 27.87 5.12
N ALA E 177 1.49 28.63 5.62
CA ALA E 177 1.18 29.91 6.24
C ALA E 177 0.61 30.89 5.21
N GLU E 178 1.16 30.83 4.00
CA GLU E 178 0.71 31.70 2.91
C GLU E 178 -0.71 31.33 2.49
N LEU E 179 -0.96 30.04 2.28
CA LEU E 179 -2.27 29.56 1.87
C LEU E 179 -3.33 29.82 2.94
N ASP E 180 -2.97 29.65 4.20
CA ASP E 180 -3.89 29.92 5.30
C ASP E 180 -4.28 31.39 5.31
N ALA E 181 -3.30 32.26 5.13
CA ALA E 181 -3.57 33.69 5.14
C ALA E 181 -4.43 34.11 3.96
N LEU E 182 -4.16 33.57 2.77
CA LEU E 182 -4.92 33.93 1.58
C LEU E 182 -6.37 33.44 1.67
N GLY E 183 -6.55 32.23 2.21
CA GLY E 183 -7.87 31.68 2.39
C GLY E 183 -8.70 32.45 3.41
N ARG E 184 -8.05 32.89 4.47
CA ARG E 184 -8.70 33.67 5.52
C ARG E 184 -9.18 35.02 4.96
N ALA E 185 -8.67 35.39 3.78
CA ALA E 185 -9.03 36.67 3.18
C ALA E 185 -9.88 36.50 1.93
N MET E 186 -9.72 35.40 1.20
CA MET E 186 -10.41 35.27 -0.08
C MET E 186 -11.67 34.40 -0.03
N GLN E 187 -11.78 33.55 0.98
CA GLN E 187 -12.89 32.60 1.07
C GLN E 187 -13.85 32.94 2.19
N THR E 188 -14.97 33.57 1.83
CA THR E 188 -15.95 34.10 2.77
C THR E 188 -15.29 34.78 3.98
N PRO E 189 -14.55 35.87 3.74
CA PRO E 189 -13.86 36.55 4.82
C PRO E 189 -14.83 37.24 5.77
N GLU E 190 -14.36 37.60 6.95
CA GLU E 190 -15.17 38.32 7.91
C GLU E 190 -15.49 39.71 7.37
N LYS E 191 -16.76 40.08 7.39
CA LYS E 191 -17.20 41.38 6.88
C LYS E 191 -17.06 42.46 7.96
N PRO E 192 -16.85 43.72 7.55
CA PRO E 192 -16.62 44.17 6.17
C PRO E 192 -15.22 43.83 5.67
N MET E 193 -15.12 43.47 4.40
CA MET E 193 -13.85 43.12 3.78
C MET E 193 -13.45 44.16 2.74
N VAL E 194 -12.28 44.76 2.92
CA VAL E 194 -11.83 45.81 2.02
C VAL E 194 -10.52 45.44 1.35
N ALA E 195 -10.44 45.64 0.04
CA ALA E 195 -9.19 45.43 -0.69
C ALA E 195 -8.65 46.73 -1.24
N ILE E 196 -7.32 46.83 -1.29
CA ILE E 196 -6.65 47.99 -1.88
C ILE E 196 -5.88 47.51 -3.09
N VAL E 197 -6.26 47.97 -4.28
CA VAL E 197 -5.60 47.53 -5.50
C VAL E 197 -5.02 48.71 -6.26
N ALA E 198 -3.70 48.73 -6.37
CA ALA E 198 -3.03 49.82 -7.07
C ALA E 198 -2.09 49.29 -8.12
N GLY E 199 -1.76 50.16 -9.08
CA GLY E 199 -0.86 49.78 -10.15
C GLY E 199 -0.89 50.79 -11.28
N SER E 200 -0.03 50.61 -12.27
CA SER E 200 0.07 51.56 -13.36
C SER E 200 -1.11 51.41 -14.33
N LYS E 201 -1.63 50.19 -14.46
CA LYS E 201 -2.68 49.93 -15.44
C LYS E 201 -3.82 49.07 -14.91
N VAL E 202 -5.04 49.37 -15.36
CA VAL E 202 -6.21 48.56 -15.04
C VAL E 202 -6.10 47.20 -15.72
N SER E 203 -5.65 47.21 -16.97
CA SER E 203 -5.55 46.01 -17.79
C SER E 203 -4.70 44.89 -17.18
N THR E 204 -3.54 45.26 -16.63
CA THR E 204 -2.63 44.27 -16.05
C THR E 204 -3.19 43.59 -14.79
N LYS E 205 -4.02 44.31 -14.05
CA LYS E 205 -4.61 43.75 -12.84
C LYS E 205 -6.10 43.61 -13.01
N LEU E 206 -6.53 43.40 -14.25
CA LEU E 206 -7.95 43.30 -14.59
C LEU E 206 -8.59 42.10 -13.90
N ASP E 207 -7.89 40.97 -13.92
CA ASP E 207 -8.41 39.76 -13.29
C ASP E 207 -8.51 39.92 -11.78
N VAL E 208 -7.52 40.60 -11.19
CA VAL E 208 -7.50 40.86 -9.76
C VAL E 208 -8.72 41.66 -9.36
N LEU E 209 -8.99 42.73 -10.11
CA LEU E 209 -10.12 43.60 -9.84
C LEU E 209 -11.43 42.86 -9.99
N ASN E 210 -11.59 42.11 -11.08
CA ASN E 210 -12.84 41.38 -11.32
C ASN E 210 -13.06 40.34 -10.24
N SER E 211 -11.98 39.69 -9.81
CA SER E 211 -12.09 38.69 -8.77
C SER E 211 -12.49 39.33 -7.45
N LEU E 212 -11.83 40.42 -7.09
CA LEU E 212 -12.10 41.08 -5.82
C LEU E 212 -13.44 41.81 -5.81
N SER E 213 -13.91 42.21 -6.98
CA SER E 213 -15.20 42.91 -7.07
C SER E 213 -16.36 42.02 -6.62
N GLY E 214 -16.24 40.72 -6.87
CA GLY E 214 -17.27 39.78 -6.47
C GLY E 214 -17.20 39.37 -5.02
N ILE E 215 -16.14 39.78 -4.33
CA ILE E 215 -15.87 39.31 -2.98
C ILE E 215 -15.88 40.46 -1.97
N CYS E 216 -15.37 41.61 -2.38
CA CYS E 216 -15.19 42.75 -1.48
C CYS E 216 -16.47 43.52 -1.20
N ASP E 217 -16.52 44.18 -0.05
CA ASP E 217 -17.59 45.11 0.25
C ASP E 217 -17.23 46.50 -0.30
N GLN E 218 -15.96 46.90 -0.17
CA GLN E 218 -15.44 48.10 -0.83
C GLN E 218 -14.05 47.88 -1.40
N LEU E 219 -13.81 48.50 -2.54
CA LEU E 219 -12.56 48.34 -3.27
C LEU E 219 -11.84 49.69 -3.46
N ILE E 220 -10.79 49.90 -2.66
CA ILE E 220 -9.97 51.11 -2.77
C ILE E 220 -8.98 50.94 -3.91
N VAL E 221 -8.89 51.93 -4.79
CA VAL E 221 -7.98 51.85 -5.92
C VAL E 221 -6.89 52.91 -5.79
N GLY E 222 -5.73 52.66 -6.42
CA GLY E 222 -4.59 53.56 -6.32
C GLY E 222 -3.78 53.73 -7.59
N GLY E 223 -3.04 54.84 -7.68
CA GLY E 223 -2.19 55.10 -8.82
C GLY E 223 -2.95 55.22 -10.12
N GLY E 224 -2.39 54.67 -11.19
CA GLY E 224 -3.01 54.71 -12.50
C GLY E 224 -4.39 54.09 -12.57
N ILE E 225 -4.57 53.01 -11.82
CA ILE E 225 -5.87 52.34 -11.73
C ILE E 225 -6.88 53.32 -11.16
N ALA E 226 -6.48 54.01 -10.10
CA ALA E 226 -7.35 54.99 -9.46
C ALA E 226 -7.71 56.13 -10.42
N ASN E 227 -6.74 56.57 -11.22
CA ASN E 227 -6.99 57.66 -12.17
C ASN E 227 -8.00 57.26 -13.25
N THR E 228 -7.91 56.02 -13.69
CA THR E 228 -8.82 55.50 -14.70
C THR E 228 -10.26 55.45 -14.19
N PHE E 229 -10.41 55.09 -12.91
CA PHE E 229 -11.74 55.07 -12.29
C PHE E 229 -12.27 56.50 -12.14
N LEU E 230 -11.36 57.45 -11.92
CA LEU E 230 -11.75 58.85 -11.81
C LEU E 230 -12.32 59.34 -13.13
N ALA E 231 -11.72 58.91 -14.23
CA ALA E 231 -12.24 59.25 -15.54
C ALA E 231 -13.60 58.57 -15.74
N ALA E 232 -13.76 57.38 -15.16
CA ALA E 232 -15.02 56.65 -15.24
C ALA E 232 -16.12 57.33 -14.43
N ALA E 233 -15.73 58.07 -13.40
CA ALA E 233 -16.68 58.79 -12.55
C ALA E 233 -17.00 60.17 -13.11
N GLY E 234 -16.44 60.49 -14.27
CA GLY E 234 -16.75 61.71 -14.98
C GLY E 234 -15.84 62.89 -14.67
N TYR E 235 -14.73 62.64 -13.97
CA TYR E 235 -13.77 63.70 -13.70
C TYR E 235 -12.67 63.78 -14.76
N ASN E 236 -12.08 64.96 -14.87
CA ASN E 236 -10.95 65.20 -15.75
C ASN E 236 -9.66 64.90 -14.99
N VAL E 237 -8.75 64.16 -15.61
CA VAL E 237 -7.53 63.76 -14.92
C VAL E 237 -6.30 64.43 -15.52
N GLY E 238 -6.51 65.29 -16.50
CA GLY E 238 -5.40 66.02 -17.11
C GLY E 238 -4.34 65.15 -17.75
N LYS E 239 -3.10 65.30 -17.33
CA LYS E 239 -2.01 64.51 -17.89
C LYS E 239 -1.65 63.35 -16.96
N SER E 240 -2.58 62.97 -16.09
CA SER E 240 -2.37 61.82 -15.22
C SER E 240 -2.28 60.54 -16.02
N LEU E 241 -1.41 59.64 -15.58
CA LEU E 241 -1.36 58.29 -16.12
C LEU E 241 -2.71 57.60 -15.90
N TYR E 242 -3.33 57.16 -16.99
CA TYR E 242 -4.56 56.36 -16.89
C TYR E 242 -4.80 55.64 -18.22
N GLU E 243 -5.75 54.72 -18.23
CA GLU E 243 -6.10 53.99 -19.45
C GLU E 243 -7.47 54.40 -19.97
N ALA E 244 -7.49 55.15 -21.08
CA ALA E 244 -8.74 55.63 -21.64
C ALA E 244 -9.61 54.48 -22.15
N ASP E 245 -8.97 53.42 -22.63
CA ASP E 245 -9.68 52.30 -23.24
C ASP E 245 -10.32 51.36 -22.22
N LEU E 246 -9.93 51.48 -20.96
CA LEU E 246 -10.53 50.67 -19.91
C LEU E 246 -11.36 51.50 -18.95
N VAL E 247 -11.70 52.71 -19.38
CA VAL E 247 -12.61 53.56 -18.62
C VAL E 247 -13.97 52.88 -18.53
N GLU E 248 -14.50 52.45 -19.67
CA GLU E 248 -15.78 51.76 -19.72
C GLU E 248 -15.78 50.54 -18.81
N THR E 249 -14.71 49.74 -18.91
CA THR E 249 -14.53 48.58 -18.05
C THR E 249 -14.56 48.98 -16.58
N ALA E 250 -13.90 50.11 -16.27
CA ALA E 250 -13.84 50.62 -14.91
C ALA E 250 -15.22 51.02 -14.40
N LYS E 251 -16.04 51.58 -15.30
CA LYS E 251 -17.42 51.94 -14.96
C LYS E 251 -18.19 50.74 -14.42
N GLN E 252 -18.19 49.67 -15.20
CA GLN E 252 -18.94 48.47 -14.88
C GLN E 252 -18.53 47.89 -13.54
N ILE E 253 -17.25 48.03 -13.20
CA ILE E 253 -16.74 47.55 -11.92
C ILE E 253 -17.28 48.41 -10.77
N ALA E 254 -17.25 49.73 -10.96
CA ALA E 254 -17.71 50.67 -9.93
C ALA E 254 -19.21 50.54 -9.65
N ALA E 255 -19.94 49.98 -10.61
CA ALA E 255 -21.37 49.73 -10.45
C ALA E 255 -21.60 48.40 -9.74
N LYS E 256 -20.66 47.47 -9.91
CA LYS E 256 -20.78 46.14 -9.32
C LYS E 256 -20.34 46.09 -7.86
N VAL E 257 -19.39 46.94 -7.50
CA VAL E 257 -18.85 46.98 -6.15
C VAL E 257 -18.58 48.43 -5.75
N SER E 258 -18.68 48.73 -4.46
CA SER E 258 -18.44 50.07 -3.96
C SER E 258 -16.98 50.46 -4.08
N VAL E 259 -16.71 51.42 -4.95
CA VAL E 259 -15.36 51.92 -5.15
C VAL E 259 -15.28 53.34 -4.62
N PRO E 260 -14.69 53.51 -3.43
CA PRO E 260 -14.57 54.82 -2.80
C PRO E 260 -13.85 55.80 -3.72
N LEU E 261 -14.48 56.93 -3.99
CA LEU E 261 -13.91 57.93 -4.90
C LEU E 261 -13.24 59.06 -4.12
N PRO E 262 -12.04 59.47 -4.56
CA PRO E 262 -11.36 60.62 -3.96
C PRO E 262 -12.15 61.90 -4.05
N THR E 263 -12.12 62.69 -2.99
CA THR E 263 -12.76 64.00 -2.98
C THR E 263 -11.75 65.11 -3.24
N ASP E 264 -10.48 64.83 -2.94
CA ASP E 264 -9.39 65.77 -3.19
C ASP E 264 -8.15 65.02 -3.63
N VAL E 265 -7.22 65.73 -4.25
CA VAL E 265 -6.05 65.08 -4.84
C VAL E 265 -4.80 65.98 -4.72
N VAL E 266 -3.61 65.37 -4.77
CA VAL E 266 -2.36 66.13 -4.85
C VAL E 266 -1.78 66.04 -6.26
N VAL E 267 -1.50 67.19 -6.87
CA VAL E 267 -0.99 67.22 -8.25
C VAL E 267 0.35 67.95 -8.38
N ALA E 268 1.04 67.64 -9.47
CA ALA E 268 2.22 68.38 -9.89
C ALA E 268 2.04 68.77 -11.35
N ASP E 269 2.68 69.86 -11.77
CA ASP E 269 2.59 70.29 -13.15
C ASP E 269 3.56 69.46 -14.00
N ALA E 270 3.05 68.93 -15.12
CA ALA E 270 3.83 67.99 -15.93
C ALA E 270 5.09 68.61 -16.55
N SER E 271 5.11 69.93 -16.67
CA SER E 271 6.27 70.62 -17.23
C SER E 271 7.47 70.62 -16.29
N GLN E 272 7.22 70.44 -15.00
CA GLN E 272 8.30 70.46 -14.00
C GLN E 272 9.01 69.11 -13.88
N ILE E 273 8.72 68.21 -14.81
CA ILE E 273 9.08 66.80 -14.64
C ILE E 273 10.04 66.28 -15.69
N ASN E 274 11.13 65.66 -15.23
CA ASN E 274 12.05 64.96 -16.12
C ASN E 274 11.73 63.48 -15.99
N PHE E 275 11.15 62.92 -17.05
CA PHE E 275 10.67 61.55 -17.02
C PHE E 275 11.82 60.55 -17.09
N GLU E 276 13.00 61.02 -17.47
CA GLU E 276 14.20 60.19 -17.45
C GLU E 276 14.63 59.92 -16.01
N ASP E 277 14.37 60.90 -15.14
CA ASP E 277 14.59 60.73 -13.71
C ASP E 277 13.32 61.15 -12.97
N PHE E 278 12.30 60.30 -13.05
CA PHE E 278 10.97 60.62 -12.56
C PHE E 278 10.96 60.92 -11.07
N LEU E 279 11.45 59.97 -10.28
CA LEU E 279 11.43 60.14 -8.82
C LEU E 279 12.35 61.27 -8.36
N GLY E 280 13.51 61.37 -8.98
CA GLY E 280 14.46 62.41 -8.63
C GLY E 280 13.94 63.82 -8.87
N SER E 281 13.37 64.03 -10.05
CA SER E 281 12.86 65.35 -10.42
C SER E 281 11.52 65.66 -9.76
N LEU E 282 10.93 64.66 -9.12
CA LEU E 282 9.61 64.80 -8.55
C LEU E 282 9.73 65.48 -7.19
N ALA E 283 10.85 65.26 -6.53
CA ALA E 283 11.14 65.89 -5.25
C ALA E 283 11.28 67.41 -5.42
N ALA E 284 11.76 67.84 -6.58
CA ALA E 284 11.97 69.26 -6.85
C ALA E 284 10.69 69.94 -7.31
N ALA E 285 9.70 69.16 -7.72
CA ALA E 285 8.45 69.71 -8.22
C ALA E 285 7.62 70.32 -7.11
N GLN E 286 6.94 71.42 -7.40
CA GLN E 286 6.01 72.03 -6.45
C GLN E 286 4.69 71.28 -6.51
N ALA E 287 4.23 70.79 -5.36
CA ALA E 287 2.98 70.03 -5.29
C ALA E 287 1.83 70.92 -4.81
N VAL E 288 0.64 70.68 -5.35
CA VAL E 288 -0.54 71.45 -4.98
C VAL E 288 -1.72 70.53 -4.67
N ILE E 289 -2.38 70.78 -3.55
CA ILE E 289 -3.58 70.04 -3.17
C ILE E 289 -4.80 70.68 -3.81
N LYS E 290 -5.57 69.90 -4.54
CA LYS E 290 -6.73 70.43 -5.24
C LYS E 290 -7.97 69.56 -5.09
N LYS E 291 -9.13 70.17 -5.17
CA LYS E 291 -10.39 69.44 -5.23
C LYS E 291 -10.39 68.57 -6.48
N VAL E 292 -11.10 67.45 -6.43
CA VAL E 292 -10.99 66.45 -7.50
C VAL E 292 -11.60 66.96 -8.80
N GLU E 293 -12.59 67.85 -8.70
CA GLU E 293 -13.22 68.40 -9.91
C GLU E 293 -12.41 69.56 -10.48
N ASP E 294 -11.30 69.90 -9.81
CA ASP E 294 -10.53 71.07 -10.19
C ASP E 294 -9.15 70.74 -10.77
N VAL E 295 -8.96 69.50 -11.20
CA VAL E 295 -7.72 69.09 -11.87
C VAL E 295 -7.69 69.66 -13.27
N THR E 296 -6.66 70.44 -13.58
CA THR E 296 -6.56 71.09 -14.90
C THR E 296 -5.84 70.20 -15.90
N ALA E 297 -5.74 70.69 -17.14
CA ALA E 297 -5.25 69.91 -18.26
C ALA E 297 -3.77 69.50 -18.16
N ASN E 298 -2.97 70.30 -17.47
CA ASN E 298 -1.54 70.04 -17.40
C ASN E 298 -1.12 69.37 -16.10
N ASP E 299 -2.10 68.98 -15.29
CA ASP E 299 -1.81 68.39 -13.98
C ASP E 299 -1.60 66.89 -14.06
N MET E 300 -0.86 66.37 -13.08
CA MET E 300 -0.67 64.94 -12.90
C MET E 300 -1.04 64.54 -11.47
N ILE E 301 -2.08 63.73 -11.34
CA ILE E 301 -2.48 63.23 -10.04
C ILE E 301 -1.42 62.24 -9.56
N LEU E 302 -0.82 62.53 -8.40
CA LEU E 302 0.29 61.72 -7.90
C LEU E 302 0.04 61.27 -6.48
N ASP E 303 -1.09 61.68 -5.91
CA ASP E 303 -1.51 61.24 -4.57
C ASP E 303 -2.92 61.74 -4.28
N VAL E 304 -3.60 61.09 -3.34
CA VAL E 304 -4.91 61.54 -2.88
C VAL E 304 -4.71 62.63 -1.82
N GLY E 305 -5.70 63.51 -1.67
CA GLY E 305 -5.60 64.59 -0.71
C GLY E 305 -5.94 64.20 0.71
N PRO E 306 -5.77 65.14 1.66
CA PRO E 306 -6.01 64.94 3.10
C PRO E 306 -7.42 64.43 3.43
N GLU E 307 -8.42 64.95 2.73
CA GLU E 307 -9.80 64.55 2.93
C GLU E 307 -9.99 63.07 2.62
N THR E 308 -9.61 62.69 1.41
CA THR E 308 -9.77 61.33 0.92
C THR E 308 -8.97 60.37 1.79
N ALA E 309 -7.78 60.80 2.19
CA ALA E 309 -6.90 59.97 3.01
C ALA E 309 -7.56 59.64 4.35
N LYS E 310 -8.26 60.61 4.94
CA LYS E 310 -8.99 60.37 6.17
C LYS E 310 -10.16 59.42 5.90
N ALA E 311 -10.85 59.64 4.78
CA ALA E 311 -11.98 58.82 4.39
C ALA E 311 -11.58 57.36 4.16
N PHE E 312 -10.43 57.17 3.52
CA PHE E 312 -9.91 55.82 3.30
C PHE E 312 -9.57 55.15 4.62
N ALA E 313 -9.02 55.92 5.56
CA ALA E 313 -8.63 55.41 6.86
C ALA E 313 -9.84 54.90 7.65
N ASN E 314 -10.94 55.64 7.59
CA ASN E 314 -12.17 55.28 8.29
C ASN E 314 -12.73 53.94 7.81
N ILE E 315 -12.67 53.73 6.49
CA ILE E 315 -13.16 52.48 5.90
C ILE E 315 -12.37 51.30 6.44
N LEU E 316 -11.05 51.46 6.53
CA LEU E 316 -10.17 50.39 6.99
C LEU E 316 -10.33 50.11 8.48
N THR E 317 -10.46 51.17 9.28
CA THR E 317 -10.57 51.04 10.73
C THR E 317 -11.81 50.24 11.11
N THR E 318 -12.88 50.44 10.34
CA THR E 318 -14.15 49.77 10.61
C THR E 318 -14.23 48.44 9.85
N SER E 319 -13.20 48.11 9.09
CA SER E 319 -13.16 46.84 8.36
C SER E 319 -12.72 45.71 9.29
N LYS E 320 -13.11 44.48 8.93
CA LYS E 320 -12.69 43.30 9.69
C LYS E 320 -11.62 42.52 8.92
N THR E 321 -11.63 42.65 7.60
CA THR E 321 -10.64 41.99 6.77
C THR E 321 -10.11 42.93 5.69
N ILE E 322 -8.78 43.02 5.58
CA ILE E 322 -8.13 43.89 4.61
C ILE E 322 -7.13 43.12 3.75
N LEU E 323 -7.29 43.25 2.43
CA LEU E 323 -6.28 42.76 1.49
C LEU E 323 -5.59 43.99 0.90
N TRP E 324 -4.29 44.11 1.11
CA TRP E 324 -3.55 45.31 0.75
C TRP E 324 -2.57 45.06 -0.39
N ASN E 325 -2.89 45.60 -1.56
CA ASN E 325 -2.05 45.43 -2.74
C ASN E 325 -1.76 46.76 -3.43
N GLY E 326 -1.00 47.62 -2.76
CA GLY E 326 -0.54 48.85 -3.37
C GLY E 326 -0.72 50.15 -2.59
N PRO E 327 0.10 51.15 -2.92
CA PRO E 327 0.02 52.50 -2.35
C PRO E 327 -0.99 53.33 -3.11
N VAL E 328 -1.36 54.50 -2.60
CA VAL E 328 -2.32 55.37 -3.28
C VAL E 328 -1.65 56.63 -3.83
N GLY E 329 -0.33 56.62 -3.89
CA GLY E 329 0.42 57.74 -4.42
C GLY E 329 1.89 57.43 -4.59
N VAL E 330 2.64 58.37 -5.15
CA VAL E 330 4.09 58.20 -5.33
C VAL E 330 4.78 58.47 -3.99
N PHE E 331 4.71 57.50 -3.08
CA PHE E 331 5.14 57.73 -1.70
C PHE E 331 6.65 57.83 -1.52
N GLU E 332 7.42 57.45 -2.55
CA GLU E 332 8.87 57.60 -2.51
C GLU E 332 9.25 59.07 -2.31
N VAL E 333 8.39 59.96 -2.82
CA VAL E 333 8.59 61.39 -2.63
C VAL E 333 7.63 61.89 -1.55
N ASP E 334 8.18 62.49 -0.52
CA ASP E 334 7.44 62.83 0.69
C ASP E 334 6.21 63.69 0.42
N GLN E 335 6.32 64.64 -0.49
CA GLN E 335 5.21 65.55 -0.75
C GLN E 335 4.07 64.85 -1.48
N PHE E 336 4.32 63.65 -1.98
CA PHE E 336 3.26 62.86 -2.61
C PHE E 336 3.06 61.56 -1.83
N GLY E 337 3.44 61.58 -0.56
CA GLY E 337 3.40 60.38 0.27
C GLY E 337 2.47 60.40 1.46
N GLU E 338 1.80 61.53 1.70
CA GLU E 338 0.93 61.64 2.86
C GLU E 338 -0.25 60.68 2.76
N GLY E 339 -0.71 60.44 1.53
CA GLY E 339 -1.80 59.51 1.30
C GLY E 339 -1.44 58.08 1.69
N THR E 340 -0.29 57.62 1.22
CA THR E 340 0.15 56.26 1.51
C THR E 340 0.53 56.09 2.97
N LYS E 341 1.08 57.14 3.58
CA LYS E 341 1.43 57.08 4.99
C LYS E 341 0.19 56.86 5.85
N ALA E 342 -0.85 57.64 5.58
CA ALA E 342 -2.11 57.51 6.31
C ALA E 342 -2.75 56.15 6.06
N LEU E 343 -2.65 55.68 4.82
CA LEU E 343 -3.24 54.40 4.45
C LEU E 343 -2.52 53.29 5.20
N SER E 344 -1.20 53.38 5.24
CA SER E 344 -0.37 52.40 5.91
C SER E 344 -0.65 52.34 7.42
N LEU E 345 -0.74 53.51 8.05
CA LEU E 345 -0.98 53.55 9.50
C LEU E 345 -2.38 53.04 9.84
N ALA E 346 -3.33 53.25 8.94
CA ALA E 346 -4.72 52.82 9.13
C ALA E 346 -4.84 51.29 9.09
N VAL E 347 -4.14 50.65 8.16
CA VAL E 347 -4.18 49.19 8.06
C VAL E 347 -3.59 48.59 9.33
N ALA E 348 -2.49 49.18 9.79
CA ALA E 348 -1.78 48.68 10.96
C ALA E 348 -2.63 48.86 12.21
N GLN E 349 -3.20 50.05 12.35
CA GLN E 349 -3.96 50.41 13.54
C GLN E 349 -5.30 49.67 13.61
N SER E 350 -5.80 49.24 12.45
CA SER E 350 -7.10 48.58 12.37
C SER E 350 -7.09 47.23 13.07
N ASP E 351 -8.21 46.89 13.72
CA ASP E 351 -8.38 45.59 14.36
C ASP E 351 -8.55 44.48 13.33
N ALA E 352 -8.76 44.89 12.08
CA ALA E 352 -8.98 43.96 10.98
C ALA E 352 -7.82 42.98 10.80
N PHE E 353 -8.13 41.80 10.26
CA PHE E 353 -7.08 40.90 9.83
C PHE E 353 -6.56 41.41 8.50
N SER E 354 -5.27 41.73 8.44
CA SER E 354 -4.69 42.34 7.26
C SER E 354 -3.65 41.45 6.56
N ILE E 355 -3.75 41.34 5.24
CA ILE E 355 -2.74 40.65 4.44
C ILE E 355 -2.23 41.57 3.34
N ALA E 356 -0.91 41.61 3.16
CA ALA E 356 -0.30 42.48 2.16
C ALA E 356 0.55 41.69 1.18
N GLY E 357 0.63 42.17 -0.05
CA GLY E 357 1.43 41.53 -1.08
C GLY E 357 1.76 42.47 -2.22
N GLY E 358 2.88 42.21 -2.90
CA GLY E 358 3.35 43.08 -3.97
C GLY E 358 4.50 43.97 -3.51
N GLY E 359 5.47 44.18 -4.39
CA GLY E 359 6.67 44.92 -4.06
C GLY E 359 6.44 46.32 -3.51
N ASP E 360 5.57 47.08 -4.16
CA ASP E 360 5.29 48.45 -3.73
C ASP E 360 4.67 48.49 -2.34
N THR E 361 3.80 47.53 -2.06
CA THR E 361 3.14 47.45 -0.76
C THR E 361 4.15 47.18 0.35
N LEU E 362 5.03 46.22 0.11
CA LEU E 362 6.05 45.83 1.09
C LEU E 362 7.02 46.97 1.31
N ALA E 363 7.24 47.76 0.27
CA ALA E 363 8.10 48.94 0.39
C ALA E 363 7.44 49.98 1.28
N ALA E 364 6.14 50.16 1.13
CA ALA E 364 5.42 51.13 1.95
C ALA E 364 5.47 50.70 3.40
N ILE E 365 5.23 49.40 3.62
CA ILE E 365 5.29 48.81 4.95
C ILE E 365 6.60 49.14 5.63
N ASP E 366 7.71 48.90 4.95
CA ASP E 366 9.03 49.12 5.52
C ASP E 366 9.29 50.61 5.75
N LYS E 367 8.84 51.45 4.82
CA LYS E 367 9.08 52.88 4.94
C LYS E 367 8.36 53.44 6.15
N TYR E 368 7.15 52.95 6.40
CA TYR E 368 6.35 53.50 7.48
C TYR E 368 6.39 52.62 8.72
N ASN E 369 7.25 51.61 8.66
CA ASN E 369 7.57 50.78 9.82
C ASN E 369 6.31 50.23 10.52
N VAL E 370 5.50 49.48 9.78
CA VAL E 370 4.29 48.90 10.36
C VAL E 370 4.25 47.40 10.15
N ALA E 371 5.40 46.82 9.82
CA ALA E 371 5.47 45.40 9.48
C ALA E 371 4.94 44.51 10.61
N ASP E 372 5.19 44.92 11.84
CA ASP E 372 4.79 44.15 13.02
C ASP E 372 3.28 44.16 13.23
N GLN E 373 2.61 45.19 12.72
CA GLN E 373 1.17 45.35 12.95
C GLN E 373 0.33 44.82 11.79
N ILE E 374 1.00 44.29 10.77
CA ILE E 374 0.32 43.66 9.65
C ILE E 374 0.07 42.19 9.99
N GLY E 375 -1.14 41.71 9.71
CA GLY E 375 -1.49 40.33 10.00
C GLY E 375 -0.62 39.32 9.27
N TYR E 376 -0.51 39.45 7.96
CA TYR E 376 0.37 38.58 7.19
C TYR E 376 0.98 39.31 6.00
N ILE E 377 2.29 39.17 5.84
CA ILE E 377 2.99 39.80 4.75
C ILE E 377 3.44 38.74 3.74
N SER E 378 2.88 38.81 2.55
CA SER E 378 3.22 37.85 1.49
C SER E 378 4.36 38.34 0.62
N THR E 379 5.24 37.41 0.25
CA THR E 379 6.33 37.69 -0.68
C THR E 379 6.08 36.95 -1.98
N GLY E 380 4.84 36.52 -2.18
CA GLY E 380 4.49 35.64 -3.28
C GLY E 380 4.59 36.19 -4.70
N GLY E 381 4.57 37.51 -4.84
CA GLY E 381 4.65 38.13 -6.14
C GLY E 381 3.55 37.71 -7.11
N GLY E 382 3.96 37.15 -8.24
CA GLY E 382 3.02 36.72 -9.28
C GLY E 382 2.05 35.63 -8.84
N ALA E 383 2.53 34.72 -8.02
CA ALA E 383 1.69 33.65 -7.50
C ALA E 383 0.63 34.21 -6.55
N PHE E 384 1.03 35.21 -5.78
CA PHE E 384 0.12 35.88 -4.85
C PHE E 384 -1.07 36.44 -5.63
N LEU E 385 -0.79 37.11 -6.73
CA LEU E 385 -1.84 37.72 -7.54
C LEU E 385 -2.73 36.70 -8.24
N GLU E 386 -2.13 35.64 -8.77
CA GLU E 386 -2.91 34.64 -9.49
C GLU E 386 -3.88 33.95 -8.54
N PHE E 387 -3.48 33.82 -7.29
CA PHE E 387 -4.39 33.26 -6.29
C PHE E 387 -5.55 34.24 -6.05
N VAL E 388 -5.22 35.52 -5.90
CA VAL E 388 -6.24 36.54 -5.67
C VAL E 388 -7.18 36.57 -6.88
N GLU E 389 -6.63 36.31 -8.06
CA GLU E 389 -7.42 36.26 -9.28
C GLU E 389 -8.40 35.08 -9.27
N GLY E 390 -8.19 34.15 -8.34
CA GLY E 390 -9.06 33.01 -8.19
C GLY E 390 -8.70 31.82 -9.05
N LYS E 391 -7.51 31.86 -9.64
CA LYS E 391 -7.05 30.76 -10.46
C LYS E 391 -6.55 29.63 -9.57
N THR E 392 -6.45 28.44 -10.14
CA THR E 392 -5.96 27.29 -9.39
C THR E 392 -4.47 27.11 -9.63
N LEU E 393 -3.71 27.12 -8.55
CA LEU E 393 -2.27 26.99 -8.61
C LEU E 393 -1.91 25.51 -8.70
N PRO E 394 -1.29 25.09 -9.82
CA PRO E 394 -0.98 23.67 -10.09
C PRO E 394 -0.33 22.93 -8.93
N ALA E 395 0.56 23.62 -8.21
CA ALA E 395 1.30 23.01 -7.12
C ALA E 395 0.43 22.83 -5.87
N VAL E 396 -0.57 23.69 -5.72
CA VAL E 396 -1.49 23.59 -4.59
C VAL E 396 -2.49 22.46 -4.83
N ALA E 397 -3.01 22.40 -6.06
CA ALA E 397 -4.01 21.40 -6.43
C ALA E 397 -3.49 19.98 -6.29
N VAL E 398 -2.21 19.78 -6.56
CA VAL E 398 -1.61 18.45 -6.50
C VAL E 398 -1.49 17.99 -5.05
N LEU E 399 -1.25 18.94 -4.14
CA LEU E 399 -1.18 18.65 -2.71
C LEU E 399 -2.57 18.31 -2.18
N LEU E 400 -3.59 18.93 -2.77
CA LEU E 400 -4.97 18.68 -2.39
C LEU E 400 -5.36 17.26 -2.80
N GLU E 401 -4.77 16.79 -3.89
CA GLU E 401 -5.04 15.44 -4.37
C GLU E 401 -4.33 14.41 -3.51
N ARG E 402 -3.26 14.82 -2.84
CA ARG E 402 -2.47 13.90 -2.02
C ARG E 402 -2.75 14.08 -0.53
N ALA E 403 -3.90 14.63 -0.19
CA ALA E 403 -4.22 14.93 1.20
C ALA E 403 -4.46 13.67 2.02
N HIS F 7 33.23 51.20 21.61
CA HIS F 7 32.04 50.56 21.06
C HIS F 7 31.63 51.19 19.73
N HIS F 8 30.67 50.57 19.04
CA HIS F 8 30.21 51.11 17.76
C HIS F 8 28.75 51.58 17.81
N MET F 9 28.42 52.39 18.81
CA MET F 9 27.12 53.05 18.87
C MET F 9 27.30 54.54 18.65
N ASN F 10 26.82 55.02 17.50
CA ASN F 10 27.01 56.42 17.14
C ASN F 10 25.71 57.20 17.30
N PHE F 11 25.63 58.00 18.36
CA PHE F 11 24.43 58.80 18.60
C PHE F 11 24.85 60.21 18.97
N GLN F 12 23.96 61.16 18.71
CA GLN F 12 24.21 62.56 19.03
C GLN F 12 24.04 62.75 20.53
N ARG F 13 24.77 63.71 21.09
CA ARG F 13 24.75 63.94 22.52
C ARG F 13 24.36 65.38 22.83
N MET F 14 23.53 65.56 23.86
CA MET F 14 23.04 66.88 24.22
C MET F 14 24.17 67.88 24.44
N THR F 15 25.20 67.46 25.16
CA THR F 15 26.29 68.35 25.52
C THR F 15 27.15 68.79 24.33
N ASP F 16 26.98 68.12 23.18
CA ASP F 16 27.79 68.41 22.00
C ASP F 16 27.07 69.32 21.01
N LEU F 17 25.83 69.68 21.31
CA LEU F 17 25.01 70.43 20.38
C LEU F 17 24.97 71.93 20.69
N ASN F 18 24.58 72.72 19.69
CA ASN F 18 24.34 74.14 19.86
C ASN F 18 22.90 74.36 20.31
N LEU F 19 22.68 74.53 21.61
CA LEU F 19 21.33 74.72 22.13
C LEU F 19 21.05 76.16 22.55
N ALA F 20 21.90 77.09 22.13
CA ALA F 20 21.70 78.50 22.49
C ALA F 20 20.36 79.02 21.93
N GLY F 21 19.46 79.36 22.84
CA GLY F 21 18.14 79.86 22.49
C GLY F 21 17.18 78.86 21.88
N LYS F 22 17.53 77.58 21.96
CA LYS F 22 16.74 76.53 21.34
C LYS F 22 15.82 75.82 22.33
N ARG F 23 14.70 75.33 21.83
CA ARG F 23 13.72 74.61 22.64
C ARG F 23 14.11 73.15 22.82
N VAL F 24 14.43 72.79 24.06
CA VAL F 24 14.94 71.48 24.36
C VAL F 24 13.95 70.72 25.23
N LEU F 25 13.43 69.62 24.68
CA LEU F 25 12.47 68.78 25.39
C LEU F 25 13.22 67.56 25.96
N ILE F 26 13.26 67.47 27.28
CA ILE F 26 14.06 66.45 27.93
C ILE F 26 13.19 65.38 28.62
N ARG F 27 13.37 64.14 28.21
CA ARG F 27 12.69 63.03 28.87
C ARG F 27 13.52 62.54 30.06
N GLU F 28 13.03 62.79 31.27
CA GLU F 28 13.73 62.35 32.47
C GLU F 28 12.94 61.27 33.19
N ASP F 29 13.60 60.56 34.11
CA ASP F 29 12.92 59.60 34.98
C ASP F 29 12.68 60.24 36.34
N LEU F 30 11.51 60.84 36.50
CA LEU F 30 11.16 61.51 37.74
C LEU F 30 10.06 60.72 38.46
N ASN F 31 10.05 59.41 38.25
CA ASN F 31 9.06 58.53 38.84
C ASN F 31 9.43 58.20 40.28
N VAL F 32 9.27 59.18 41.15
CA VAL F 32 9.63 59.04 42.56
C VAL F 32 8.44 58.53 43.35
N PRO F 33 8.69 57.78 44.44
CA PRO F 33 7.61 57.31 45.31
C PRO F 33 6.91 58.49 45.98
N VAL F 34 5.57 58.49 45.93
CA VAL F 34 4.80 59.60 46.48
C VAL F 34 3.81 59.10 47.52
N LYS F 35 3.89 59.69 48.71
CA LYS F 35 3.06 59.27 49.83
C LYS F 35 2.32 60.46 50.42
N ASN F 36 1.00 60.50 50.20
CA ASN F 36 0.15 61.56 50.71
C ASN F 36 0.58 62.93 50.17
N GLY F 37 0.92 62.96 48.88
CA GLY F 37 1.34 64.18 48.22
C GLY F 37 2.75 64.60 48.55
N VAL F 38 3.49 63.71 49.20
CA VAL F 38 4.87 63.97 49.59
C VAL F 38 5.83 62.99 48.94
N ILE F 39 6.94 63.50 48.42
CA ILE F 39 7.98 62.67 47.82
C ILE F 39 8.75 61.95 48.94
N THR F 40 8.80 60.62 48.88
CA THR F 40 9.44 59.86 49.95
C THR F 40 10.93 59.70 49.66
N SER F 41 11.28 59.74 48.39
CA SER F 41 12.68 59.61 47.97
C SER F 41 12.94 60.42 46.71
N ASP F 42 13.92 61.31 46.79
CA ASP F 42 14.21 62.23 45.69
C ASP F 42 15.48 61.80 44.95
N ALA F 43 15.81 60.52 45.08
CA ALA F 43 17.02 59.97 44.47
C ALA F 43 17.03 60.18 42.96
N ARG F 44 15.89 59.90 42.31
CA ARG F 44 15.78 60.11 40.87
C ARG F 44 15.83 61.60 40.49
N LEU F 45 15.34 62.46 41.38
CA LEU F 45 15.37 63.89 41.13
C LEU F 45 16.79 64.46 41.21
N ARG F 46 17.51 64.10 42.27
CA ARG F 46 18.89 64.55 42.43
C ARG F 46 19.77 64.09 41.27
N ALA F 47 19.40 62.96 40.67
CA ALA F 47 20.14 62.39 39.55
C ALA F 47 19.87 63.12 38.24
N ALA F 48 18.67 63.68 38.11
CA ALA F 48 18.26 64.35 36.89
C ALA F 48 18.67 65.83 36.88
N LEU F 49 18.90 66.38 38.07
CA LEU F 49 19.26 67.79 38.21
C LEU F 49 20.44 68.25 37.34
N PRO F 50 21.56 67.49 37.33
CA PRO F 50 22.69 67.98 36.53
C PRO F 50 22.38 68.15 35.05
N THR F 51 21.53 67.29 34.49
CA THR F 51 21.14 67.40 33.09
C THR F 51 20.38 68.70 32.82
N ILE F 52 19.40 68.97 33.68
CA ILE F 52 18.57 70.16 33.55
C ILE F 52 19.41 71.42 33.71
N LYS F 53 20.29 71.42 34.72
CA LYS F 53 21.14 72.57 35.00
C LYS F 53 22.13 72.81 33.86
N ALA F 54 22.64 71.73 33.29
CA ALA F 54 23.59 71.80 32.19
C ALA F 54 22.91 72.41 30.96
N ALA F 55 21.65 72.04 30.76
CA ALA F 55 20.86 72.56 29.65
C ALA F 55 20.71 74.07 29.81
N LEU F 56 20.50 74.52 31.03
CA LEU F 56 20.37 75.95 31.31
C LEU F 56 21.70 76.68 31.07
N GLU F 57 22.80 76.04 31.43
CA GLU F 57 24.12 76.63 31.21
C GLU F 57 24.42 76.81 29.72
N LYS F 58 23.78 75.99 28.90
CA LYS F 58 23.92 76.09 27.44
C LYS F 58 22.94 77.07 26.83
N GLY F 59 22.17 77.76 27.67
CA GLY F 59 21.27 78.80 27.21
C GLY F 59 20.00 78.32 26.53
N ALA F 60 19.51 77.16 26.94
CA ALA F 60 18.35 76.57 26.29
C ALA F 60 17.03 76.91 27.00
N ALA F 61 15.93 76.83 26.26
CA ALA F 61 14.60 76.90 26.87
C ALA F 61 14.16 75.46 27.18
N VAL F 62 14.12 75.13 28.46
CA VAL F 62 14.01 73.73 28.87
C VAL F 62 12.59 73.29 29.21
N MET F 63 12.16 72.22 28.56
CA MET F 63 10.95 71.50 28.94
C MET F 63 11.33 70.11 29.39
N VAL F 64 10.92 69.75 30.60
CA VAL F 64 11.15 68.42 31.12
C VAL F 64 9.79 67.76 31.28
N PHE F 65 9.66 66.55 30.76
CA PHE F 65 8.45 65.75 31.00
C PHE F 65 8.80 64.32 31.37
N SER F 66 7.85 63.63 32.00
CA SER F 66 8.11 62.33 32.58
C SER F 66 6.84 61.53 32.85
N HIS F 67 7.02 60.26 33.19
CA HIS F 67 5.92 59.42 33.66
C HIS F 67 5.98 59.37 35.17
N LEU F 68 4.87 58.96 35.80
CA LEU F 68 4.82 58.79 37.25
C LEU F 68 3.73 57.79 37.61
N GLY F 69 4.14 56.71 38.27
CA GLY F 69 3.20 55.65 38.62
C GLY F 69 2.68 54.93 37.39
N ARG F 70 1.56 54.23 37.56
CA ARG F 70 0.94 53.50 36.46
C ARG F 70 -0.51 53.95 36.27
N PRO F 71 -0.71 55.17 35.75
CA PRO F 71 -2.06 55.72 35.61
C PRO F 71 -2.84 55.15 34.43
N VAL F 72 -4.13 55.43 34.40
CA VAL F 72 -4.98 55.05 33.28
C VAL F 72 -5.02 56.23 32.31
N GLU F 73 -4.68 55.96 31.05
CA GLU F 73 -4.65 56.99 30.03
C GLU F 73 -6.03 57.62 29.81
N GLY F 74 -6.05 58.95 29.81
CA GLY F 74 -7.29 59.69 29.62
C GLY F 74 -8.07 59.89 30.90
N GLU F 75 -7.52 59.37 32.00
CA GLU F 75 -8.17 59.46 33.30
C GLU F 75 -7.14 59.89 34.35
N PRO F 76 -6.78 61.18 34.35
CA PRO F 76 -5.77 61.71 35.27
C PRO F 76 -6.21 61.67 36.73
N LYS F 77 -5.28 61.32 37.62
CA LYS F 77 -5.55 61.31 39.05
C LYS F 77 -4.50 62.17 39.78
N PRO F 78 -4.95 62.97 40.76
CA PRO F 78 -4.11 63.89 41.52
C PRO F 78 -2.86 63.25 42.14
N GLU F 79 -2.98 62.05 42.67
CA GLU F 79 -1.85 61.39 43.33
C GLU F 79 -0.75 61.07 42.33
N GLN F 80 -1.12 60.97 41.04
CA GLN F 80 -0.15 60.70 40.00
C GLN F 80 0.30 61.96 39.28
N SER F 81 0.03 63.12 39.86
CA SER F 81 0.43 64.39 39.26
C SER F 81 1.89 64.71 39.55
N LEU F 82 2.54 65.40 38.63
CA LEU F 82 3.94 65.79 38.81
C LEU F 82 4.08 67.10 39.60
N ALA F 83 2.97 67.56 40.17
CA ALA F 83 2.96 68.82 40.92
C ALA F 83 4.01 68.90 42.05
N PRO F 84 4.15 67.83 42.88
CA PRO F 84 5.21 67.94 43.90
C PRO F 84 6.63 67.93 43.33
N VAL F 85 6.80 67.36 42.13
CA VAL F 85 8.09 67.38 41.45
C VAL F 85 8.38 68.79 40.96
N ALA F 86 7.34 69.49 40.52
CA ALA F 86 7.49 70.87 40.07
C ALA F 86 7.93 71.76 41.23
N ALA F 87 7.35 71.52 42.40
CA ALA F 87 7.71 72.26 43.61
C ALA F 87 9.16 71.97 44.00
N TYR F 88 9.56 70.72 43.88
CA TYR F 88 10.93 70.31 44.19
C TYR F 88 11.93 71.00 43.28
N LEU F 89 11.65 70.98 41.98
CA LEU F 89 12.57 71.55 41.01
C LEU F 89 12.72 73.05 41.20
N THR F 90 11.67 73.72 41.67
CA THR F 90 11.73 75.15 41.91
C THR F 90 12.77 75.47 42.98
N GLU F 91 12.67 74.80 44.12
CA GLU F 91 13.59 75.03 45.24
C GLU F 91 15.04 74.79 44.83
N ALA F 92 15.30 73.64 44.21
CA ALA F 92 16.65 73.25 43.83
C ALA F 92 17.25 74.10 42.70
N LEU F 93 16.39 74.77 41.92
CA LEU F 93 16.86 75.56 40.79
C LEU F 93 16.70 77.06 41.01
N GLY F 94 16.00 77.46 42.06
CA GLY F 94 15.86 78.86 42.41
C GLY F 94 15.01 79.69 41.46
N GLN F 95 14.23 79.00 40.63
CA GLN F 95 13.34 79.66 39.66
C GLN F 95 11.98 78.98 39.69
N GLU F 96 10.96 79.71 39.25
CA GLU F 96 9.63 79.12 39.15
C GLU F 96 9.58 78.10 38.03
N VAL F 97 9.44 76.82 38.40
CA VAL F 97 9.23 75.75 37.43
C VAL F 97 7.75 75.38 37.42
N LYS F 98 7.01 75.91 36.44
CA LYS F 98 5.55 75.74 36.38
C LYS F 98 5.11 74.38 35.84
N LEU F 99 3.98 73.90 36.34
CA LEU F 99 3.38 72.67 35.85
C LEU F 99 2.25 72.98 34.87
N PHE F 100 2.35 72.42 33.66
CA PHE F 100 1.33 72.64 32.64
C PHE F 100 0.50 71.39 32.38
N THR F 101 -0.82 71.53 32.50
CA THR F 101 -1.74 70.41 32.32
C THR F 101 -2.16 70.28 30.85
N ASP F 102 -2.21 71.40 30.14
CA ASP F 102 -2.58 71.40 28.73
C ASP F 102 -1.43 71.90 27.86
N TYR F 103 -0.65 70.97 27.31
CA TYR F 103 0.57 71.33 26.60
C TYR F 103 0.68 70.68 25.21
N LEU F 104 -0.22 69.75 24.92
CA LEU F 104 -0.15 68.99 23.67
C LEU F 104 -0.46 69.84 22.43
N ASP F 105 -0.88 71.09 22.65
CA ASP F 105 -1.17 71.98 21.54
C ASP F 105 -0.30 73.23 21.61
N GLY F 106 0.77 73.18 22.39
CA GLY F 106 1.66 74.31 22.51
C GLY F 106 2.04 74.64 23.94
N VAL F 107 3.28 75.05 24.15
CA VAL F 107 3.75 75.44 25.47
C VAL F 107 4.61 76.70 25.35
N GLU F 108 4.47 77.62 26.31
CA GLU F 108 5.24 78.85 26.32
C GLU F 108 6.39 78.79 27.33
N VAL F 109 7.62 78.82 26.82
CA VAL F 109 8.81 78.79 27.66
C VAL F 109 9.89 79.70 27.06
N GLU F 110 10.58 80.44 27.92
CA GLU F 110 11.63 81.35 27.47
C GLU F 110 13.01 80.77 27.76
N ALA F 111 14.02 81.26 27.05
CA ALA F 111 15.40 80.83 27.28
C ALA F 111 15.79 81.11 28.72
N GLY F 112 16.35 80.10 29.39
CA GLY F 112 16.77 80.26 30.77
C GLY F 112 15.67 79.87 31.74
N GLN F 113 14.53 79.46 31.21
CA GLN F 113 13.42 79.03 32.04
C GLN F 113 13.25 77.52 31.95
N VAL F 114 12.69 76.91 32.99
CA VAL F 114 12.46 75.48 32.97
C VAL F 114 10.98 75.27 33.28
N VAL F 115 10.28 74.53 32.43
CA VAL F 115 8.89 74.17 32.72
C VAL F 115 8.77 72.65 32.84
N LEU F 116 7.80 72.21 33.62
CA LEU F 116 7.54 70.78 33.80
C LEU F 116 6.17 70.42 33.21
N LEU F 117 6.18 69.53 32.22
CA LEU F 117 4.94 69.08 31.59
C LEU F 117 4.32 67.94 32.42
N GLU F 118 2.99 67.89 32.45
CA GLU F 118 2.27 66.92 33.27
C GLU F 118 2.51 65.49 32.80
N ASN F 119 2.38 64.54 33.72
CA ASN F 119 2.53 63.09 33.48
C ASN F 119 2.16 62.60 32.09
N VAL F 120 3.15 62.03 31.39
CA VAL F 120 2.95 61.55 30.02
C VAL F 120 2.03 60.32 29.99
N ARG F 121 1.88 59.63 31.11
CA ARG F 121 1.03 58.45 31.19
C ARG F 121 -0.46 58.82 31.21
N PHE F 122 -0.74 60.11 31.27
CA PHE F 122 -2.11 60.61 31.20
C PHE F 122 -2.61 60.66 29.76
N ASN F 123 -1.67 60.81 28.82
CA ASN F 123 -2.00 61.08 27.44
C ASN F 123 -2.31 59.81 26.64
N PRO F 124 -3.51 59.76 26.05
CA PRO F 124 -3.94 58.64 25.19
C PRO F 124 -2.96 58.39 24.03
N GLY F 125 -2.53 57.14 23.90
CA GLY F 125 -1.60 56.76 22.85
C GLY F 125 -0.16 56.69 23.32
N GLU F 126 0.06 57.06 24.58
CA GLU F 126 1.41 57.07 25.13
C GLU F 126 2.00 55.66 25.14
N LYS F 127 1.26 54.72 25.73
CA LYS F 127 1.71 53.35 25.86
C LYS F 127 1.87 52.66 24.50
N LYS F 128 0.97 52.98 23.58
CA LYS F 128 0.96 52.35 22.27
C LYS F 128 1.88 53.03 21.25
N ASN F 129 2.62 54.05 21.71
CA ASN F 129 3.53 54.83 20.85
C ASN F 129 2.78 55.43 19.66
N ASN F 130 1.66 56.09 19.94
CA ASN F 130 0.83 56.67 18.89
C ASN F 130 1.61 57.73 18.14
N PRO F 131 1.71 57.58 16.80
CA PRO F 131 2.42 58.52 15.93
C PRO F 131 1.91 59.96 16.04
N GLU F 132 0.60 60.12 16.20
CA GLU F 132 0.01 61.45 16.31
C GLU F 132 0.48 62.16 17.57
N LEU F 133 0.39 61.46 18.71
CA LEU F 133 0.84 62.02 19.98
C LEU F 133 2.34 62.35 19.98
N ALA F 134 3.13 61.45 19.40
CA ALA F 134 4.57 61.63 19.34
C ALA F 134 4.92 62.85 18.51
N GLN F 135 4.14 63.09 17.46
CA GLN F 135 4.34 64.24 16.61
C GLN F 135 3.97 65.54 17.34
N LYS F 136 2.94 65.47 18.19
CA LYS F 136 2.56 66.60 19.02
C LYS F 136 3.69 66.95 19.98
N TYR F 137 4.33 65.91 20.52
CA TYR F 137 5.52 66.07 21.36
C TYR F 137 6.62 66.77 20.59
N ALA F 138 6.90 66.24 19.40
CA ALA F 138 8.01 66.71 18.58
C ALA F 138 7.83 68.18 18.20
N ALA F 139 6.58 68.60 18.04
CA ALA F 139 6.27 69.96 17.62
C ALA F 139 6.59 70.99 18.71
N LEU F 140 6.77 70.53 19.94
CA LEU F 140 7.03 71.43 21.06
C LEU F 140 8.48 71.91 21.10
N CYS F 141 9.37 71.22 20.40
CA CYS F 141 10.80 71.46 20.57
C CYS F 141 11.60 71.60 19.27
N ASP F 142 12.83 72.09 19.41
CA ASP F 142 13.80 72.06 18.32
C ASP F 142 14.67 70.82 18.46
N VAL F 143 14.90 70.41 19.70
CA VAL F 143 15.72 69.23 20.01
C VAL F 143 15.04 68.38 21.07
N PHE F 144 14.93 67.09 20.81
CA PHE F 144 14.49 66.14 21.82
C PHE F 144 15.69 65.49 22.49
N VAL F 145 15.66 65.40 23.82
CA VAL F 145 16.75 64.79 24.57
C VAL F 145 16.24 63.63 25.44
N MET F 146 16.68 62.41 25.12
CA MET F 146 16.28 61.23 25.89
C MET F 146 17.28 60.97 27.02
N ASP F 147 16.82 61.17 28.26
CA ASP F 147 17.71 61.08 29.39
C ASP F 147 17.24 60.06 30.43
N ALA F 148 16.39 59.11 30.01
CA ALA F 148 15.84 58.12 30.93
C ALA F 148 16.06 56.69 30.43
N PHE F 149 17.24 56.14 30.70
CA PHE F 149 17.59 54.81 30.21
C PHE F 149 16.66 53.70 30.73
N GLY F 150 16.18 53.85 31.96
CA GLY F 150 15.35 52.84 32.59
C GLY F 150 14.04 52.55 31.88
N THR F 151 13.66 53.42 30.95
CA THR F 151 12.44 53.22 30.17
C THR F 151 12.73 53.02 28.67
N ALA F 152 14.00 52.90 28.32
CA ALA F 152 14.42 52.85 26.93
C ALA F 152 14.08 51.54 26.22
N HIS F 153 13.75 50.52 27.01
CA HIS F 153 13.48 49.19 26.45
C HIS F 153 12.02 49.04 25.99
N ARG F 154 11.20 50.03 26.31
CA ARG F 154 9.79 50.01 25.91
C ARG F 154 9.46 51.17 24.98
N ALA F 155 9.06 50.85 23.76
CA ALA F 155 8.71 51.84 22.75
C ALA F 155 7.41 52.58 23.10
N GLU F 156 7.54 53.81 23.59
CA GLU F 156 6.39 54.62 23.95
C GLU F 156 6.53 56.02 23.34
N ALA F 157 5.43 56.78 23.35
CA ALA F 157 5.39 58.05 22.63
C ALA F 157 6.45 59.05 23.09
N SER F 158 6.70 59.11 24.39
CA SER F 158 7.64 60.08 24.93
C SER F 158 9.07 59.56 24.99
N THR F 159 9.28 58.32 24.55
CA THR F 159 10.61 57.71 24.61
C THR F 159 11.17 57.26 23.25
N GLU F 160 10.30 57.03 22.28
CA GLU F 160 10.71 56.50 20.97
C GLU F 160 10.15 57.34 19.82
N GLY F 161 8.83 57.49 19.79
CA GLY F 161 8.16 58.21 18.73
C GLY F 161 8.59 59.65 18.57
N VAL F 162 8.74 60.34 19.70
CA VAL F 162 9.12 61.75 19.70
C VAL F 162 10.52 61.94 19.09
N ALA F 163 11.41 60.97 19.31
CA ALA F 163 12.75 61.05 18.75
C ALA F 163 12.71 60.86 17.24
N ARG F 164 11.72 60.10 16.77
CA ARG F 164 11.60 59.77 15.36
C ARG F 164 11.20 61.01 14.55
N PHE F 165 10.41 61.89 15.15
CA PHE F 165 9.85 63.03 14.43
C PHE F 165 10.45 64.38 14.84
N ALA F 166 11.19 64.41 15.94
CA ALA F 166 11.85 65.64 16.38
C ALA F 166 12.92 66.06 15.37
N PRO F 167 13.15 67.38 15.24
CA PRO F 167 14.17 67.89 14.31
C PRO F 167 15.56 67.34 14.61
N VAL F 168 15.94 67.37 15.88
CA VAL F 168 17.18 66.77 16.33
C VAL F 168 16.84 65.91 17.53
N ALA F 169 17.32 64.66 17.53
CA ALA F 169 17.13 63.76 18.67
C ALA F 169 18.49 63.34 19.22
N ALA F 170 18.69 63.53 20.52
CA ALA F 170 19.98 63.22 21.14
C ALA F 170 19.82 62.56 22.51
N ALA F 171 20.93 62.02 23.00
CA ALA F 171 20.96 61.41 24.32
C ALA F 171 21.43 62.42 25.37
N GLY F 172 20.77 62.41 26.52
CA GLY F 172 21.17 63.25 27.63
C GLY F 172 22.39 62.66 28.30
N PRO F 173 23.00 63.40 29.25
CA PRO F 173 24.21 62.96 29.94
C PRO F 173 24.06 61.62 30.67
N LEU F 174 22.89 61.36 31.26
CA LEU F 174 22.68 60.11 31.98
C LEU F 174 22.65 58.95 30.99
N LEU F 175 21.85 59.08 29.93
CA LEU F 175 21.75 58.02 28.94
C LEU F 175 23.08 57.77 28.24
N ALA F 176 23.77 58.85 27.87
CA ALA F 176 25.04 58.72 27.16
C ALA F 176 26.06 57.97 28.01
N ALA F 177 26.12 58.30 29.29
CA ALA F 177 27.05 57.64 30.20
C ALA F 177 26.70 56.16 30.38
N GLU F 178 25.41 55.86 30.42
CA GLU F 178 24.97 54.47 30.56
C GLU F 178 25.30 53.67 29.31
N LEU F 179 25.00 54.24 28.15
CA LEU F 179 25.26 53.57 26.88
C LEU F 179 26.75 53.35 26.61
N ASP F 180 27.58 54.35 26.92
CA ASP F 180 29.03 54.22 26.75
C ASP F 180 29.58 53.06 27.57
N ALA F 181 29.14 52.94 28.82
CA ALA F 181 29.60 51.87 29.69
C ALA F 181 29.11 50.51 29.20
N LEU F 182 27.83 50.44 28.83
CA LEU F 182 27.23 49.20 28.34
C LEU F 182 27.86 48.76 27.04
N GLY F 183 28.11 49.71 26.14
CA GLY F 183 28.77 49.41 24.89
C GLY F 183 30.18 48.90 25.14
N ARG F 184 30.89 49.58 26.04
CA ARG F 184 32.27 49.24 26.35
C ARG F 184 32.37 47.83 26.94
N ALA F 185 31.27 47.31 27.48
CA ALA F 185 31.28 45.99 28.07
C ALA F 185 30.70 44.91 27.15
N MET F 186 29.78 45.30 26.27
CA MET F 186 29.07 44.35 25.43
C MET F 186 29.59 44.23 23.99
N GLN F 187 30.32 45.23 23.52
CA GLN F 187 30.72 45.26 22.12
C GLN F 187 32.24 45.25 21.94
N THR F 188 32.78 44.07 21.61
CA THR F 188 34.21 43.83 21.51
C THR F 188 35.00 44.42 22.68
N PRO F 189 34.70 43.97 23.91
CA PRO F 189 35.35 44.54 25.09
C PRO F 189 36.81 44.13 25.20
N GLU F 190 37.55 44.78 26.09
CA GLU F 190 38.94 44.41 26.33
C GLU F 190 38.99 43.06 27.03
N LYS F 191 39.54 42.06 26.35
CA LYS F 191 39.68 40.72 26.92
C LYS F 191 40.84 40.68 27.90
N PRO F 192 40.78 39.79 28.91
CA PRO F 192 39.69 38.86 29.22
C PRO F 192 38.45 39.57 29.75
N MET F 193 37.28 39.06 29.39
CA MET F 193 36.01 39.62 29.80
C MET F 193 35.27 38.66 30.74
N VAL F 194 34.96 39.14 31.95
CA VAL F 194 34.30 38.31 32.94
C VAL F 194 32.94 38.88 33.32
N ALA F 195 31.92 38.03 33.36
CA ALA F 195 30.61 38.44 33.83
C ALA F 195 30.24 37.68 35.10
N ILE F 196 29.55 38.37 35.99
CA ILE F 196 29.04 37.76 37.21
C ILE F 196 27.52 37.83 37.14
N VAL F 197 26.87 36.67 37.07
CA VAL F 197 25.40 36.64 37.00
C VAL F 197 24.83 35.79 38.12
N ALA F 198 24.08 36.43 39.02
CA ALA F 198 23.48 35.71 40.13
C ALA F 198 22.01 36.02 40.25
N GLY F 199 21.28 35.13 40.92
CA GLY F 199 19.85 35.29 41.10
C GLY F 199 19.19 34.01 41.57
N SER F 200 17.93 34.11 41.93
CA SER F 200 17.21 32.96 42.45
C SER F 200 17.03 31.88 41.39
N LYS F 201 16.93 32.27 40.13
CA LYS F 201 16.53 31.34 39.08
C LYS F 201 17.33 31.50 37.78
N VAL F 202 17.61 30.38 37.13
CA VAL F 202 18.22 30.39 35.80
C VAL F 202 17.20 30.90 34.80
N SER F 203 15.96 30.42 34.93
CA SER F 203 14.91 30.76 33.98
C SER F 203 14.68 32.27 33.84
N THR F 204 14.67 32.99 34.96
CA THR F 204 14.42 34.42 34.95
C THR F 204 15.55 35.21 34.27
N LYS F 205 16.78 34.70 34.36
CA LYS F 205 17.91 35.35 33.71
C LYS F 205 18.50 34.50 32.61
N LEU F 206 17.66 33.69 31.98
CA LEU F 206 18.11 32.80 30.92
C LEU F 206 18.66 33.55 29.72
N ASP F 207 17.97 34.60 29.30
CA ASP F 207 18.39 35.42 28.17
C ASP F 207 19.70 36.13 28.47
N VAL F 208 19.85 36.59 29.72
CA VAL F 208 21.09 37.20 30.17
C VAL F 208 22.26 36.21 30.05
N LEU F 209 22.04 34.99 30.53
CA LEU F 209 23.10 33.98 30.49
C LEU F 209 23.50 33.59 29.08
N ASN F 210 22.51 33.30 28.23
CA ASN F 210 22.78 32.85 26.87
C ASN F 210 23.49 33.93 26.08
N SER F 211 23.11 35.18 26.31
CA SER F 211 23.73 36.31 25.63
C SER F 211 25.19 36.44 26.06
N LEU F 212 25.42 36.40 27.37
CA LEU F 212 26.77 36.54 27.91
C LEU F 212 27.62 35.31 27.65
N SER F 213 26.98 34.16 27.49
CA SER F 213 27.71 32.93 27.21
C SER F 213 28.43 33.07 25.87
N GLY F 214 27.83 33.80 24.95
CA GLY F 214 28.43 34.05 23.65
C GLY F 214 29.42 35.20 23.62
N ILE F 215 29.54 35.93 24.73
CA ILE F 215 30.36 37.13 24.75
C ILE F 215 31.54 37.02 25.72
N CYS F 216 31.29 36.57 26.95
CA CYS F 216 32.31 36.58 28.00
C CYS F 216 33.33 35.45 27.81
N ASP F 217 34.52 35.63 28.37
CA ASP F 217 35.52 34.57 28.39
C ASP F 217 35.26 33.59 29.54
N GLN F 218 34.86 34.13 30.69
CA GLN F 218 34.44 33.30 31.82
C GLN F 218 33.20 33.88 32.46
N LEU F 219 32.31 33.00 32.92
CA LEU F 219 31.04 33.40 33.49
C LEU F 219 30.88 32.88 34.92
N ILE F 220 31.08 33.79 35.88
CA ILE F 220 30.91 33.47 37.29
C ILE F 220 29.42 33.53 37.63
N VAL F 221 28.90 32.49 38.25
CA VAL F 221 27.49 32.45 38.62
C VAL F 221 27.35 32.44 40.14
N GLY F 222 26.20 32.90 40.62
CA GLY F 222 25.96 33.03 42.04
C GLY F 222 24.54 32.69 42.49
N GLY F 223 24.38 32.39 43.77
CA GLY F 223 23.07 32.11 44.33
C GLY F 223 22.39 30.91 43.73
N GLY F 224 21.07 31.02 43.53
CA GLY F 224 20.27 29.94 42.98
C GLY F 224 20.71 29.47 41.61
N ILE F 225 21.17 30.42 40.79
CA ILE F 225 21.69 30.09 39.48
C ILE F 225 22.89 29.17 39.63
N ALA F 226 23.79 29.52 40.55
CA ALA F 226 25.00 28.74 40.78
C ALA F 226 24.69 27.32 41.26
N ASN F 227 23.69 27.19 42.14
CA ASN F 227 23.33 25.89 42.66
C ASN F 227 22.81 25.01 41.53
N THR F 228 22.09 25.63 40.59
CA THR F 228 21.57 24.90 39.44
C THR F 228 22.71 24.36 38.57
N PHE F 229 23.77 25.15 38.39
CA PHE F 229 24.95 24.70 37.65
C PHE F 229 25.73 23.65 38.43
N LEU F 230 25.72 23.79 39.75
CA LEU F 230 26.41 22.85 40.62
C LEU F 230 25.74 21.48 40.52
N ALA F 231 24.41 21.47 40.51
CA ALA F 231 23.65 20.23 40.36
C ALA F 231 23.85 19.64 38.97
N ALA F 232 24.01 20.53 37.99
CA ALA F 232 24.21 20.12 36.61
C ALA F 232 25.57 19.45 36.42
N ALA F 233 26.52 19.80 37.30
CA ALA F 233 27.85 19.21 37.24
C ALA F 233 27.89 17.89 37.99
N GLY F 234 26.74 17.47 38.49
CA GLY F 234 26.60 16.18 39.15
C GLY F 234 26.77 16.17 40.66
N TYR F 235 26.80 17.36 41.26
CA TYR F 235 26.93 17.45 42.71
C TYR F 235 25.59 17.41 43.40
N ASN F 236 25.59 17.04 44.67
CA ASN F 236 24.36 17.09 45.46
C ASN F 236 24.24 18.47 46.11
N VAL F 237 23.07 19.08 46.01
CA VAL F 237 22.90 20.42 46.55
C VAL F 237 21.94 20.41 47.73
N GLY F 238 21.45 19.23 48.08
CA GLY F 238 20.56 19.07 49.21
C GLY F 238 19.28 19.87 49.08
N LYS F 239 19.00 20.72 50.06
CA LYS F 239 17.81 21.55 50.04
C LYS F 239 18.12 22.98 49.61
N SER F 240 19.23 23.15 48.88
CA SER F 240 19.59 24.48 48.38
C SER F 240 18.55 24.99 47.40
N LEU F 241 18.48 26.31 47.28
CA LEU F 241 17.68 26.94 46.25
C LEU F 241 18.27 26.64 44.87
N TYR F 242 17.47 26.03 44.01
CA TYR F 242 17.86 25.83 42.61
C TYR F 242 16.65 25.39 41.79
N GLU F 243 16.81 25.38 40.47
CA GLU F 243 15.75 24.94 39.57
C GLU F 243 16.11 23.61 38.92
N ALA F 244 15.46 22.55 39.35
CA ALA F 244 15.75 21.21 38.83
C ALA F 244 15.37 21.10 37.37
N ASP F 245 14.32 21.81 36.99
CA ASP F 245 13.79 21.73 35.62
C ASP F 245 14.62 22.54 34.63
N LEU F 246 15.64 23.24 35.11
CA LEU F 246 16.56 23.97 34.23
C LEU F 246 18.00 23.51 34.40
N VAL F 247 18.16 22.35 35.00
CA VAL F 247 19.48 21.73 35.15
C VAL F 247 20.08 21.44 33.77
N GLU F 248 19.23 20.96 32.86
CA GLU F 248 19.65 20.60 31.52
C GLU F 248 20.12 21.82 30.72
N THR F 249 19.39 22.93 30.87
CA THR F 249 19.75 24.18 30.22
C THR F 249 21.13 24.64 30.67
N ALA F 250 21.40 24.48 31.96
CA ALA F 250 22.68 24.88 32.54
C ALA F 250 23.83 24.05 31.95
N LYS F 251 23.53 22.81 31.58
CA LYS F 251 24.53 21.97 30.94
C LYS F 251 24.94 22.55 29.59
N GLN F 252 23.95 23.07 28.86
CA GLN F 252 24.22 23.68 27.55
C GLN F 252 25.02 24.96 27.69
N ILE F 253 24.76 25.74 28.74
CA ILE F 253 25.49 26.98 28.96
C ILE F 253 26.93 26.70 29.36
N ALA F 254 27.10 25.77 30.30
CA ALA F 254 28.42 25.43 30.82
C ALA F 254 29.30 24.81 29.75
N ALA F 255 28.67 24.26 28.71
CA ALA F 255 29.39 23.66 27.60
C ALA F 255 29.78 24.71 26.55
N LYS F 256 28.97 25.76 26.45
CA LYS F 256 29.21 26.80 25.46
C LYS F 256 30.23 27.82 25.95
N VAL F 257 30.29 28.02 27.26
CA VAL F 257 31.21 29.00 27.83
C VAL F 257 31.78 28.48 29.15
N SER F 258 32.98 28.94 29.48
CA SER F 258 33.64 28.54 30.72
C SER F 258 32.92 29.09 31.95
N VAL F 259 32.34 28.20 32.73
CA VAL F 259 31.66 28.57 33.97
C VAL F 259 32.44 28.04 35.16
N PRO F 260 33.27 28.90 35.77
CA PRO F 260 34.08 28.54 36.95
C PRO F 260 33.20 28.12 38.12
N LEU F 261 33.13 26.83 38.40
CA LEU F 261 32.28 26.37 39.50
C LEU F 261 33.03 26.32 40.82
N PRO F 262 32.34 26.68 41.91
CA PRO F 262 32.86 26.62 43.28
C PRO F 262 33.38 25.24 43.64
N THR F 263 34.47 25.19 44.38
CA THR F 263 35.00 23.94 44.90
C THR F 263 34.59 23.77 46.36
N ASP F 264 34.26 24.88 47.01
CA ASP F 264 33.79 24.84 48.38
C ASP F 264 32.63 25.82 48.61
N VAL F 265 31.86 25.58 49.65
CA VAL F 265 30.65 26.34 49.93
C VAL F 265 30.46 26.50 51.43
N VAL F 266 29.63 27.46 51.83
CA VAL F 266 29.21 27.58 53.21
C VAL F 266 27.78 27.05 53.30
N VAL F 267 27.53 26.11 54.20
CA VAL F 267 26.19 25.56 54.32
C VAL F 267 25.63 25.75 55.72
N ALA F 268 24.31 25.67 55.80
CA ALA F 268 23.62 25.59 57.07
C ALA F 268 22.67 24.40 57.01
N ASP F 269 22.33 23.82 58.15
CA ASP F 269 21.37 22.71 58.15
C ASP F 269 19.96 23.27 58.01
N ALA F 270 19.19 22.68 57.10
CA ALA F 270 17.88 23.18 56.73
C ALA F 270 16.88 23.20 57.89
N SER F 271 17.17 22.47 58.95
CA SER F 271 16.29 22.48 60.11
C SER F 271 16.35 23.82 60.82
N GLN F 272 17.44 24.55 60.64
CA GLN F 272 17.62 25.82 61.32
C GLN F 272 17.08 27.02 60.55
N ILE F 273 16.48 26.78 59.39
CA ILE F 273 16.02 27.87 58.55
C ILE F 273 14.49 27.98 58.55
N ASN F 274 14.01 29.14 58.99
CA ASN F 274 12.60 29.50 58.97
C ASN F 274 12.36 30.57 57.91
N PHE F 275 11.63 30.23 56.86
CA PHE F 275 11.42 31.16 55.75
C PHE F 275 10.44 32.29 56.09
N GLU F 276 9.87 32.26 57.29
CA GLU F 276 9.08 33.38 57.78
C GLU F 276 10.00 34.47 58.33
N ASP F 277 11.02 34.06 59.06
CA ASP F 277 12.06 34.96 59.52
C ASP F 277 13.39 34.53 58.90
N PHE F 278 13.51 34.77 57.59
CA PHE F 278 14.62 34.23 56.81
C PHE F 278 15.97 34.77 57.29
N LEU F 279 16.11 36.09 57.30
CA LEU F 279 17.37 36.71 57.69
C LEU F 279 17.69 36.46 59.16
N GLY F 280 16.65 36.53 59.99
CA GLY F 280 16.83 36.30 61.41
C GLY F 280 17.30 34.89 61.74
N SER F 281 16.66 33.89 61.14
CA SER F 281 17.01 32.51 61.45
C SER F 281 18.31 32.12 60.77
N LEU F 282 18.76 32.96 59.85
CA LEU F 282 19.94 32.66 59.08
C LEU F 282 21.17 33.11 59.86
N ALA F 283 21.03 34.23 60.55
CA ALA F 283 22.09 34.76 61.40
C ALA F 283 22.30 33.89 62.63
N ALA F 284 21.22 33.26 63.08
CA ALA F 284 21.26 32.41 64.26
C ALA F 284 21.73 31.00 63.91
N ALA F 285 21.73 30.68 62.61
CA ALA F 285 22.10 29.35 62.16
C ALA F 285 23.60 29.11 62.34
N GLN F 286 23.99 27.84 62.38
CA GLN F 286 25.40 27.48 62.47
C GLN F 286 25.97 27.23 61.08
N ALA F 287 27.00 27.98 60.70
CA ALA F 287 27.57 27.85 59.37
C ALA F 287 28.72 26.85 59.36
N VAL F 288 28.82 26.11 58.27
CA VAL F 288 29.89 25.14 58.08
C VAL F 288 30.45 25.29 56.67
N ILE F 289 31.77 25.36 56.56
CA ILE F 289 32.43 25.37 55.26
C ILE F 289 32.71 23.94 54.81
N LYS F 290 32.13 23.53 53.69
CA LYS F 290 32.31 22.18 53.16
C LYS F 290 32.74 22.20 51.70
N LYS F 291 33.45 21.16 51.28
CA LYS F 291 33.77 20.97 49.88
C LYS F 291 32.47 20.62 49.15
N VAL F 292 32.39 20.95 47.87
CA VAL F 292 31.15 20.80 47.10
C VAL F 292 30.71 19.34 46.98
N GLU F 293 31.64 18.41 47.07
CA GLU F 293 31.30 17.00 46.95
C GLU F 293 30.77 16.44 48.28
N ASP F 294 30.83 17.25 49.33
CA ASP F 294 30.43 16.80 50.66
C ASP F 294 29.10 17.35 51.15
N VAL F 295 28.38 18.09 50.29
CA VAL F 295 27.05 18.58 50.67
C VAL F 295 26.05 17.44 50.82
N THR F 296 25.47 17.31 52.02
CA THR F 296 24.52 16.24 52.29
C THR F 296 23.10 16.72 51.99
N ALA F 297 22.13 15.82 52.13
CA ALA F 297 20.76 16.08 51.67
C ALA F 297 20.04 17.20 52.41
N ASN F 298 20.40 17.41 53.67
CA ASN F 298 19.70 18.42 54.47
C ASN F 298 20.49 19.71 54.60
N ASP F 299 21.46 19.90 53.70
CA ASP F 299 22.27 21.12 53.71
C ASP F 299 21.63 22.21 52.86
N MET F 300 22.09 23.44 53.06
CA MET F 300 21.63 24.57 52.27
C MET F 300 22.83 25.46 51.99
N ILE F 301 23.25 25.51 50.72
CA ILE F 301 24.36 26.38 50.32
C ILE F 301 23.93 27.84 50.35
N LEU F 302 24.64 28.66 51.13
CA LEU F 302 24.24 30.06 51.32
C LEU F 302 25.37 31.04 51.02
N ASP F 303 26.52 30.52 50.62
CA ASP F 303 27.69 31.32 50.24
C ASP F 303 28.76 30.41 49.66
N VAL F 304 29.68 30.98 48.89
CA VAL F 304 30.84 30.22 48.41
C VAL F 304 31.91 30.21 49.49
N GLY F 305 32.76 29.17 49.48
CA GLY F 305 33.82 29.02 50.46
C GLY F 305 35.08 29.81 50.16
N PRO F 306 36.06 29.78 51.09
CA PRO F 306 37.32 30.54 51.01
C PRO F 306 38.11 30.29 49.73
N GLU F 307 38.30 29.03 49.36
CA GLU F 307 39.06 28.70 48.16
C GLU F 307 38.40 29.29 46.92
N THR F 308 37.10 29.14 46.83
CA THR F 308 36.33 29.63 45.69
C THR F 308 36.46 31.13 45.54
N ALA F 309 36.41 31.84 46.67
CA ALA F 309 36.53 33.29 46.66
C ALA F 309 37.87 33.74 46.10
N LYS F 310 38.95 33.08 46.52
CA LYS F 310 40.28 33.39 46.04
C LYS F 310 40.39 33.10 44.55
N ALA F 311 39.75 32.02 44.11
CA ALA F 311 39.74 31.63 42.70
C ALA F 311 38.96 32.64 41.85
N PHE F 312 37.83 33.13 42.36
CA PHE F 312 37.07 34.14 41.65
C PHE F 312 37.87 35.44 41.55
N ALA F 313 38.55 35.78 42.64
CA ALA F 313 39.34 37.00 42.71
C ALA F 313 40.48 36.99 41.70
N ASN F 314 41.13 35.83 41.54
CA ASN F 314 42.22 35.71 40.58
C ASN F 314 41.69 35.88 39.16
N ILE F 315 40.44 35.51 38.95
CA ILE F 315 39.80 35.66 37.64
C ILE F 315 39.52 37.13 37.39
N LEU F 316 38.99 37.80 38.40
CA LEU F 316 38.62 39.21 38.29
C LEU F 316 39.82 40.15 38.19
N THR F 317 40.98 39.70 38.68
CA THR F 317 42.19 40.51 38.65
C THR F 317 42.90 40.40 37.31
N THR F 318 42.81 39.23 36.69
CA THR F 318 43.43 39.00 35.39
C THR F 318 42.53 39.48 34.26
N SER F 319 41.33 39.93 34.62
CA SER F 319 40.36 40.41 33.64
C SER F 319 40.63 41.87 33.28
N LYS F 320 40.21 42.26 32.08
CA LYS F 320 40.28 43.66 31.65
C LYS F 320 38.88 44.28 31.62
N THR F 321 37.86 43.43 31.48
CA THR F 321 36.47 43.86 31.51
C THR F 321 35.67 42.99 32.48
N ILE F 322 34.88 43.64 33.34
CA ILE F 322 34.03 42.94 34.30
C ILE F 322 32.59 43.43 34.20
N LEU F 323 31.66 42.50 34.02
CA LEU F 323 30.24 42.81 34.13
C LEU F 323 29.70 42.15 35.40
N TRP F 324 29.21 42.97 36.32
CA TRP F 324 28.85 42.49 37.64
C TRP F 324 27.33 42.57 37.88
N ASN F 325 26.67 41.42 37.90
CA ASN F 325 25.22 41.39 38.10
C ASN F 325 24.82 40.35 39.17
N GLY F 326 25.17 40.62 40.43
CA GLY F 326 24.74 39.80 41.54
C GLY F 326 25.82 39.38 42.53
N PRO F 327 25.40 39.07 43.77
CA PRO F 327 26.27 38.60 44.84
C PRO F 327 26.47 37.10 44.74
N VAL F 328 27.38 36.50 45.51
CA VAL F 328 27.55 35.06 45.43
C VAL F 328 27.05 34.36 46.68
N GLY F 329 26.32 35.08 47.52
CA GLY F 329 25.76 34.52 48.74
C GLY F 329 24.82 35.48 49.45
N VAL F 330 24.19 35.03 50.53
CA VAL F 330 23.29 35.88 51.29
C VAL F 330 24.12 36.80 52.18
N PHE F 331 24.73 37.82 51.57
CA PHE F 331 25.68 38.67 52.26
C PHE F 331 25.02 39.59 53.28
N GLU F 332 23.69 39.69 53.25
CA GLU F 332 22.96 40.47 54.24
C GLU F 332 23.28 39.96 55.65
N VAL F 333 23.60 38.67 55.75
CA VAL F 333 24.05 38.07 57.00
C VAL F 333 25.55 37.86 56.91
N ASP F 334 26.28 38.44 57.86
CA ASP F 334 27.75 38.52 57.82
C ASP F 334 28.38 37.15 57.70
N GLN F 335 27.74 36.18 58.35
CA GLN F 335 28.24 34.83 58.42
C GLN F 335 28.18 34.13 57.05
N PHE F 336 27.39 34.69 56.13
CA PHE F 336 27.34 34.17 54.76
C PHE F 336 27.74 35.24 53.75
N GLY F 337 28.57 36.18 54.18
CA GLY F 337 28.94 37.31 53.34
C GLY F 337 30.40 37.40 52.93
N GLU F 338 31.22 36.46 53.39
CA GLU F 338 32.66 36.48 53.11
C GLU F 338 32.93 36.36 51.62
N GLY F 339 32.09 35.61 50.93
CA GLY F 339 32.21 35.44 49.48
C GLY F 339 31.96 36.70 48.69
N THR F 340 30.85 37.37 49.01
CA THR F 340 30.48 38.60 48.32
C THR F 340 31.44 39.73 48.66
N LYS F 341 31.95 39.72 49.89
CA LYS F 341 32.93 40.72 50.30
C LYS F 341 34.18 40.61 49.44
N ALA F 342 34.69 39.38 49.31
CA ALA F 342 35.88 39.11 48.51
C ALA F 342 35.63 39.44 47.06
N LEU F 343 34.42 39.15 46.59
CA LEU F 343 34.05 39.42 45.22
C LEU F 343 34.04 40.91 44.97
N SER F 344 33.48 41.66 45.92
CA SER F 344 33.38 43.11 45.83
C SER F 344 34.75 43.79 45.80
N LEU F 345 35.60 43.42 46.75
CA LEU F 345 36.94 43.97 46.83
C LEU F 345 37.76 43.63 45.59
N ALA F 346 37.60 42.40 45.09
CA ALA F 346 38.32 41.97 43.90
C ALA F 346 37.91 42.77 42.66
N VAL F 347 36.60 43.00 42.50
CA VAL F 347 36.11 43.80 41.38
C VAL F 347 36.66 45.22 41.53
N ALA F 348 36.65 45.71 42.77
CA ALA F 348 37.07 47.08 43.05
C ALA F 348 38.56 47.29 42.75
N GLN F 349 39.40 46.42 43.29
CA GLN F 349 40.85 46.59 43.20
C GLN F 349 41.40 46.19 41.83
N SER F 350 40.56 45.62 40.97
CA SER F 350 41.02 45.18 39.67
C SER F 350 41.21 46.35 38.70
N ASP F 351 42.24 46.25 37.85
CA ASP F 351 42.51 47.27 36.84
C ASP F 351 41.47 47.21 35.71
N ALA F 352 40.64 46.17 35.74
CA ALA F 352 39.60 45.99 34.74
C ALA F 352 38.58 47.12 34.76
N PHE F 353 37.98 47.41 33.61
CA PHE F 353 36.85 48.31 33.57
C PHE F 353 35.62 47.55 34.06
N SER F 354 35.01 48.04 35.13
CA SER F 354 33.92 47.32 35.75
C SER F 354 32.57 48.05 35.64
N ILE F 355 31.53 47.31 35.27
CA ILE F 355 30.19 47.85 35.27
C ILE F 355 29.29 46.95 36.12
N ALA F 356 28.49 47.56 36.99
CA ALA F 356 27.62 46.81 37.89
C ALA F 356 26.17 47.22 37.70
N GLY F 357 25.25 46.29 37.95
CA GLY F 357 23.83 46.56 37.81
C GLY F 357 22.98 45.58 38.57
N GLY F 358 21.78 46.01 38.95
CA GLY F 358 20.88 45.19 39.73
C GLY F 358 20.87 45.58 41.19
N GLY F 359 19.68 45.51 41.81
CA GLY F 359 19.50 45.97 43.18
C GLY F 359 20.42 45.32 44.20
N ASP F 360 20.57 44.00 44.09
CA ASP F 360 21.41 43.26 45.02
C ASP F 360 22.87 43.66 44.88
N THR F 361 23.30 43.86 43.65
CA THR F 361 24.68 44.22 43.38
C THR F 361 25.03 45.58 43.99
N LEU F 362 24.13 46.55 43.81
CA LEU F 362 24.34 47.88 44.35
C LEU F 362 24.39 47.83 45.87
N ALA F 363 23.48 47.06 46.45
CA ALA F 363 23.45 46.91 47.90
C ALA F 363 24.77 46.39 48.42
N ALA F 364 25.35 45.44 47.68
CA ALA F 364 26.64 44.88 48.05
C ALA F 364 27.72 45.94 47.94
N ILE F 365 27.65 46.75 46.90
CA ILE F 365 28.60 47.84 46.69
C ILE F 365 28.56 48.82 47.87
N ASP F 366 27.36 49.13 48.34
CA ASP F 366 27.21 50.07 49.44
C ASP F 366 27.70 49.49 50.75
N LYS F 367 27.42 48.21 50.97
CA LYS F 367 27.81 47.56 52.22
C LYS F 367 29.32 47.50 52.36
N TYR F 368 30.01 47.24 51.24
CA TYR F 368 31.45 47.07 51.29
C TYR F 368 32.18 48.34 50.83
N ASN F 369 31.42 49.40 50.58
CA ASN F 369 31.96 50.73 50.34
C ASN F 369 33.01 50.75 49.23
N VAL F 370 32.61 50.31 48.03
CA VAL F 370 33.52 50.25 46.90
C VAL F 370 32.95 51.01 45.70
N ALA F 371 31.99 51.89 45.96
CA ALA F 371 31.30 52.62 44.91
C ALA F 371 32.29 53.38 44.04
N ASP F 372 33.17 54.12 44.70
CA ASP F 372 34.13 54.98 44.01
C ASP F 372 35.15 54.19 43.19
N GLN F 373 35.21 52.88 43.40
CA GLN F 373 36.19 52.07 42.68
C GLN F 373 35.54 51.26 41.56
N ILE F 374 34.23 51.39 41.42
CA ILE F 374 33.50 50.74 40.33
C ILE F 374 33.52 51.66 39.14
N GLY F 375 33.75 51.09 37.95
CA GLY F 375 33.83 51.88 36.73
C GLY F 375 32.56 52.64 36.42
N TYR F 376 31.45 51.92 36.40
CA TYR F 376 30.13 52.53 36.19
C TYR F 376 29.06 51.77 36.96
N ILE F 377 28.23 52.50 37.69
CA ILE F 377 27.12 51.91 38.45
C ILE F 377 25.78 52.23 37.80
N SER F 378 25.13 51.19 37.27
CA SER F 378 23.84 51.37 36.61
C SER F 378 22.67 51.22 37.56
N THR F 379 21.67 52.05 37.35
CA THR F 379 20.41 51.96 38.07
C THR F 379 19.32 51.59 37.09
N GLY F 380 19.73 51.07 35.93
CA GLY F 380 18.84 50.85 34.80
C GLY F 380 17.73 49.83 34.94
N GLY F 381 17.88 48.89 35.89
CA GLY F 381 16.90 47.85 36.11
C GLY F 381 16.59 46.98 34.90
N GLY F 382 15.32 46.96 34.50
CA GLY F 382 14.88 46.14 33.38
C GLY F 382 15.50 46.47 32.03
N ALA F 383 15.75 47.76 31.80
CA ALA F 383 16.38 48.18 30.56
C ALA F 383 17.84 47.74 30.53
N PHE F 384 18.49 47.80 31.69
CA PHE F 384 19.86 47.36 31.84
C PHE F 384 20.01 45.89 31.44
N LEU F 385 19.12 45.05 31.96
CA LEU F 385 19.18 43.62 31.69
C LEU F 385 18.87 43.30 30.23
N GLU F 386 17.89 44.00 29.66
CA GLU F 386 17.48 43.74 28.28
C GLU F 386 18.60 44.11 27.30
N PHE F 387 19.42 45.11 27.66
CA PHE F 387 20.58 45.44 26.85
C PHE F 387 21.60 44.32 26.93
N VAL F 388 21.85 43.84 28.15
CA VAL F 388 22.80 42.76 28.37
C VAL F 388 22.35 41.52 27.61
N GLU F 389 21.03 41.33 27.51
CA GLU F 389 20.46 40.22 26.76
C GLU F 389 20.73 40.33 25.26
N GLY F 390 21.16 41.50 24.80
CA GLY F 390 21.46 41.70 23.40
C GLY F 390 20.24 42.14 22.59
N LYS F 391 19.16 42.45 23.30
CA LYS F 391 17.94 42.90 22.66
C LYS F 391 18.11 44.33 22.12
N THR F 392 17.18 44.73 21.26
CA THR F 392 17.19 46.07 20.70
C THR F 392 16.29 47.00 21.50
N LEU F 393 16.88 47.92 22.25
CA LEU F 393 16.09 48.90 22.99
C LEU F 393 15.59 49.96 22.02
N PRO F 394 14.27 50.12 21.93
CA PRO F 394 13.60 51.04 21.01
C PRO F 394 14.13 52.47 21.07
N ALA F 395 14.35 53.00 22.27
CA ALA F 395 14.80 54.37 22.43
C ALA F 395 16.25 54.53 21.96
N VAL F 396 17.03 53.47 22.09
CA VAL F 396 18.42 53.52 21.64
C VAL F 396 18.52 53.40 20.12
N ALA F 397 17.78 52.45 19.56
CA ALA F 397 17.84 52.18 18.12
C ALA F 397 17.41 53.39 17.28
N VAL F 398 16.44 54.15 17.77
CA VAL F 398 15.95 55.31 17.04
C VAL F 398 16.99 56.44 17.09
N LEU F 399 17.69 56.55 18.21
CA LEU F 399 18.75 57.55 18.35
C LEU F 399 19.92 57.24 17.42
N LEU F 400 20.16 55.96 17.18
CA LEU F 400 21.23 55.55 16.27
C LEU F 400 20.86 55.95 14.85
N GLU F 401 19.56 55.93 14.57
CA GLU F 401 19.06 56.27 13.25
C GLU F 401 19.01 57.78 13.04
N ARG F 402 18.87 58.54 14.12
CA ARG F 402 18.76 59.99 14.03
C ARG F 402 20.08 60.70 14.24
N ALA F 403 21.18 60.01 13.99
CA ALA F 403 22.49 60.57 14.27
C ALA F 403 23.24 60.87 12.99
#